data_4FVD
# 
_entry.id   4FVD 
# 
_audit_conform.dict_name       mmcif_pdbx.dic 
_audit_conform.dict_version    5.398 
_audit_conform.dict_location   http://mmcif.pdb.org/dictionaries/ascii/mmcif_pdbx.dic 
# 
loop_
_database_2.database_id 
_database_2.database_code 
_database_2.pdbx_database_accession 
_database_2.pdbx_DOI 
PDB   4FVD         pdb_00004fvd 10.2210/pdb4fvd/pdb 
RCSB  RCSB073402   ?            ?                   
WWPDB D_1000073402 ?            ?                   
# 
loop_
_pdbx_audit_revision_history.ordinal 
_pdbx_audit_revision_history.data_content_type 
_pdbx_audit_revision_history.major_revision 
_pdbx_audit_revision_history.minor_revision 
_pdbx_audit_revision_history.revision_date 
1 'Structure model' 1 0 2013-06-19 
2 'Structure model' 1 1 2023-11-08 
3 'Structure model' 1 2 2024-11-13 
# 
_pdbx_audit_revision_details.ordinal             1 
_pdbx_audit_revision_details.revision_ordinal    1 
_pdbx_audit_revision_details.data_content_type   'Structure model' 
_pdbx_audit_revision_details.provider            repository 
_pdbx_audit_revision_details.type                'Initial release' 
_pdbx_audit_revision_details.description         ? 
_pdbx_audit_revision_details.details             ? 
# 
loop_
_pdbx_audit_revision_group.ordinal 
_pdbx_audit_revision_group.revision_ordinal 
_pdbx_audit_revision_group.data_content_type 
_pdbx_audit_revision_group.group 
1 2 'Structure model' 'Data collection'        
2 2 'Structure model' 'Database references'    
3 2 'Structure model' 'Derived calculations'   
4 2 'Structure model' 'Refinement description' 
5 3 'Structure model' 'Structure summary'      
# 
loop_
_pdbx_audit_revision_category.ordinal 
_pdbx_audit_revision_category.revision_ordinal 
_pdbx_audit_revision_category.data_content_type 
_pdbx_audit_revision_category.category 
1  2 'Structure model' chem_comp_atom                
2  2 'Structure model' chem_comp_bond                
3  2 'Structure model' database_2                    
4  2 'Structure model' pdbx_initial_refinement_model 
5  2 'Structure model' pdbx_struct_conn_angle        
6  2 'Structure model' struct_conn                   
7  2 'Structure model' struct_ref_seq_dif            
8  2 'Structure model' struct_site                   
9  3 'Structure model' pdbx_entry_details            
10 3 'Structure model' pdbx_modification_feature     
# 
loop_
_pdbx_audit_revision_item.ordinal 
_pdbx_audit_revision_item.revision_ordinal 
_pdbx_audit_revision_item.data_content_type 
_pdbx_audit_revision_item.item 
1  2 'Structure model' '_database_2.pdbx_DOI'                        
2  2 'Structure model' '_database_2.pdbx_database_accession'         
3  2 'Structure model' '_pdbx_struct_conn_angle.ptnr1_auth_comp_id'  
4  2 'Structure model' '_pdbx_struct_conn_angle.ptnr1_auth_seq_id'   
5  2 'Structure model' '_pdbx_struct_conn_angle.ptnr1_label_atom_id' 
6  2 'Structure model' '_pdbx_struct_conn_angle.ptnr1_label_comp_id' 
7  2 'Structure model' '_pdbx_struct_conn_angle.ptnr1_label_seq_id'  
8  2 'Structure model' '_pdbx_struct_conn_angle.ptnr3_auth_comp_id'  
9  2 'Structure model' '_pdbx_struct_conn_angle.ptnr3_auth_seq_id'   
10 2 'Structure model' '_pdbx_struct_conn_angle.ptnr3_label_atom_id' 
11 2 'Structure model' '_pdbx_struct_conn_angle.ptnr3_label_comp_id' 
12 2 'Structure model' '_pdbx_struct_conn_angle.ptnr3_label_seq_id'  
13 2 'Structure model' '_pdbx_struct_conn_angle.value'               
14 2 'Structure model' '_struct_conn.pdbx_dist_value'                
15 2 'Structure model' '_struct_conn.ptnr1_auth_comp_id'             
16 2 'Structure model' '_struct_conn.ptnr1_auth_seq_id'              
17 2 'Structure model' '_struct_conn.ptnr1_label_atom_id'            
18 2 'Structure model' '_struct_conn.ptnr1_label_comp_id'            
19 2 'Structure model' '_struct_conn.ptnr1_label_seq_id'             
20 2 'Structure model' '_struct_ref_seq_dif.details'                 
21 2 'Structure model' '_struct_site.pdbx_auth_asym_id'              
22 2 'Structure model' '_struct_site.pdbx_auth_comp_id'              
23 2 'Structure model' '_struct_site.pdbx_auth_seq_id'               
# 
_pdbx_database_status.entry_id                        4FVD 
_pdbx_database_status.status_code                     REL 
_pdbx_database_status.methods_development_category    ? 
_pdbx_database_status.deposit_site                    RCSB 
_pdbx_database_status.process_site                    PDBJ 
_pdbx_database_status.recvd_initial_deposition_date   2012-06-29 
_pdbx_database_status.status_code_sf                  REL 
_pdbx_database_status.status_code_mr                  ? 
_pdbx_database_status.SG_entry                        ? 
_pdbx_database_status.status_code_cs                  ? 
_pdbx_database_status.pdb_format_compatible           Y 
_pdbx_database_status.status_code_nmr_data            ? 
# 
loop_
_pdbx_database_related.db_name 
_pdbx_database_related.db_id 
_pdbx_database_related.details 
_pdbx_database_related.content_type 
PDB 4FVB . unspecified 
PDB 4FVE . unspecified 
PDB 4FVH . unspecified 
PDB 4FVI . unspecified 
# 
loop_
_audit_author.name 
_audit_author.pdbx_ordinal 
'Cai, Q.'      1  
'Muhammad, Y.' 2  
'Liu, W.'      3  
'Gao, Z.'      4  
'Peng, X.'     5  
'Cai, Y.'      6  
'Wu, C.'       7  
'Zheng, Q.'    8  
'Li, J.'       9  
'Lin, T.'      10 
# 
_citation.id                        primary 
_citation.title                     'Conformational Plasticity of 2A Proteinase from Enterovirus 71' 
_citation.journal_abbrev            J.Virol. 
_citation.journal_volume            87 
_citation.page_first                7348 
_citation.page_last                 7356 
_citation.year                      2013 
_citation.journal_id_ASTM           JOVIAM 
_citation.country                   US 
_citation.journal_id_ISSN           0022-538X 
_citation.journal_id_CSD            0825 
_citation.book_publisher            ? 
_citation.pdbx_database_id_PubMed   23616646 
_citation.pdbx_database_id_DOI      10.1128/JVI.03541-12 
# 
loop_
_citation_author.citation_id 
_citation_author.name 
_citation_author.ordinal 
_citation_author.identifier_ORCID 
primary 'Cai, Q.'    1  ? 
primary 'Yameen, M.' 2  ? 
primary 'Liu, W.'    3  ? 
primary 'Gao, Z.'    4  ? 
primary 'Li, Y.'     5  ? 
primary 'Peng, X.'   6  ? 
primary 'Cai, Y.'    7  ? 
primary 'Wu, C.'     8  ? 
primary 'Zheng, Q.'  9  ? 
primary 'Li, J.'     10 ? 
primary 'Lin, T.'    11 ? 
# 
loop_
_entity.id 
_entity.type 
_entity.src_method 
_entity.pdbx_description 
_entity.formula_weight 
_entity.pdbx_number_of_molecules 
_entity.pdbx_ec 
_entity.pdbx_mutation 
_entity.pdbx_fragment 
_entity.details 
1 polymer     man '2A proteinase'                     16706.549 1   3.4.22.29 C110A ? ? 
2 polymer     man '10-mer peptide from 2A proteinase' 981.125   1   ?         ?     ? ? 
3 non-polymer syn 'ZINC ION'                          65.409    1   ?         ?     ? ? 
4 water       nat water                               18.015    133 ?         ?     ? ? 
# 
loop_
_entity_poly.entity_id 
_entity_poly.type 
_entity_poly.nstd_linkage 
_entity_poly.nstd_monomer 
_entity_poly.pdbx_seq_one_letter_code 
_entity_poly.pdbx_seq_one_letter_code_can 
_entity_poly.pdbx_strand_id 
_entity_poly.pdbx_target_identifier 
1 'polypeptide(L)' no no 
;GSGKFGQQSGAIYVGNFRVVNRHLATHNDWANLVWEDSSRDLLVSSTTAQGCDTIARCNCQTGVYYCNSRRKHYPVSFSK
PSLIYVEASEYYPARYQSHLMLAQGHSEPGDAGGILRCQHGVVGIVSTGGNGLVGFADVRDLLWLDEEAMEQ
;
;GSGKFGQQSGAIYVGNFRVVNRHLATHNDWANLVWEDSSRDLLVSSTTAQGCDTIARCNCQTGVYYCNSRRKHYPVSFSK
PSLIYVEASEYYPARYQSHLMLAQGHSEPGDAGGILRCQHGVVGIVSTGGNGLVGFADVRDLLWLDEEAMEQ
;
A ? 
2 'polypeptide(L)' no no GSITTLGKFG GSITTLGKFG C ? 
# 
loop_
_pdbx_entity_nonpoly.entity_id 
_pdbx_entity_nonpoly.name 
_pdbx_entity_nonpoly.comp_id 
3 'ZINC ION' ZN  
4 water      HOH 
# 
loop_
_entity_poly_seq.entity_id 
_entity_poly_seq.num 
_entity_poly_seq.mon_id 
_entity_poly_seq.hetero 
1 1   GLY n 
1 2   SER n 
1 3   GLY n 
1 4   LYS n 
1 5   PHE n 
1 6   GLY n 
1 7   GLN n 
1 8   GLN n 
1 9   SER n 
1 10  GLY n 
1 11  ALA n 
1 12  ILE n 
1 13  TYR n 
1 14  VAL n 
1 15  GLY n 
1 16  ASN n 
1 17  PHE n 
1 18  ARG n 
1 19  VAL n 
1 20  VAL n 
1 21  ASN n 
1 22  ARG n 
1 23  HIS n 
1 24  LEU n 
1 25  ALA n 
1 26  THR n 
1 27  HIS n 
1 28  ASN n 
1 29  ASP n 
1 30  TRP n 
1 31  ALA n 
1 32  ASN n 
1 33  LEU n 
1 34  VAL n 
1 35  TRP n 
1 36  GLU n 
1 37  ASP n 
1 38  SER n 
1 39  SER n 
1 40  ARG n 
1 41  ASP n 
1 42  LEU n 
1 43  LEU n 
1 44  VAL n 
1 45  SER n 
1 46  SER n 
1 47  THR n 
1 48  THR n 
1 49  ALA n 
1 50  GLN n 
1 51  GLY n 
1 52  CYS n 
1 53  ASP n 
1 54  THR n 
1 55  ILE n 
1 56  ALA n 
1 57  ARG n 
1 58  CYS n 
1 59  ASN n 
1 60  CYS n 
1 61  GLN n 
1 62  THR n 
1 63  GLY n 
1 64  VAL n 
1 65  TYR n 
1 66  TYR n 
1 67  CYS n 
1 68  ASN n 
1 69  SER n 
1 70  ARG n 
1 71  ARG n 
1 72  LYS n 
1 73  HIS n 
1 74  TYR n 
1 75  PRO n 
1 76  VAL n 
1 77  SER n 
1 78  PHE n 
1 79  SER n 
1 80  LYS n 
1 81  PRO n 
1 82  SER n 
1 83  LEU n 
1 84  ILE n 
1 85  TYR n 
1 86  VAL n 
1 87  GLU n 
1 88  ALA n 
1 89  SER n 
1 90  GLU n 
1 91  TYR n 
1 92  TYR n 
1 93  PRO n 
1 94  ALA n 
1 95  ARG n 
1 96  TYR n 
1 97  GLN n 
1 98  SER n 
1 99  HIS n 
1 100 LEU n 
1 101 MET n 
1 102 LEU n 
1 103 ALA n 
1 104 GLN n 
1 105 GLY n 
1 106 HIS n 
1 107 SER n 
1 108 GLU n 
1 109 PRO n 
1 110 GLY n 
1 111 ASP n 
1 112 ALA n 
1 113 GLY n 
1 114 GLY n 
1 115 ILE n 
1 116 LEU n 
1 117 ARG n 
1 118 CYS n 
1 119 GLN n 
1 120 HIS n 
1 121 GLY n 
1 122 VAL n 
1 123 VAL n 
1 124 GLY n 
1 125 ILE n 
1 126 VAL n 
1 127 SER n 
1 128 THR n 
1 129 GLY n 
1 130 GLY n 
1 131 ASN n 
1 132 GLY n 
1 133 LEU n 
1 134 VAL n 
1 135 GLY n 
1 136 PHE n 
1 137 ALA n 
1 138 ASP n 
1 139 VAL n 
1 140 ARG n 
1 141 ASP n 
1 142 LEU n 
1 143 LEU n 
1 144 TRP n 
1 145 LEU n 
1 146 ASP n 
1 147 GLU n 
1 148 GLU n 
1 149 ALA n 
1 150 MET n 
1 151 GLU n 
1 152 GLN n 
2 1   GLY n 
2 2   SER n 
2 3   ILE n 
2 4   THR n 
2 5   THR n 
2 6   LEU n 
2 7   GLY n 
2 8   LYS n 
2 9   PHE n 
2 10  GLY n 
# 
loop_
_entity_src_gen.entity_id 
_entity_src_gen.pdbx_src_id 
_entity_src_gen.pdbx_alt_source_flag 
_entity_src_gen.pdbx_seq_type 
_entity_src_gen.pdbx_beg_seq_num 
_entity_src_gen.pdbx_end_seq_num 
_entity_src_gen.gene_src_common_name 
_entity_src_gen.gene_src_genus 
_entity_src_gen.pdbx_gene_src_gene 
_entity_src_gen.gene_src_species 
_entity_src_gen.gene_src_strain 
_entity_src_gen.gene_src_tissue 
_entity_src_gen.gene_src_tissue_fraction 
_entity_src_gen.gene_src_details 
_entity_src_gen.pdbx_gene_src_fragment 
_entity_src_gen.pdbx_gene_src_scientific_name 
_entity_src_gen.pdbx_gene_src_ncbi_taxonomy_id 
_entity_src_gen.pdbx_gene_src_variant 
_entity_src_gen.pdbx_gene_src_cell_line 
_entity_src_gen.pdbx_gene_src_atcc 
_entity_src_gen.pdbx_gene_src_organ 
_entity_src_gen.pdbx_gene_src_organelle 
_entity_src_gen.pdbx_gene_src_cell 
_entity_src_gen.pdbx_gene_src_cellular_location 
_entity_src_gen.host_org_common_name 
_entity_src_gen.pdbx_host_org_scientific_name 
_entity_src_gen.pdbx_host_org_ncbi_taxonomy_id 
_entity_src_gen.host_org_genus 
_entity_src_gen.pdbx_host_org_gene 
_entity_src_gen.pdbx_host_org_organ 
_entity_src_gen.host_org_species 
_entity_src_gen.pdbx_host_org_tissue 
_entity_src_gen.pdbx_host_org_tissue_fraction 
_entity_src_gen.pdbx_host_org_strain 
_entity_src_gen.pdbx_host_org_variant 
_entity_src_gen.pdbx_host_org_cell_line 
_entity_src_gen.pdbx_host_org_atcc 
_entity_src_gen.pdbx_host_org_culture_collection 
_entity_src_gen.pdbx_host_org_cell 
_entity_src_gen.pdbx_host_org_organelle 
_entity_src_gen.pdbx_host_org_cellular_location 
_entity_src_gen.pdbx_host_org_vector_type 
_entity_src_gen.pdbx_host_org_vector 
_entity_src_gen.host_org_details 
_entity_src_gen.expression_system_id 
_entity_src_gen.plasmid_name 
_entity_src_gen.plasmid_details 
_entity_src_gen.pdbx_description 
1 1 sample ? ? ? ? ? polyprotein ? E2004104-TW-CDC ? ? ? ? 'Human enterovirus 71' 39054 ? ? ? ? ? ? ? ? 'Escherichia coli' 562 ? ? 
? ? ? ? 'BL21(DE3)pLysS' ? ? ? ? ? ? ? plasmid ? ? ? pGEX-4T-1 ? ? 
2 1 sample ? ? ? ? ? polyprotein ? E2004104-TW-CDC ? ? ? ? 'Human enterovirus 71' 39054 ? ? ? ? ? ? ? ? 'Escherichia coli' 562 ? ? 
? ? ? ? 'BL21(DE3)pLysS' ? ? ? ? ? ? ? plasmid ? ? ? pGEX-4T-1 ? ? 
# 
loop_
_chem_comp.id 
_chem_comp.type 
_chem_comp.mon_nstd_flag 
_chem_comp.name 
_chem_comp.pdbx_synonyms 
_chem_comp.formula 
_chem_comp.formula_weight 
ALA 'L-peptide linking' y ALANINE         ? 'C3 H7 N O2'     89.093  
ARG 'L-peptide linking' y ARGININE        ? 'C6 H15 N4 O2 1' 175.209 
ASN 'L-peptide linking' y ASPARAGINE      ? 'C4 H8 N2 O3'    132.118 
ASP 'L-peptide linking' y 'ASPARTIC ACID' ? 'C4 H7 N O4'     133.103 
CYS 'L-peptide linking' y CYSTEINE        ? 'C3 H7 N O2 S'   121.158 
GLN 'L-peptide linking' y GLUTAMINE       ? 'C5 H10 N2 O3'   146.144 
GLU 'L-peptide linking' y 'GLUTAMIC ACID' ? 'C5 H9 N O4'     147.129 
GLY 'peptide linking'   y GLYCINE         ? 'C2 H5 N O2'     75.067  
HIS 'L-peptide linking' y HISTIDINE       ? 'C6 H10 N3 O2 1' 156.162 
HOH non-polymer         . WATER           ? 'H2 O'           18.015  
ILE 'L-peptide linking' y ISOLEUCINE      ? 'C6 H13 N O2'    131.173 
LEU 'L-peptide linking' y LEUCINE         ? 'C6 H13 N O2'    131.173 
LYS 'L-peptide linking' y LYSINE          ? 'C6 H15 N2 O2 1' 147.195 
MET 'L-peptide linking' y METHIONINE      ? 'C5 H11 N O2 S'  149.211 
PHE 'L-peptide linking' y PHENYLALANINE   ? 'C9 H11 N O2'    165.189 
PRO 'L-peptide linking' y PROLINE         ? 'C5 H9 N O2'     115.130 
SER 'L-peptide linking' y SERINE          ? 'C3 H7 N O3'     105.093 
THR 'L-peptide linking' y THREONINE       ? 'C4 H9 N O3'     119.119 
TRP 'L-peptide linking' y TRYPTOPHAN      ? 'C11 H12 N2 O2'  204.225 
TYR 'L-peptide linking' y TYROSINE        ? 'C9 H11 N O3'    181.189 
VAL 'L-peptide linking' y VALINE          ? 'C5 H11 N O2'    117.146 
ZN  non-polymer         . 'ZINC ION'      ? 'Zn 2'           65.409  
# 
loop_
_pdbx_poly_seq_scheme.asym_id 
_pdbx_poly_seq_scheme.entity_id 
_pdbx_poly_seq_scheme.seq_id 
_pdbx_poly_seq_scheme.mon_id 
_pdbx_poly_seq_scheme.ndb_seq_num 
_pdbx_poly_seq_scheme.pdb_seq_num 
_pdbx_poly_seq_scheme.auth_seq_num 
_pdbx_poly_seq_scheme.pdb_mon_id 
_pdbx_poly_seq_scheme.auth_mon_id 
_pdbx_poly_seq_scheme.pdb_strand_id 
_pdbx_poly_seq_scheme.pdb_ins_code 
_pdbx_poly_seq_scheme.hetero 
A 1 1   GLY 1   -1  ?   ?   ?   A . n 
A 1 2   SER 2   0   ?   ?   ?   A . n 
A 1 3   GLY 3   1   ?   ?   ?   A . n 
A 1 4   LYS 4   2   ?   ?   ?   A . n 
A 1 5   PHE 5   3   ?   ?   ?   A . n 
A 1 6   GLY 6   4   ?   ?   ?   A . n 
A 1 7   GLN 7   5   ?   ?   ?   A . n 
A 1 8   GLN 8   6   ?   ?   ?   A . n 
A 1 9   SER 9   7   7   SER SER A . n 
A 1 10  GLY 10  8   8   GLY GLY A . n 
A 1 11  ALA 11  9   9   ALA ALA A . n 
A 1 12  ILE 12  10  10  ILE ILE A . n 
A 1 13  TYR 13  11  11  TYR TYR A . n 
A 1 14  VAL 14  12  12  VAL VAL A . n 
A 1 15  GLY 15  13  13  GLY GLY A . n 
A 1 16  ASN 16  14  14  ASN ASN A . n 
A 1 17  PHE 17  15  15  PHE PHE A . n 
A 1 18  ARG 18  16  16  ARG ARG A . n 
A 1 19  VAL 19  17  17  VAL VAL A . n 
A 1 20  VAL 20  18  18  VAL VAL A . n 
A 1 21  ASN 21  19  19  ASN ASN A . n 
A 1 22  ARG 22  20  20  ARG ARG A . n 
A 1 23  HIS 23  21  21  HIS HIS A . n 
A 1 24  LEU 24  22  22  LEU LEU A . n 
A 1 25  ALA 25  23  23  ALA ALA A . n 
A 1 26  THR 26  24  24  THR THR A . n 
A 1 27  HIS 27  25  25  HIS HIS A . n 
A 1 28  ASN 28  26  26  ASN ASN A . n 
A 1 29  ASP 29  27  27  ASP ASP A . n 
A 1 30  TRP 30  28  28  TRP TRP A . n 
A 1 31  ALA 31  29  29  ALA ALA A . n 
A 1 32  ASN 32  30  30  ASN ASN A . n 
A 1 33  LEU 33  31  31  LEU LEU A . n 
A 1 34  VAL 34  32  32  VAL VAL A . n 
A 1 35  TRP 35  33  33  TRP TRP A . n 
A 1 36  GLU 36  34  34  GLU GLU A . n 
A 1 37  ASP 37  35  35  ASP ASP A . n 
A 1 38  SER 38  36  36  SER SER A . n 
A 1 39  SER 39  37  37  SER SER A . n 
A 1 40  ARG 40  38  38  ARG ARG A . n 
A 1 41  ASP 41  39  39  ASP ASP A . n 
A 1 42  LEU 42  40  40  LEU LEU A . n 
A 1 43  LEU 43  41  41  LEU LEU A . n 
A 1 44  VAL 44  42  42  VAL VAL A . n 
A 1 45  SER 45  43  43  SER SER A . n 
A 1 46  SER 46  44  44  SER SER A . n 
A 1 47  THR 47  45  45  THR THR A . n 
A 1 48  THR 48  46  46  THR THR A . n 
A 1 49  ALA 49  47  47  ALA ALA A . n 
A 1 50  GLN 50  48  48  GLN GLN A . n 
A 1 51  GLY 51  49  49  GLY GLY A . n 
A 1 52  CYS 52  50  50  CYS CYS A . n 
A 1 53  ASP 53  51  51  ASP ASP A . n 
A 1 54  THR 54  52  52  THR THR A . n 
A 1 55  ILE 55  53  53  ILE ILE A . n 
A 1 56  ALA 56  54  54  ALA ALA A . n 
A 1 57  ARG 57  55  55  ARG ARG A . n 
A 1 58  CYS 58  56  56  CYS CYS A . n 
A 1 59  ASN 59  57  57  ASN ASN A . n 
A 1 60  CYS 60  58  58  CYS CYS A . n 
A 1 61  GLN 61  59  59  GLN GLN A . n 
A 1 62  THR 62  60  60  THR THR A . n 
A 1 63  GLY 63  61  61  GLY GLY A . n 
A 1 64  VAL 64  62  62  VAL VAL A . n 
A 1 65  TYR 65  63  63  TYR TYR A . n 
A 1 66  TYR 66  64  64  TYR TYR A . n 
A 1 67  CYS 67  65  65  CYS CYS A . n 
A 1 68  ASN 68  66  66  ASN ASN A . n 
A 1 69  SER 69  67  67  SER SER A . n 
A 1 70  ARG 70  68  68  ARG ARG A . n 
A 1 71  ARG 71  69  69  ARG ARG A . n 
A 1 72  LYS 72  70  70  LYS LYS A . n 
A 1 73  HIS 73  71  71  HIS HIS A . n 
A 1 74  TYR 74  72  72  TYR TYR A . n 
A 1 75  PRO 75  73  73  PRO PRO A . n 
A 1 76  VAL 76  74  74  VAL VAL A . n 
A 1 77  SER 77  75  75  SER SER A . n 
A 1 78  PHE 78  76  76  PHE PHE A . n 
A 1 79  SER 79  77  77  SER SER A . n 
A 1 80  LYS 80  78  78  LYS LYS A . n 
A 1 81  PRO 81  79  79  PRO PRO A . n 
A 1 82  SER 82  80  80  SER SER A . n 
A 1 83  LEU 83  81  81  LEU LEU A . n 
A 1 84  ILE 84  82  82  ILE ILE A . n 
A 1 85  TYR 85  83  83  TYR TYR A . n 
A 1 86  VAL 86  84  84  VAL VAL A . n 
A 1 87  GLU 87  85  85  GLU GLU A . n 
A 1 88  ALA 88  86  86  ALA ALA A . n 
A 1 89  SER 89  87  87  SER SER A . n 
A 1 90  GLU 90  88  88  GLU GLU A . n 
A 1 91  TYR 91  89  89  TYR TYR A . n 
A 1 92  TYR 92  90  90  TYR TYR A . n 
A 1 93  PRO 93  91  91  PRO PRO A . n 
A 1 94  ALA 94  92  92  ALA ALA A . n 
A 1 95  ARG 95  93  93  ARG ARG A . n 
A 1 96  TYR 96  94  94  TYR TYR A . n 
A 1 97  GLN 97  95  95  GLN GLN A . n 
A 1 98  SER 98  96  96  SER SER A . n 
A 1 99  HIS 99  97  97  HIS HIS A . n 
A 1 100 LEU 100 98  98  LEU LEU A . n 
A 1 101 MET 101 99  99  MET MET A . n 
A 1 102 LEU 102 100 100 LEU LEU A . n 
A 1 103 ALA 103 101 101 ALA ALA A . n 
A 1 104 GLN 104 102 102 GLN GLN A . n 
A 1 105 GLY 105 103 103 GLY GLY A . n 
A 1 106 HIS 106 104 104 HIS HIS A . n 
A 1 107 SER 107 105 105 SER SER A . n 
A 1 108 GLU 108 106 106 GLU GLU A . n 
A 1 109 PRO 109 107 107 PRO PRO A . n 
A 1 110 GLY 110 108 108 GLY GLY A . n 
A 1 111 ASP 111 109 109 ASP ASP A . n 
A 1 112 ALA 112 110 110 ALA ALA A . n 
A 1 113 GLY 113 111 111 GLY GLY A . n 
A 1 114 GLY 114 112 112 GLY GLY A . n 
A 1 115 ILE 115 113 113 ILE ILE A . n 
A 1 116 LEU 116 114 114 LEU LEU A . n 
A 1 117 ARG 117 115 115 ARG ARG A . n 
A 1 118 CYS 118 116 116 CYS CYS A . n 
A 1 119 GLN 119 117 117 GLN GLN A . n 
A 1 120 HIS 120 118 118 HIS HIS A . n 
A 1 121 GLY 121 119 119 GLY GLY A . n 
A 1 122 VAL 122 120 120 VAL VAL A . n 
A 1 123 VAL 123 121 121 VAL VAL A . n 
A 1 124 GLY 124 122 122 GLY GLY A . n 
A 1 125 ILE 125 123 123 ILE ILE A . n 
A 1 126 VAL 126 124 124 VAL VAL A . n 
A 1 127 SER 127 125 125 SER SER A . n 
A 1 128 THR 128 126 126 THR THR A . n 
A 1 129 GLY 129 127 127 GLY GLY A . n 
A 1 130 GLY 130 128 128 GLY GLY A . n 
A 1 131 ASN 131 129 129 ASN ASN A . n 
A 1 132 GLY 132 130 130 GLY GLY A . n 
A 1 133 LEU 133 131 131 LEU LEU A . n 
A 1 134 VAL 134 132 132 VAL VAL A . n 
A 1 135 GLY 135 133 133 GLY GLY A . n 
A 1 136 PHE 136 134 134 PHE PHE A . n 
A 1 137 ALA 137 135 135 ALA ALA A . n 
A 1 138 ASP 138 136 136 ASP ASP A . n 
A 1 139 VAL 139 137 137 VAL VAL A . n 
A 1 140 ARG 140 138 138 ARG ARG A . n 
A 1 141 ASP 141 139 139 ASP ASP A . n 
A 1 142 LEU 142 140 140 LEU LEU A . n 
A 1 143 LEU 143 141 141 LEU LEU A . n 
A 1 144 TRP 144 142 142 TRP TRP A . n 
A 1 145 LEU 145 143 143 LEU LEU A . n 
A 1 146 ASP 146 144 144 ASP ASP A . n 
A 1 147 GLU 147 145 ?   ?   ?   A . n 
A 1 148 GLU 148 146 ?   ?   ?   A . n 
A 1 149 ALA 149 147 ?   ?   ?   A . n 
A 1 150 MET 150 148 ?   ?   ?   A . n 
A 1 151 GLU 151 149 ?   ?   ?   A . n 
A 1 152 GLN 152 150 ?   ?   ?   A . n 
B 2 1   GLY 1   -5  ?   ?   ?   C . n 
B 2 2   SER 2   -4  ?   ?   ?   C . n 
B 2 3   ILE 3   -3  ?   ?   ?   C . n 
B 2 4   THR 4   -2  ?   ?   ?   C . n 
B 2 5   THR 5   -1  -1  THR THR C . n 
B 2 6   LEU 6   0   0   LEU LEU C . n 
B 2 7   GLY 7   1   1   GLY GLY C . n 
B 2 8   LYS 8   2   2   LYS ALA C . n 
B 2 9   PHE 9   3   ?   ?   ?   C . n 
B 2 10  GLY 10  4   ?   ?   ?   C . n 
# 
loop_
_pdbx_nonpoly_scheme.asym_id 
_pdbx_nonpoly_scheme.entity_id 
_pdbx_nonpoly_scheme.mon_id 
_pdbx_nonpoly_scheme.ndb_seq_num 
_pdbx_nonpoly_scheme.pdb_seq_num 
_pdbx_nonpoly_scheme.auth_seq_num 
_pdbx_nonpoly_scheme.pdb_mon_id 
_pdbx_nonpoly_scheme.auth_mon_id 
_pdbx_nonpoly_scheme.pdb_strand_id 
_pdbx_nonpoly_scheme.pdb_ins_code 
C 3 ZN  1   201 1   ZN  ZN  A . 
D 4 HOH 1   301 1   HOH HOH A . 
D 4 HOH 2   302 2   HOH HOH A . 
D 4 HOH 3   303 3   HOH HOH A . 
D 4 HOH 4   304 4   HOH HOH A . 
D 4 HOH 5   305 5   HOH HOH A . 
D 4 HOH 6   306 6   HOH HOH A . 
D 4 HOH 7   307 7   HOH HOH A . 
D 4 HOH 8   308 8   HOH HOH A . 
D 4 HOH 9   309 9   HOH HOH A . 
D 4 HOH 10  310 10  HOH HOH A . 
D 4 HOH 11  311 11  HOH HOH A . 
D 4 HOH 12  312 12  HOH HOH A . 
D 4 HOH 13  313 13  HOH HOH A . 
D 4 HOH 14  314 14  HOH HOH A . 
D 4 HOH 15  315 15  HOH HOH A . 
D 4 HOH 16  316 16  HOH HOH A . 
D 4 HOH 17  317 17  HOH HOH A . 
D 4 HOH 18  318 18  HOH HOH A . 
D 4 HOH 19  319 19  HOH HOH A . 
D 4 HOH 20  320 20  HOH HOH A . 
D 4 HOH 21  321 21  HOH HOH A . 
D 4 HOH 22  322 22  HOH HOH A . 
D 4 HOH 23  323 23  HOH HOH A . 
D 4 HOH 24  324 24  HOH HOH A . 
D 4 HOH 25  325 25  HOH HOH A . 
D 4 HOH 26  326 26  HOH HOH A . 
D 4 HOH 27  327 27  HOH HOH A . 
D 4 HOH 28  328 28  HOH HOH A . 
D 4 HOH 29  329 29  HOH HOH A . 
D 4 HOH 30  330 30  HOH HOH A . 
D 4 HOH 31  331 31  HOH HOH A . 
D 4 HOH 32  332 32  HOH HOH A . 
D 4 HOH 33  333 33  HOH HOH A . 
D 4 HOH 34  334 34  HOH HOH A . 
D 4 HOH 35  335 35  HOH HOH A . 
D 4 HOH 36  336 36  HOH HOH A . 
D 4 HOH 37  337 37  HOH HOH A . 
D 4 HOH 38  338 38  HOH HOH A . 
D 4 HOH 39  339 39  HOH HOH A . 
D 4 HOH 40  340 40  HOH HOH A . 
D 4 HOH 41  341 41  HOH HOH A . 
D 4 HOH 42  342 42  HOH HOH A . 
D 4 HOH 43  343 43  HOH HOH A . 
D 4 HOH 44  344 44  HOH HOH A . 
D 4 HOH 45  345 45  HOH HOH A . 
D 4 HOH 46  346 46  HOH HOH A . 
D 4 HOH 47  347 47  HOH HOH A . 
D 4 HOH 48  348 48  HOH HOH A . 
D 4 HOH 49  349 49  HOH HOH A . 
D 4 HOH 50  350 50  HOH HOH A . 
D 4 HOH 51  351 51  HOH HOH A . 
D 4 HOH 52  352 52  HOH HOH A . 
D 4 HOH 53  353 53  HOH HOH A . 
D 4 HOH 54  354 54  HOH HOH A . 
D 4 HOH 55  355 55  HOH HOH A . 
D 4 HOH 56  356 56  HOH HOH A . 
D 4 HOH 57  357 57  HOH HOH A . 
D 4 HOH 58  358 58  HOH HOH A . 
D 4 HOH 59  359 59  HOH HOH A . 
D 4 HOH 60  360 60  HOH HOH A . 
D 4 HOH 61  361 61  HOH HOH A . 
D 4 HOH 62  362 62  HOH HOH A . 
D 4 HOH 63  363 63  HOH HOH A . 
D 4 HOH 64  364 64  HOH HOH A . 
D 4 HOH 65  365 65  HOH HOH A . 
D 4 HOH 66  366 66  HOH HOH A . 
D 4 HOH 67  367 67  HOH HOH A . 
D 4 HOH 68  368 68  HOH HOH A . 
D 4 HOH 69  369 69  HOH HOH A . 
D 4 HOH 70  370 70  HOH HOH A . 
D 4 HOH 71  371 71  HOH HOH A . 
D 4 HOH 72  372 72  HOH HOH A . 
D 4 HOH 73  373 73  HOH HOH A . 
D 4 HOH 74  374 74  HOH HOH A . 
D 4 HOH 75  375 75  HOH HOH A . 
D 4 HOH 76  376 76  HOH HOH A . 
D 4 HOH 77  377 77  HOH HOH A . 
D 4 HOH 78  378 78  HOH HOH A . 
D 4 HOH 79  379 79  HOH HOH A . 
D 4 HOH 80  380 80  HOH HOH A . 
D 4 HOH 81  381 81  HOH HOH A . 
D 4 HOH 82  382 82  HOH HOH A . 
D 4 HOH 83  383 83  HOH HOH A . 
D 4 HOH 84  384 84  HOH HOH A . 
D 4 HOH 85  385 85  HOH HOH A . 
D 4 HOH 86  386 86  HOH HOH A . 
D 4 HOH 87  387 87  HOH HOH A . 
D 4 HOH 88  388 88  HOH HOH A . 
D 4 HOH 89  389 89  HOH HOH A . 
D 4 HOH 90  390 90  HOH HOH A . 
D 4 HOH 91  391 91  HOH HOH A . 
D 4 HOH 92  392 92  HOH HOH A . 
D 4 HOH 93  393 93  HOH HOH A . 
D 4 HOH 94  394 94  HOH HOH A . 
D 4 HOH 95  395 95  HOH HOH A . 
D 4 HOH 96  396 96  HOH HOH A . 
D 4 HOH 97  397 97  HOH HOH A . 
D 4 HOH 98  398 98  HOH HOH A . 
D 4 HOH 99  399 99  HOH HOH A . 
D 4 HOH 100 400 100 HOH HOH A . 
D 4 HOH 101 401 101 HOH HOH A . 
D 4 HOH 102 402 102 HOH HOH A . 
D 4 HOH 103 403 103 HOH HOH A . 
D 4 HOH 104 404 105 HOH HOH A . 
D 4 HOH 105 405 106 HOH HOH A . 
D 4 HOH 106 406 108 HOH HOH A . 
D 4 HOH 107 407 109 HOH HOH A . 
D 4 HOH 108 408 110 HOH HOH A . 
D 4 HOH 109 409 111 HOH HOH A . 
D 4 HOH 110 410 112 HOH HOH A . 
D 4 HOH 111 411 113 HOH HOH A . 
D 4 HOH 112 412 114 HOH HOH A . 
D 4 HOH 113 413 115 HOH HOH A . 
D 4 HOH 114 414 116 HOH HOH A . 
D 4 HOH 115 415 117 HOH HOH A . 
D 4 HOH 116 416 118 HOH HOH A . 
D 4 HOH 117 417 119 HOH HOH A . 
D 4 HOH 118 418 120 HOH HOH A . 
D 4 HOH 119 419 121 HOH HOH A . 
D 4 HOH 120 420 122 HOH HOH A . 
D 4 HOH 121 421 123 HOH HOH A . 
D 4 HOH 122 422 124 HOH HOH A . 
D 4 HOH 123 423 125 HOH HOH A . 
D 4 HOH 124 424 126 HOH HOH A . 
D 4 HOH 125 425 127 HOH HOH A . 
D 4 HOH 126 426 128 HOH HOH A . 
D 4 HOH 127 427 129 HOH HOH A . 
D 4 HOH 128 428 130 HOH HOH A . 
D 4 HOH 129 429 131 HOH HOH A . 
D 4 HOH 130 430 132 HOH HOH A . 
D 4 HOH 131 431 133 HOH HOH A . 
E 4 HOH 1   101 104 HOH HOH C . 
E 4 HOH 2   102 107 HOH HOH C . 
# 
loop_
_pdbx_unobs_or_zero_occ_atoms.id 
_pdbx_unobs_or_zero_occ_atoms.PDB_model_num 
_pdbx_unobs_or_zero_occ_atoms.polymer_flag 
_pdbx_unobs_or_zero_occ_atoms.occupancy_flag 
_pdbx_unobs_or_zero_occ_atoms.auth_asym_id 
_pdbx_unobs_or_zero_occ_atoms.auth_comp_id 
_pdbx_unobs_or_zero_occ_atoms.auth_seq_id 
_pdbx_unobs_or_zero_occ_atoms.PDB_ins_code 
_pdbx_unobs_or_zero_occ_atoms.auth_atom_id 
_pdbx_unobs_or_zero_occ_atoms.label_alt_id 
_pdbx_unobs_or_zero_occ_atoms.label_asym_id 
_pdbx_unobs_or_zero_occ_atoms.label_comp_id 
_pdbx_unobs_or_zero_occ_atoms.label_seq_id 
_pdbx_unobs_or_zero_occ_atoms.label_atom_id 
1 1 Y 1 C LYS 2 ? CG ? B LYS 8 CG 
2 1 Y 1 C LYS 2 ? CD ? B LYS 8 CD 
3 1 Y 1 C LYS 2 ? CE ? B LYS 8 CE 
4 1 Y 1 C LYS 2 ? NZ ? B LYS 8 NZ 
# 
loop_
_software.pdbx_ordinal 
_software.name 
_software.version 
_software.date 
_software.type 
_software.contact_author 
_software.contact_author_email 
_software.classification 
_software.location 
_software.language 
_software.citation_id 
1 PHASER      .        ?                program 'Randy J. Read'      cimr-phaser@lists.cam.ac.uk phasing           
http://www-structmed.cimr.cam.ac.uk/phaser/  ?          ? 
2 REFMAC      5.5.0109 ?                program 'Garib N. Murshudov' garib@ysbl.york.ac.uk       refinement        
http://www.ccp4.ac.uk/dist/html/refmac5.html Fortran_77 ? 
3 PDB_EXTRACT 3.11     'August 3, 2011' package PDB                  deposit@deposit.rcsb.org    'data extraction' 
http://sw-tools.pdb.org/apps/PDB_EXTRACT/    C++        ? 
4 MAR345dtb   .        ?                ?       ?                    ?                           'data collection' ? ?          ? 
5 AUTOMAR     .        ?                ?       ?                    ?                           'data reduction'  ? ?          ? 
# 
_cell.length_a           86.566 
_cell.length_b           43.991 
_cell.length_c           51.764 
_cell.angle_alpha        90.000 
_cell.angle_beta         112.210 
_cell.angle_gamma        90.000 
_cell.entry_id           4FVD 
_cell.pdbx_unique_axis   ? 
_cell.Z_PDB              4 
_cell.length_a_esd       ? 
_cell.length_b_esd       ? 
_cell.length_c_esd       ? 
_cell.angle_alpha_esd    ? 
_cell.angle_beta_esd     ? 
_cell.angle_gamma_esd    ? 
# 
_symmetry.space_group_name_H-M             'C 1 2 1' 
_symmetry.entry_id                         4FVD 
_symmetry.pdbx_full_space_group_name_H-M   ? 
_symmetry.Int_Tables_number                5 
_symmetry.cell_setting                     ? 
_symmetry.space_group_name_Hall            ? 
# 
_exptl.crystals_number   1 
_exptl.entry_id          4FVD 
_exptl.method            'X-RAY DIFFRACTION' 
# 
_exptl_crystal.id                    1 
_exptl_crystal.pdbx_mosaicity        ? 
_exptl_crystal.pdbx_mosaicity_esd    ? 
_exptl_crystal.density_Matthews      2.58 
_exptl_crystal.density_diffrn        ? 
_exptl_crystal.density_meas          ? 
_exptl_crystal.density_meas_temp     ? 
_exptl_crystal.density_percent_sol   52.32 
_exptl_crystal.size_max              ? 
_exptl_crystal.size_mid              ? 
_exptl_crystal.size_min              ? 
_exptl_crystal.size_rad              ? 
_exptl_crystal.description           ? 
_exptl_crystal.F_000                 ? 
_exptl_crystal.preparation           ? 
# 
_exptl_crystal_grow.crystal_id      1 
_exptl_crystal_grow.method          'VAPOR DIFFUSION, HANGING DROP' 
_exptl_crystal_grow.pH              7.5 
_exptl_crystal_grow.temp            289 
_exptl_crystal_grow.pdbx_details    
'100mM HEPES, 20% 2-propanol, 10% PEG 4000, pH 7.5, vapor diffusion, hanging drop, temperature 289K' 
_exptl_crystal_grow.temp_details    ? 
_exptl_crystal_grow.pdbx_pH_range   . 
# 
_diffrn.id                     1 
_diffrn.ambient_temp           100 
_diffrn.ambient_temp_details   ? 
_diffrn.crystal_id             1 
# 
_diffrn_detector.diffrn_id              1 
_diffrn_detector.detector               'IMAGE PLATE' 
_diffrn_detector.type                   'MAR scanner 345 mm plate' 
_diffrn_detector.pdbx_collection_date   2010-05-27 
_diffrn_detector.details                ? 
# 
_diffrn_radiation.diffrn_id                        1 
_diffrn_radiation.pdbx_diffrn_protocol             'SINGLE WAVELENGTH' 
_diffrn_radiation.monochromator                    ? 
_diffrn_radiation.wavelength_id                    1 
_diffrn_radiation.pdbx_monochromatic_or_laue_m_l   M 
_diffrn_radiation.pdbx_scattering_type             x-ray 
# 
_diffrn_radiation_wavelength.id           1 
_diffrn_radiation_wavelength.wavelength   1.5418 
_diffrn_radiation_wavelength.wt           1.0 
# 
_diffrn_source.diffrn_id                   1 
_diffrn_source.source                      'ROTATING ANODE' 
_diffrn_source.type                        'RIGAKU MICROMAX-007 HF' 
_diffrn_source.pdbx_wavelength_list        1.5418 
_diffrn_source.pdbx_wavelength             ? 
_diffrn_source.pdbx_synchrotron_site       ? 
_diffrn_source.pdbx_synchrotron_beamline   ? 
# 
_reflns.entry_id                     4FVD 
_reflns.observed_criterion_sigma_F   0 
_reflns.observed_criterion_sigma_I   0 
_reflns.d_resolution_high            1.66 
_reflns.d_resolution_low             50 
_reflns.number_all                   21456 
_reflns.number_obs                   20028 
_reflns.percent_possible_obs         93.3 
_reflns.pdbx_Rmerge_I_obs            0.0386 
_reflns.pdbx_Rsym_value              ? 
_reflns.pdbx_netI_over_sigmaI        11.5 
_reflns.B_iso_Wilson_estimate        ? 
_reflns.pdbx_redundancy              3.66 
_reflns.R_free_details               ? 
_reflns.limit_h_max                  ? 
_reflns.limit_h_min                  ? 
_reflns.limit_k_max                  ? 
_reflns.limit_k_min                  ? 
_reflns.limit_l_max                  ? 
_reflns.limit_l_min                  ? 
_reflns.observed_criterion_F_max     ? 
_reflns.observed_criterion_F_min     ? 
_reflns.pdbx_chi_squared             ? 
_reflns.pdbx_scaling_rejects         ? 
_reflns.pdbx_ordinal                 1 
_reflns.pdbx_diffrn_id               1 
# 
_reflns_shell.d_res_high                  1.66 
_reflns_shell.d_res_low                   1.72 
_reflns_shell.percent_possible_obs        ? 
_reflns_shell.percent_possible_all        78.3 
_reflns_shell.Rmerge_I_obs                0.4443 
_reflns_shell.meanI_over_sigI_obs         1.2 
_reflns_shell.pdbx_Rsym_value             ? 
_reflns_shell.pdbx_redundancy             3.29 
_reflns_shell.number_unique_all           ? 
_reflns_shell.number_measured_all         ? 
_reflns_shell.number_measured_obs         ? 
_reflns_shell.number_unique_obs           ? 
_reflns_shell.pdbx_chi_squared            ? 
_reflns_shell.pdbx_rejects                ? 
_reflns_shell.pdbx_netI_over_sigmaI_obs   ? 
_reflns_shell.number_possible             ? 
_reflns_shell.Rmerge_F_all                ? 
_reflns_shell.Rmerge_F_obs                ? 
_reflns_shell.Rmerge_I_all                ? 
_reflns_shell.meanI_over_sigI_all         ? 
_reflns_shell.pdbx_Rrim_I_all             ? 
_reflns_shell.pdbx_Rpim_I_all             ? 
_reflns_shell.pdbx_ordinal                1 
_reflns_shell.pdbx_diffrn_id              1 
# 
_refine.entry_id                                 4FVD 
_refine.ls_d_res_high                            1.6600 
_refine.ls_d_res_low                             40.0700 
_refine.pdbx_ls_sigma_F                          0.000 
_refine.pdbx_data_cutoff_high_absF               ? 
_refine.pdbx_data_cutoff_low_absF                ? 
_refine.ls_percent_reflns_obs                    93.3500 
_refine.ls_number_reflns_obs                     20028 
_refine.ls_number_reflns_all                     21456 
_refine.pdbx_ls_cross_valid_method               THROUGHOUT 
_refine.pdbx_R_Free_selection_details            RANDOM 
_refine.details                                  'HYDROGENS HAVE BEEN ADDED IN THE RIDING POSITIONS U VALUES: REFINED INDIVIDUALLY' 
_refine.ls_R_factor_all                          0.1914 
_refine.ls_R_factor_obs                          0.1914 
_refine.ls_R_factor_R_work                       0.1895 
_refine.ls_wR_factor_R_work                      ? 
_refine.ls_R_factor_R_free                       0.2263 
_refine.ls_wR_factor_R_free                      ? 
_refine.ls_percent_reflns_R_free                 5.2000 
_refine.ls_number_reflns_R_free                  1032 
_refine.ls_R_factor_R_free_error                 ? 
_refine.B_iso_mean                               27.4618 
_refine.solvent_model_param_bsol                 ? 
_refine.solvent_model_param_ksol                 ? 
_refine.pdbx_isotropic_thermal_model             ? 
_refine.aniso_B[1][1]                            -0.0100 
_refine.aniso_B[2][2]                            0.0000 
_refine.aniso_B[3][3]                            0.0000 
_refine.aniso_B[1][2]                            0.0000 
_refine.aniso_B[1][3]                            0.0000 
_refine.aniso_B[2][3]                            0.0000 
_refine.correlation_coeff_Fo_to_Fc               0.9640 
_refine.correlation_coeff_Fo_to_Fc_free          0.9480 
_refine.overall_SU_R_Cruickshank_DPI             ? 
_refine.overall_SU_R_free                        ? 
_refine.pdbx_overall_ESU_R                       0.0970 
_refine.pdbx_overall_ESU_R_Free                  0.1000 
_refine.overall_SU_ML                            0.0670 
_refine.overall_SU_B                             1.9930 
_refine.solvent_model_details                    MASK 
_refine.pdbx_solvent_vdw_probe_radii             1.4000 
_refine.pdbx_solvent_ion_probe_radii             0.8000 
_refine.pdbx_solvent_shrinkage_radii             0.8000 
_refine.ls_number_parameters                     ? 
_refine.ls_number_restraints                     ? 
_refine.pdbx_starting_model                      4FVB 
_refine.pdbx_method_to_determine_struct          'MOLECULAR REPLACEMENT' 
_refine.pdbx_stereochemistry_target_values       'MAXIMUM LIKELIHOOD' 
_refine.pdbx_stereochem_target_val_spec_case     ? 
_refine.overall_FOM_work_R_set                   ? 
_refine.B_iso_max                                67.210 
_refine.B_iso_min                                11.720 
_refine.pdbx_overall_phase_error                 ? 
_refine.occupancy_max                            1.000 
_refine.occupancy_min                            0.500 
_refine.pdbx_ls_sigma_I                          ? 
_refine.ls_redundancy_reflns_obs                 ? 
_refine.ls_R_factor_R_free_error_details         ? 
_refine.pdbx_data_cutoff_high_rms_absF           ? 
_refine.overall_FOM_free_R_set                   ? 
_refine.pdbx_diffrn_id                           1 
_refine.pdbx_refine_id                           'X-RAY DIFFRACTION' 
_refine.pdbx_TLS_residual_ADP_flag               ? 
_refine.pdbx_overall_SU_R_free_Cruickshank_DPI   ? 
_refine.pdbx_overall_SU_R_Blow_DPI               ? 
_refine.pdbx_overall_SU_R_free_Blow_DPI          ? 
# 
_refine_hist.pdbx_refine_id                   'X-RAY DIFFRACTION' 
_refine_hist.cycle_id                         LAST 
_refine_hist.pdbx_number_atoms_protein        1092 
_refine_hist.pdbx_number_atoms_nucleic_acid   0 
_refine_hist.pdbx_number_atoms_ligand         1 
_refine_hist.number_atoms_solvent             133 
_refine_hist.number_atoms_total               1226 
_refine_hist.d_res_high                       1.6600 
_refine_hist.d_res_low                        40.0700 
# 
loop_
_refine_ls_restr.type 
_refine_ls_restr.number 
_refine_ls_restr.dev_ideal 
_refine_ls_restr.dev_ideal_target 
_refine_ls_restr.weight 
_refine_ls_restr.pdbx_restraint_function 
_refine_ls_restr.pdbx_refine_id 
r_bond_refined_d       1124 0.028  0.021  ? ? 'X-RAY DIFFRACTION' 
r_angle_refined_deg    1530 2.099  1.925  ? ? 'X-RAY DIFFRACTION' 
r_dihedral_angle_1_deg 142  6.509  5.000  ? ? 'X-RAY DIFFRACTION' 
r_dihedral_angle_2_deg 54   35.439 22.963 ? ? 'X-RAY DIFFRACTION' 
r_dihedral_angle_3_deg 166  15.010 15.000 ? ? 'X-RAY DIFFRACTION' 
r_dihedral_angle_4_deg 9    14.119 15.000 ? ? 'X-RAY DIFFRACTION' 
r_chiral_restr         166  0.155  0.200  ? ? 'X-RAY DIFFRACTION' 
r_gen_planes_refined   880  0.012  0.021  ? ? 'X-RAY DIFFRACTION' 
r_mcbond_it            701  1.520  1.500  ? ? 'X-RAY DIFFRACTION' 
r_mcangle_it           1119 2.567  2.000  ? ? 'X-RAY DIFFRACTION' 
r_scbond_it            423  3.657  3.000  ? ? 'X-RAY DIFFRACTION' 
r_scangle_it           410  5.276  4.500  ? ? 'X-RAY DIFFRACTION' 
# 
_refine_ls_shell.d_res_high                       1.6610 
_refine_ls_shell.d_res_low                        1.7040 
_refine_ls_shell.pdbx_total_number_of_bins_used   20 
_refine_ls_shell.percent_reflns_obs               83.7900 
_refine_ls_shell.number_reflns_R_work             1249 
_refine_ls_shell.R_factor_all                     ? 
_refine_ls_shell.R_factor_R_work                  0.4020 
_refine_ls_shell.R_factor_R_free                  0.3650 
_refine_ls_shell.percent_reflns_R_free            ? 
_refine_ls_shell.number_reflns_R_free             69 
_refine_ls_shell.R_factor_R_free_error            ? 
_refine_ls_shell.number_reflns_all                1318 
_refine_ls_shell.number_reflns_obs                ? 
_refine_ls_shell.pdbx_refine_id                   'X-RAY DIFFRACTION' 
_refine_ls_shell.redundancy_reflns_obs            ? 
# 
_struct.entry_id                  4FVD 
_struct.title                     'Crystal structure of EV71 2A proteinase C110A mutant in complex with substrate' 
_struct.pdbx_model_details        ? 
_struct.pdbx_CASP_flag            ? 
_struct.pdbx_model_type_details   ? 
# 
_struct_keywords.entry_id        4FVD 
_struct_keywords.text            'HYDROLASE, CYSTEINE PROTEINASE, HYDROLASE-HYDROLASE SUBSTRATE complex' 
_struct_keywords.pdbx_keywords   'HYDROLASE/HYDROLASE SUBSTRATE' 
# 
loop_
_struct_asym.id 
_struct_asym.pdbx_blank_PDB_chainid_flag 
_struct_asym.pdbx_modified 
_struct_asym.entity_id 
_struct_asym.details 
A N N 1 ? 
B N N 2 ? 
C N N 3 ? 
D N N 4 ? 
E N N 4 ? 
# 
loop_
_struct_ref.id 
_struct_ref.db_name 
_struct_ref.db_code 
_struct_ref.pdbx_db_accession 
_struct_ref.entity_id 
_struct_ref.pdbx_seq_one_letter_code 
_struct_ref.pdbx_align_begin 
_struct_ref.pdbx_db_isoform 
1 UNP A9XG43_9ENTO A9XG43 1 
;GKFGQQSGAIYVGNFRVVNRHLATHNDWANLVWEDSSRDLLVSSTTAQGCDTIARCNCQTGVYYCNSRRKHYPVSFSKPS
LIYVEASEYYPARYQSHLMLAQGHSEPGDCGGILRCQHGVVGIVSTGGNGLVGFADVRDLLWLDEEAMEQ
;
863 ? 
2 UNP A9XG43_9ENTO A9XG43 2 ITTLGKFG 859 ? 
# 
loop_
_struct_ref_seq.align_id 
_struct_ref_seq.ref_id 
_struct_ref_seq.pdbx_PDB_id_code 
_struct_ref_seq.pdbx_strand_id 
_struct_ref_seq.seq_align_beg 
_struct_ref_seq.pdbx_seq_align_beg_ins_code 
_struct_ref_seq.seq_align_end 
_struct_ref_seq.pdbx_seq_align_end_ins_code 
_struct_ref_seq.pdbx_db_accession 
_struct_ref_seq.db_align_beg 
_struct_ref_seq.pdbx_db_align_beg_ins_code 
_struct_ref_seq.db_align_end 
_struct_ref_seq.pdbx_db_align_end_ins_code 
_struct_ref_seq.pdbx_auth_seq_align_beg 
_struct_ref_seq.pdbx_auth_seq_align_end 
1 1 4FVD A 3 ? 152 ? A9XG43 863 ? 1012 ? 1  150 
2 2 4FVD C 3 ? 10  ? A9XG43 859 ? 866  ? -3 4   
# 
loop_
_struct_ref_seq_dif.align_id 
_struct_ref_seq_dif.pdbx_pdb_id_code 
_struct_ref_seq_dif.mon_id 
_struct_ref_seq_dif.pdbx_pdb_strand_id 
_struct_ref_seq_dif.seq_num 
_struct_ref_seq_dif.pdbx_pdb_ins_code 
_struct_ref_seq_dif.pdbx_seq_db_name 
_struct_ref_seq_dif.pdbx_seq_db_accession_code 
_struct_ref_seq_dif.db_mon_id 
_struct_ref_seq_dif.pdbx_seq_db_seq_num 
_struct_ref_seq_dif.details 
_struct_ref_seq_dif.pdbx_auth_seq_num 
_struct_ref_seq_dif.pdbx_ordinal 
1 4FVD GLY A 1   ? UNP A9XG43 ?   ?   'expression tag'      -1  1 
1 4FVD SER A 2   ? UNP A9XG43 ?   ?   'expression tag'      0   2 
1 4FVD ALA A 112 ? UNP A9XG43 CYS 972 'engineered mutation' 110 3 
2 4FVD GLY C 1   ? UNP A9XG43 ?   ?   'expression tag'      -5  4 
2 4FVD SER C 2   ? UNP A9XG43 ?   ?   'expression tag'      -4  5 
# 
_pdbx_struct_assembly.id                   1 
_pdbx_struct_assembly.details              author_defined_assembly 
_pdbx_struct_assembly.method_details       ? 
_pdbx_struct_assembly.oligomeric_details   tetrameric 
_pdbx_struct_assembly.oligomeric_count     4 
# 
_pdbx_struct_assembly_gen.assembly_id       1 
_pdbx_struct_assembly_gen.oper_expression   1,2 
_pdbx_struct_assembly_gen.asym_id_list      A,B,C,D,E 
# 
loop_
_pdbx_struct_oper_list.id 
_pdbx_struct_oper_list.type 
_pdbx_struct_oper_list.name 
_pdbx_struct_oper_list.symmetry_operation 
_pdbx_struct_oper_list.matrix[1][1] 
_pdbx_struct_oper_list.matrix[1][2] 
_pdbx_struct_oper_list.matrix[1][3] 
_pdbx_struct_oper_list.vector[1] 
_pdbx_struct_oper_list.matrix[2][1] 
_pdbx_struct_oper_list.matrix[2][2] 
_pdbx_struct_oper_list.matrix[2][3] 
_pdbx_struct_oper_list.vector[2] 
_pdbx_struct_oper_list.matrix[3][1] 
_pdbx_struct_oper_list.matrix[3][2] 
_pdbx_struct_oper_list.matrix[3][3] 
_pdbx_struct_oper_list.vector[3] 
1 'identity operation'         1_555 x,y,z   1.0000000000  0.0000000000  0.0000000000 0.0000000000  0.0000000000  1.0000000000 0.0000000000  0.0000000000  0.0000000000 0.0000000000  1.0000000000  0.0000000000  
2 'crystal symmetry operation' 2_555 -x,y,-z -0.8089146399 -0.4692478702 0.3542083310 13.7570131323 -0.4692478702 0.1523308929 -0.8698285667 23.9933838307 0.3542083310 -0.8698285667 -0.3434162530 24.3644197410 
# 
_struct_biol.id        1 
_struct_biol.details   ? 
# 
loop_
_struct_conf.conf_type_id 
_struct_conf.id 
_struct_conf.pdbx_PDB_helix_id 
_struct_conf.beg_label_comp_id 
_struct_conf.beg_label_asym_id 
_struct_conf.beg_label_seq_id 
_struct_conf.pdbx_beg_PDB_ins_code 
_struct_conf.end_label_comp_id 
_struct_conf.end_label_asym_id 
_struct_conf.end_label_seq_id 
_struct_conf.pdbx_end_PDB_ins_code 
_struct_conf.beg_auth_comp_id 
_struct_conf.beg_auth_asym_id 
_struct_conf.beg_auth_seq_id 
_struct_conf.end_auth_comp_id 
_struct_conf.end_auth_asym_id 
_struct_conf.end_auth_seq_id 
_struct_conf.pdbx_PDB_helix_class 
_struct_conf.details 
_struct_conf.pdbx_PDB_helix_length 
HELX_P HELX_P1 1 HIS A 23  ? ALA A 25  ? HIS A 21  ALA A 23  5 ? 3 
HELX_P HELX_P2 2 THR A 26  ? ASN A 32  ? THR A 24  ASN A 30  1 ? 7 
HELX_P HELX_P3 3 LEU A 142 ? ASP A 146 ? LEU A 140 ASP A 144 5 ? 5 
# 
_struct_conf_type.id          HELX_P 
_struct_conf_type.criteria    ? 
_struct_conf_type.reference   ? 
# 
loop_
_struct_conn.id 
_struct_conn.conn_type_id 
_struct_conn.pdbx_leaving_atom_flag 
_struct_conn.pdbx_PDB_id 
_struct_conn.ptnr1_label_asym_id 
_struct_conn.ptnr1_label_comp_id 
_struct_conn.ptnr1_label_seq_id 
_struct_conn.ptnr1_label_atom_id 
_struct_conn.pdbx_ptnr1_label_alt_id 
_struct_conn.pdbx_ptnr1_PDB_ins_code 
_struct_conn.pdbx_ptnr1_standard_comp_id 
_struct_conn.ptnr1_symmetry 
_struct_conn.ptnr2_label_asym_id 
_struct_conn.ptnr2_label_comp_id 
_struct_conn.ptnr2_label_seq_id 
_struct_conn.ptnr2_label_atom_id 
_struct_conn.pdbx_ptnr2_label_alt_id 
_struct_conn.pdbx_ptnr2_PDB_ins_code 
_struct_conn.ptnr1_auth_asym_id 
_struct_conn.ptnr1_auth_comp_id 
_struct_conn.ptnr1_auth_seq_id 
_struct_conn.ptnr2_auth_asym_id 
_struct_conn.ptnr2_auth_comp_id 
_struct_conn.ptnr2_auth_seq_id 
_struct_conn.ptnr2_symmetry 
_struct_conn.pdbx_ptnr3_label_atom_id 
_struct_conn.pdbx_ptnr3_label_seq_id 
_struct_conn.pdbx_ptnr3_label_comp_id 
_struct_conn.pdbx_ptnr3_label_asym_id 
_struct_conn.pdbx_ptnr3_label_alt_id 
_struct_conn.pdbx_ptnr3_PDB_ins_code 
_struct_conn.details 
_struct_conn.pdbx_dist_value 
_struct_conn.pdbx_value_order 
_struct_conn.pdbx_role 
disulf1 disulf ? ? A CYS 52  SG  ? ? ? 1_555 A CYS 52 SG ? ? A CYS 50  A CYS 50  2_555 ? ? ? ? ? ? ? 1.943 ? ? 
metalc1 metalc ? ? A CYS 58  SG  ? ? ? 1_555 C ZN  .  ZN ? ? A CYS 56  A ZN  201 1_555 ? ? ? ? ? ? ? 2.352 ? ? 
metalc2 metalc ? ? A CYS 60  SG  ? ? ? 1_555 C ZN  .  ZN ? ? A CYS 58  A ZN  201 1_555 ? ? ? ? ? ? ? 2.290 ? ? 
metalc3 metalc ? ? A CYS 118 SG  ? ? ? 1_555 C ZN  .  ZN ? ? A CYS 116 A ZN  201 1_555 ? ? ? ? ? ? ? 2.259 ? ? 
metalc4 metalc ? ? A HIS 120 ND1 ? ? ? 1_555 C ZN  .  ZN ? ? A HIS 118 A ZN  201 1_555 ? ? ? ? ? ? ? 2.071 ? ? 
# 
loop_
_struct_conn_type.id 
_struct_conn_type.criteria 
_struct_conn_type.reference 
disulf ? ? 
metalc ? ? 
# 
loop_
_pdbx_struct_conn_angle.id 
_pdbx_struct_conn_angle.ptnr1_label_atom_id 
_pdbx_struct_conn_angle.ptnr1_label_alt_id 
_pdbx_struct_conn_angle.ptnr1_label_asym_id 
_pdbx_struct_conn_angle.ptnr1_label_comp_id 
_pdbx_struct_conn_angle.ptnr1_label_seq_id 
_pdbx_struct_conn_angle.ptnr1_auth_atom_id 
_pdbx_struct_conn_angle.ptnr1_auth_asym_id 
_pdbx_struct_conn_angle.ptnr1_auth_comp_id 
_pdbx_struct_conn_angle.ptnr1_auth_seq_id 
_pdbx_struct_conn_angle.ptnr1_PDB_ins_code 
_pdbx_struct_conn_angle.ptnr1_symmetry 
_pdbx_struct_conn_angle.ptnr2_label_atom_id 
_pdbx_struct_conn_angle.ptnr2_label_alt_id 
_pdbx_struct_conn_angle.ptnr2_label_asym_id 
_pdbx_struct_conn_angle.ptnr2_label_comp_id 
_pdbx_struct_conn_angle.ptnr2_label_seq_id 
_pdbx_struct_conn_angle.ptnr2_auth_atom_id 
_pdbx_struct_conn_angle.ptnr2_auth_asym_id 
_pdbx_struct_conn_angle.ptnr2_auth_comp_id 
_pdbx_struct_conn_angle.ptnr2_auth_seq_id 
_pdbx_struct_conn_angle.ptnr2_PDB_ins_code 
_pdbx_struct_conn_angle.ptnr2_symmetry 
_pdbx_struct_conn_angle.ptnr3_label_atom_id 
_pdbx_struct_conn_angle.ptnr3_label_alt_id 
_pdbx_struct_conn_angle.ptnr3_label_asym_id 
_pdbx_struct_conn_angle.ptnr3_label_comp_id 
_pdbx_struct_conn_angle.ptnr3_label_seq_id 
_pdbx_struct_conn_angle.ptnr3_auth_atom_id 
_pdbx_struct_conn_angle.ptnr3_auth_asym_id 
_pdbx_struct_conn_angle.ptnr3_auth_comp_id 
_pdbx_struct_conn_angle.ptnr3_auth_seq_id 
_pdbx_struct_conn_angle.ptnr3_PDB_ins_code 
_pdbx_struct_conn_angle.ptnr3_symmetry 
_pdbx_struct_conn_angle.value 
_pdbx_struct_conn_angle.value_esd 
1 SG ? A CYS 58  ? A CYS 56  ? 1_555 ZN ? C ZN . ? A ZN 201 ? 1_555 SG  ? A CYS 60  ? A CYS 58  ? 1_555 107.3 ? 
2 SG ? A CYS 58  ? A CYS 56  ? 1_555 ZN ? C ZN . ? A ZN 201 ? 1_555 SG  ? A CYS 118 ? A CYS 116 ? 1_555 105.5 ? 
3 SG ? A CYS 60  ? A CYS 58  ? 1_555 ZN ? C ZN . ? A ZN 201 ? 1_555 SG  ? A CYS 118 ? A CYS 116 ? 1_555 119.0 ? 
4 SG ? A CYS 58  ? A CYS 56  ? 1_555 ZN ? C ZN . ? A ZN 201 ? 1_555 ND1 ? A HIS 120 ? A HIS 118 ? 1_555 106.8 ? 
5 SG ? A CYS 60  ? A CYS 58  ? 1_555 ZN ? C ZN . ? A ZN 201 ? 1_555 ND1 ? A HIS 120 ? A HIS 118 ? 1_555 102.7 ? 
6 SG ? A CYS 118 ? A CYS 116 ? 1_555 ZN ? C ZN . ? A ZN 201 ? 1_555 ND1 ? A HIS 120 ? A HIS 118 ? 1_555 114.8 ? 
# 
_pdbx_modification_feature.ordinal                            1 
_pdbx_modification_feature.label_comp_id                      CYS 
_pdbx_modification_feature.label_asym_id                      A 
_pdbx_modification_feature.label_seq_id                       52 
_pdbx_modification_feature.label_alt_id                       ? 
_pdbx_modification_feature.modified_residue_label_comp_id     CYS 
_pdbx_modification_feature.modified_residue_label_asym_id     A 
_pdbx_modification_feature.modified_residue_label_seq_id      52 
_pdbx_modification_feature.modified_residue_label_alt_id      ? 
_pdbx_modification_feature.auth_comp_id                       CYS 
_pdbx_modification_feature.auth_asym_id                       A 
_pdbx_modification_feature.auth_seq_id                        50 
_pdbx_modification_feature.PDB_ins_code                       ? 
_pdbx_modification_feature.symmetry                           1_555 
_pdbx_modification_feature.modified_residue_auth_comp_id      CYS 
_pdbx_modification_feature.modified_residue_auth_asym_id      A 
_pdbx_modification_feature.modified_residue_auth_seq_id       50 
_pdbx_modification_feature.modified_residue_PDB_ins_code      ? 
_pdbx_modification_feature.modified_residue_symmetry          2_555 
_pdbx_modification_feature.comp_id_linking_atom               SG 
_pdbx_modification_feature.modified_residue_id_linking_atom   SG 
_pdbx_modification_feature.modified_residue_id                . 
_pdbx_modification_feature.ref_pcm_id                         . 
_pdbx_modification_feature.ref_comp_id                        . 
_pdbx_modification_feature.type                               None 
_pdbx_modification_feature.category                           'Disulfide bridge' 
# 
loop_
_struct_sheet.id 
_struct_sheet.type 
_struct_sheet.number_strands 
_struct_sheet.details 
A ? 3 ? 
B ? 7 ? 
# 
loop_
_struct_sheet_order.sheet_id 
_struct_sheet_order.range_id_1 
_struct_sheet_order.range_id_2 
_struct_sheet_order.offset 
_struct_sheet_order.sense 
A 1 2 ? anti-parallel 
A 2 3 ? anti-parallel 
B 1 2 ? anti-parallel 
B 2 3 ? anti-parallel 
B 3 4 ? anti-parallel 
B 4 5 ? anti-parallel 
B 5 6 ? anti-parallel 
B 6 7 ? anti-parallel 
# 
loop_
_struct_sheet_range.sheet_id 
_struct_sheet_range.id 
_struct_sheet_range.beg_label_comp_id 
_struct_sheet_range.beg_label_asym_id 
_struct_sheet_range.beg_label_seq_id 
_struct_sheet_range.pdbx_beg_PDB_ins_code 
_struct_sheet_range.end_label_comp_id 
_struct_sheet_range.end_label_asym_id 
_struct_sheet_range.end_label_seq_id 
_struct_sheet_range.pdbx_end_PDB_ins_code 
_struct_sheet_range.beg_auth_comp_id 
_struct_sheet_range.beg_auth_asym_id 
_struct_sheet_range.beg_auth_seq_id 
_struct_sheet_range.end_auth_comp_id 
_struct_sheet_range.end_auth_asym_id 
_struct_sheet_range.end_auth_seq_id 
A 1 LEU A 33  ? ASP A 37  ? LEU A 31  ASP A 35  
A 2 LEU A 42  ? CYS A 52  ? LEU A 40  CYS A 50  
A 3 ILE A 12  ? ASN A 21  ? ILE A 10  ASN A 19  
B 1 LYS A 72  ? SER A 77  ? LYS A 70  SER A 75  
B 2 THR A 62  ? CYS A 67  ? THR A 60  CYS A 65  
B 3 ILE A 115 ? CYS A 118 ? ILE A 113 CYS A 116 
B 4 GLY A 121 ? GLY A 130 ? GLY A 119 GLY A 128 
B 5 LEU A 133 ? ASP A 138 ? LEU A 131 ASP A 136 
B 6 ARG A 95  ? GLN A 104 ? ARG A 93  GLN A 102 
B 7 SER A 82  ? VAL A 86  ? SER A 80  VAL A 84  
# 
loop_
_pdbx_struct_sheet_hbond.sheet_id 
_pdbx_struct_sheet_hbond.range_id_1 
_pdbx_struct_sheet_hbond.range_id_2 
_pdbx_struct_sheet_hbond.range_1_label_atom_id 
_pdbx_struct_sheet_hbond.range_1_label_comp_id 
_pdbx_struct_sheet_hbond.range_1_label_asym_id 
_pdbx_struct_sheet_hbond.range_1_label_seq_id 
_pdbx_struct_sheet_hbond.range_1_PDB_ins_code 
_pdbx_struct_sheet_hbond.range_1_auth_atom_id 
_pdbx_struct_sheet_hbond.range_1_auth_comp_id 
_pdbx_struct_sheet_hbond.range_1_auth_asym_id 
_pdbx_struct_sheet_hbond.range_1_auth_seq_id 
_pdbx_struct_sheet_hbond.range_2_label_atom_id 
_pdbx_struct_sheet_hbond.range_2_label_comp_id 
_pdbx_struct_sheet_hbond.range_2_label_asym_id 
_pdbx_struct_sheet_hbond.range_2_label_seq_id 
_pdbx_struct_sheet_hbond.range_2_PDB_ins_code 
_pdbx_struct_sheet_hbond.range_2_auth_atom_id 
_pdbx_struct_sheet_hbond.range_2_auth_comp_id 
_pdbx_struct_sheet_hbond.range_2_auth_asym_id 
_pdbx_struct_sheet_hbond.range_2_auth_seq_id 
A 1 2 N TRP A 35  ? N TRP A 33  O VAL A 44  ? O VAL A 42  
A 2 3 N SER A 45  ? N SER A 43  O ARG A 18  ? O ARG A 16  
B 1 2 O LYS A 72  ? O LYS A 70  N CYS A 67  ? N CYS A 65  
B 2 3 N VAL A 64  ? N VAL A 62  O ARG A 117 ? O ARG A 115 
B 3 4 N LEU A 116 ? N LEU A 114 O VAL A 123 ? O VAL A 121 
B 4 5 N SER A 127 ? N SER A 125 O GLY A 135 ? O GLY A 133 
B 5 6 O PHE A 136 ? O PHE A 134 N MET A 101 ? N MET A 99  
B 6 7 O ARG A 95  ? O ARG A 93  N VAL A 86  ? N VAL A 84  
# 
_struct_site.id                   AC1 
_struct_site.pdbx_evidence_code   Software 
_struct_site.pdbx_auth_asym_id    A 
_struct_site.pdbx_auth_comp_id    ZN 
_struct_site.pdbx_auth_seq_id     201 
_struct_site.pdbx_auth_ins_code   ? 
_struct_site.pdbx_num_residues    4 
_struct_site.details              'BINDING SITE FOR RESIDUE ZN A 201' 
# 
loop_
_struct_site_gen.id 
_struct_site_gen.site_id 
_struct_site_gen.pdbx_num_res 
_struct_site_gen.label_comp_id 
_struct_site_gen.label_asym_id 
_struct_site_gen.label_seq_id 
_struct_site_gen.pdbx_auth_ins_code 
_struct_site_gen.auth_comp_id 
_struct_site_gen.auth_asym_id 
_struct_site_gen.auth_seq_id 
_struct_site_gen.label_atom_id 
_struct_site_gen.label_alt_id 
_struct_site_gen.symmetry 
_struct_site_gen.details 
1 AC1 4 CYS A 58  ? CYS A 56  . ? 1_555 ? 
2 AC1 4 CYS A 60  ? CYS A 58  . ? 1_555 ? 
3 AC1 4 CYS A 118 ? CYS A 116 . ? 1_555 ? 
4 AC1 4 HIS A 120 ? HIS A 118 . ? 1_555 ? 
# 
_pdbx_entry_details.entry_id                   4FVD 
_pdbx_entry_details.compound_details           ? 
_pdbx_entry_details.source_details             ? 
_pdbx_entry_details.nonpolymer_details         ? 
_pdbx_entry_details.sequence_details           ? 
_pdbx_entry_details.has_ligand_of_interest     ? 
_pdbx_entry_details.has_protein_modification   Y 
# 
loop_
_pdbx_validate_close_contact.id 
_pdbx_validate_close_contact.PDB_model_num 
_pdbx_validate_close_contact.auth_atom_id_1 
_pdbx_validate_close_contact.auth_asym_id_1 
_pdbx_validate_close_contact.auth_comp_id_1 
_pdbx_validate_close_contact.auth_seq_id_1 
_pdbx_validate_close_contact.PDB_ins_code_1 
_pdbx_validate_close_contact.label_alt_id_1 
_pdbx_validate_close_contact.auth_atom_id_2 
_pdbx_validate_close_contact.auth_asym_id_2 
_pdbx_validate_close_contact.auth_comp_id_2 
_pdbx_validate_close_contact.auth_seq_id_2 
_pdbx_validate_close_contact.PDB_ins_code_2 
_pdbx_validate_close_contact.label_alt_id_2 
_pdbx_validate_close_contact.dist 
1 1 OH A TYR 63  ? ? O A HOH 382 ? ? 2.04 
2 1 O  A HOH 382 ? ? O A HOH 418 ? ? 2.10 
3 1 O  A HOH 430 ? ? O A HOH 431 ? ? 2.12 
# 
loop_
_pdbx_validate_rmsd_angle.id 
_pdbx_validate_rmsd_angle.PDB_model_num 
_pdbx_validate_rmsd_angle.auth_atom_id_1 
_pdbx_validate_rmsd_angle.auth_asym_id_1 
_pdbx_validate_rmsd_angle.auth_comp_id_1 
_pdbx_validate_rmsd_angle.auth_seq_id_1 
_pdbx_validate_rmsd_angle.PDB_ins_code_1 
_pdbx_validate_rmsd_angle.label_alt_id_1 
_pdbx_validate_rmsd_angle.auth_atom_id_2 
_pdbx_validate_rmsd_angle.auth_asym_id_2 
_pdbx_validate_rmsd_angle.auth_comp_id_2 
_pdbx_validate_rmsd_angle.auth_seq_id_2 
_pdbx_validate_rmsd_angle.PDB_ins_code_2 
_pdbx_validate_rmsd_angle.label_alt_id_2 
_pdbx_validate_rmsd_angle.auth_atom_id_3 
_pdbx_validate_rmsd_angle.auth_asym_id_3 
_pdbx_validate_rmsd_angle.auth_comp_id_3 
_pdbx_validate_rmsd_angle.auth_seq_id_3 
_pdbx_validate_rmsd_angle.PDB_ins_code_3 
_pdbx_validate_rmsd_angle.label_alt_id_3 
_pdbx_validate_rmsd_angle.angle_value 
_pdbx_validate_rmsd_angle.angle_target_value 
_pdbx_validate_rmsd_angle.angle_deviation 
_pdbx_validate_rmsd_angle.angle_standard_deviation 
_pdbx_validate_rmsd_angle.linker_flag 
1 1 NE A ARG 68 ? ? CZ A ARG 68 ? ? NH2 A ARG 68 ? ? 117.24 120.30 -3.06 0.50 N 
2 1 NE A ARG 93 ? ? CZ A ARG 93 ? ? NH2 A ARG 93 ? ? 115.89 120.30 -4.41 0.50 N 
# 
loop_
_pdbx_validate_torsion.id 
_pdbx_validate_torsion.PDB_model_num 
_pdbx_validate_torsion.auth_comp_id 
_pdbx_validate_torsion.auth_asym_id 
_pdbx_validate_torsion.auth_seq_id 
_pdbx_validate_torsion.PDB_ins_code 
_pdbx_validate_torsion.label_alt_id 
_pdbx_validate_torsion.phi 
_pdbx_validate_torsion.psi 
1 1 ASN A 14 ? ? -98.80 35.59   
2 1 LEU C 0  ? ? -52.26 -103.70 
# 
_pdbx_struct_special_symmetry.id              1 
_pdbx_struct_special_symmetry.PDB_model_num   1 
_pdbx_struct_special_symmetry.auth_asym_id    A 
_pdbx_struct_special_symmetry.auth_comp_id    HOH 
_pdbx_struct_special_symmetry.auth_seq_id     312 
_pdbx_struct_special_symmetry.PDB_ins_code    ? 
_pdbx_struct_special_symmetry.label_asym_id   D 
_pdbx_struct_special_symmetry.label_comp_id   HOH 
_pdbx_struct_special_symmetry.label_seq_id    . 
# 
_phasing.method   MR 
# 
loop_
_pdbx_unobs_or_zero_occ_residues.id 
_pdbx_unobs_or_zero_occ_residues.PDB_model_num 
_pdbx_unobs_or_zero_occ_residues.polymer_flag 
_pdbx_unobs_or_zero_occ_residues.occupancy_flag 
_pdbx_unobs_or_zero_occ_residues.auth_asym_id 
_pdbx_unobs_or_zero_occ_residues.auth_comp_id 
_pdbx_unobs_or_zero_occ_residues.auth_seq_id 
_pdbx_unobs_or_zero_occ_residues.PDB_ins_code 
_pdbx_unobs_or_zero_occ_residues.label_asym_id 
_pdbx_unobs_or_zero_occ_residues.label_comp_id 
_pdbx_unobs_or_zero_occ_residues.label_seq_id 
1  1 Y 1 A GLY -1  ? A GLY 1   
2  1 Y 1 A SER 0   ? A SER 2   
3  1 Y 1 A GLY 1   ? A GLY 3   
4  1 Y 1 A LYS 2   ? A LYS 4   
5  1 Y 1 A PHE 3   ? A PHE 5   
6  1 Y 1 A GLY 4   ? A GLY 6   
7  1 Y 1 A GLN 5   ? A GLN 7   
8  1 Y 1 A GLN 6   ? A GLN 8   
9  1 Y 1 A GLU 145 ? A GLU 147 
10 1 Y 1 A GLU 146 ? A GLU 148 
11 1 Y 1 A ALA 147 ? A ALA 149 
12 1 Y 1 A MET 148 ? A MET 150 
13 1 Y 1 A GLU 149 ? A GLU 151 
14 1 Y 1 A GLN 150 ? A GLN 152 
15 1 Y 1 C GLY -5  ? B GLY 1   
16 1 Y 1 C SER -4  ? B SER 2   
17 1 Y 1 C ILE -3  ? B ILE 3   
18 1 Y 1 C THR -2  ? B THR 4   
19 1 Y 1 C PHE 3   ? B PHE 9   
20 1 Y 1 C GLY 4   ? B GLY 10  
# 
loop_
_chem_comp_atom.comp_id 
_chem_comp_atom.atom_id 
_chem_comp_atom.type_symbol 
_chem_comp_atom.pdbx_aromatic_flag 
_chem_comp_atom.pdbx_stereo_config 
_chem_comp_atom.pdbx_ordinal 
ALA N    N  N N 1   
ALA CA   C  N S 2   
ALA C    C  N N 3   
ALA O    O  N N 4   
ALA CB   C  N N 5   
ALA OXT  O  N N 6   
ALA H    H  N N 7   
ALA H2   H  N N 8   
ALA HA   H  N N 9   
ALA HB1  H  N N 10  
ALA HB2  H  N N 11  
ALA HB3  H  N N 12  
ALA HXT  H  N N 13  
ARG N    N  N N 14  
ARG CA   C  N S 15  
ARG C    C  N N 16  
ARG O    O  N N 17  
ARG CB   C  N N 18  
ARG CG   C  N N 19  
ARG CD   C  N N 20  
ARG NE   N  N N 21  
ARG CZ   C  N N 22  
ARG NH1  N  N N 23  
ARG NH2  N  N N 24  
ARG OXT  O  N N 25  
ARG H    H  N N 26  
ARG H2   H  N N 27  
ARG HA   H  N N 28  
ARG HB2  H  N N 29  
ARG HB3  H  N N 30  
ARG HG2  H  N N 31  
ARG HG3  H  N N 32  
ARG HD2  H  N N 33  
ARG HD3  H  N N 34  
ARG HE   H  N N 35  
ARG HH11 H  N N 36  
ARG HH12 H  N N 37  
ARG HH21 H  N N 38  
ARG HH22 H  N N 39  
ARG HXT  H  N N 40  
ASN N    N  N N 41  
ASN CA   C  N S 42  
ASN C    C  N N 43  
ASN O    O  N N 44  
ASN CB   C  N N 45  
ASN CG   C  N N 46  
ASN OD1  O  N N 47  
ASN ND2  N  N N 48  
ASN OXT  O  N N 49  
ASN H    H  N N 50  
ASN H2   H  N N 51  
ASN HA   H  N N 52  
ASN HB2  H  N N 53  
ASN HB3  H  N N 54  
ASN HD21 H  N N 55  
ASN HD22 H  N N 56  
ASN HXT  H  N N 57  
ASP N    N  N N 58  
ASP CA   C  N S 59  
ASP C    C  N N 60  
ASP O    O  N N 61  
ASP CB   C  N N 62  
ASP CG   C  N N 63  
ASP OD1  O  N N 64  
ASP OD2  O  N N 65  
ASP OXT  O  N N 66  
ASP H    H  N N 67  
ASP H2   H  N N 68  
ASP HA   H  N N 69  
ASP HB2  H  N N 70  
ASP HB3  H  N N 71  
ASP HD2  H  N N 72  
ASP HXT  H  N N 73  
CYS N    N  N N 74  
CYS CA   C  N R 75  
CYS C    C  N N 76  
CYS O    O  N N 77  
CYS CB   C  N N 78  
CYS SG   S  N N 79  
CYS OXT  O  N N 80  
CYS H    H  N N 81  
CYS H2   H  N N 82  
CYS HA   H  N N 83  
CYS HB2  H  N N 84  
CYS HB3  H  N N 85  
CYS HG   H  N N 86  
CYS HXT  H  N N 87  
GLN N    N  N N 88  
GLN CA   C  N S 89  
GLN C    C  N N 90  
GLN O    O  N N 91  
GLN CB   C  N N 92  
GLN CG   C  N N 93  
GLN CD   C  N N 94  
GLN OE1  O  N N 95  
GLN NE2  N  N N 96  
GLN OXT  O  N N 97  
GLN H    H  N N 98  
GLN H2   H  N N 99  
GLN HA   H  N N 100 
GLN HB2  H  N N 101 
GLN HB3  H  N N 102 
GLN HG2  H  N N 103 
GLN HG3  H  N N 104 
GLN HE21 H  N N 105 
GLN HE22 H  N N 106 
GLN HXT  H  N N 107 
GLU N    N  N N 108 
GLU CA   C  N S 109 
GLU C    C  N N 110 
GLU O    O  N N 111 
GLU CB   C  N N 112 
GLU CG   C  N N 113 
GLU CD   C  N N 114 
GLU OE1  O  N N 115 
GLU OE2  O  N N 116 
GLU OXT  O  N N 117 
GLU H    H  N N 118 
GLU H2   H  N N 119 
GLU HA   H  N N 120 
GLU HB2  H  N N 121 
GLU HB3  H  N N 122 
GLU HG2  H  N N 123 
GLU HG3  H  N N 124 
GLU HE2  H  N N 125 
GLU HXT  H  N N 126 
GLY N    N  N N 127 
GLY CA   C  N N 128 
GLY C    C  N N 129 
GLY O    O  N N 130 
GLY OXT  O  N N 131 
GLY H    H  N N 132 
GLY H2   H  N N 133 
GLY HA2  H  N N 134 
GLY HA3  H  N N 135 
GLY HXT  H  N N 136 
HIS N    N  N N 137 
HIS CA   C  N S 138 
HIS C    C  N N 139 
HIS O    O  N N 140 
HIS CB   C  N N 141 
HIS CG   C  Y N 142 
HIS ND1  N  Y N 143 
HIS CD2  C  Y N 144 
HIS CE1  C  Y N 145 
HIS NE2  N  Y N 146 
HIS OXT  O  N N 147 
HIS H    H  N N 148 
HIS H2   H  N N 149 
HIS HA   H  N N 150 
HIS HB2  H  N N 151 
HIS HB3  H  N N 152 
HIS HD1  H  N N 153 
HIS HD2  H  N N 154 
HIS HE1  H  N N 155 
HIS HE2  H  N N 156 
HIS HXT  H  N N 157 
HOH O    O  N N 158 
HOH H1   H  N N 159 
HOH H2   H  N N 160 
ILE N    N  N N 161 
ILE CA   C  N S 162 
ILE C    C  N N 163 
ILE O    O  N N 164 
ILE CB   C  N S 165 
ILE CG1  C  N N 166 
ILE CG2  C  N N 167 
ILE CD1  C  N N 168 
ILE OXT  O  N N 169 
ILE H    H  N N 170 
ILE H2   H  N N 171 
ILE HA   H  N N 172 
ILE HB   H  N N 173 
ILE HG12 H  N N 174 
ILE HG13 H  N N 175 
ILE HG21 H  N N 176 
ILE HG22 H  N N 177 
ILE HG23 H  N N 178 
ILE HD11 H  N N 179 
ILE HD12 H  N N 180 
ILE HD13 H  N N 181 
ILE HXT  H  N N 182 
LEU N    N  N N 183 
LEU CA   C  N S 184 
LEU C    C  N N 185 
LEU O    O  N N 186 
LEU CB   C  N N 187 
LEU CG   C  N N 188 
LEU CD1  C  N N 189 
LEU CD2  C  N N 190 
LEU OXT  O  N N 191 
LEU H    H  N N 192 
LEU H2   H  N N 193 
LEU HA   H  N N 194 
LEU HB2  H  N N 195 
LEU HB3  H  N N 196 
LEU HG   H  N N 197 
LEU HD11 H  N N 198 
LEU HD12 H  N N 199 
LEU HD13 H  N N 200 
LEU HD21 H  N N 201 
LEU HD22 H  N N 202 
LEU HD23 H  N N 203 
LEU HXT  H  N N 204 
LYS N    N  N N 205 
LYS CA   C  N S 206 
LYS C    C  N N 207 
LYS O    O  N N 208 
LYS CB   C  N N 209 
LYS CG   C  N N 210 
LYS CD   C  N N 211 
LYS CE   C  N N 212 
LYS NZ   N  N N 213 
LYS OXT  O  N N 214 
LYS H    H  N N 215 
LYS H2   H  N N 216 
LYS HA   H  N N 217 
LYS HB2  H  N N 218 
LYS HB3  H  N N 219 
LYS HG2  H  N N 220 
LYS HG3  H  N N 221 
LYS HD2  H  N N 222 
LYS HD3  H  N N 223 
LYS HE2  H  N N 224 
LYS HE3  H  N N 225 
LYS HZ1  H  N N 226 
LYS HZ2  H  N N 227 
LYS HZ3  H  N N 228 
LYS HXT  H  N N 229 
MET N    N  N N 230 
MET CA   C  N S 231 
MET C    C  N N 232 
MET O    O  N N 233 
MET CB   C  N N 234 
MET CG   C  N N 235 
MET SD   S  N N 236 
MET CE   C  N N 237 
MET OXT  O  N N 238 
MET H    H  N N 239 
MET H2   H  N N 240 
MET HA   H  N N 241 
MET HB2  H  N N 242 
MET HB3  H  N N 243 
MET HG2  H  N N 244 
MET HG3  H  N N 245 
MET HE1  H  N N 246 
MET HE2  H  N N 247 
MET HE3  H  N N 248 
MET HXT  H  N N 249 
PHE N    N  N N 250 
PHE CA   C  N S 251 
PHE C    C  N N 252 
PHE O    O  N N 253 
PHE CB   C  N N 254 
PHE CG   C  Y N 255 
PHE CD1  C  Y N 256 
PHE CD2  C  Y N 257 
PHE CE1  C  Y N 258 
PHE CE2  C  Y N 259 
PHE CZ   C  Y N 260 
PHE OXT  O  N N 261 
PHE H    H  N N 262 
PHE H2   H  N N 263 
PHE HA   H  N N 264 
PHE HB2  H  N N 265 
PHE HB3  H  N N 266 
PHE HD1  H  N N 267 
PHE HD2  H  N N 268 
PHE HE1  H  N N 269 
PHE HE2  H  N N 270 
PHE HZ   H  N N 271 
PHE HXT  H  N N 272 
PRO N    N  N N 273 
PRO CA   C  N S 274 
PRO C    C  N N 275 
PRO O    O  N N 276 
PRO CB   C  N N 277 
PRO CG   C  N N 278 
PRO CD   C  N N 279 
PRO OXT  O  N N 280 
PRO H    H  N N 281 
PRO HA   H  N N 282 
PRO HB2  H  N N 283 
PRO HB3  H  N N 284 
PRO HG2  H  N N 285 
PRO HG3  H  N N 286 
PRO HD2  H  N N 287 
PRO HD3  H  N N 288 
PRO HXT  H  N N 289 
SER N    N  N N 290 
SER CA   C  N S 291 
SER C    C  N N 292 
SER O    O  N N 293 
SER CB   C  N N 294 
SER OG   O  N N 295 
SER OXT  O  N N 296 
SER H    H  N N 297 
SER H2   H  N N 298 
SER HA   H  N N 299 
SER HB2  H  N N 300 
SER HB3  H  N N 301 
SER HG   H  N N 302 
SER HXT  H  N N 303 
THR N    N  N N 304 
THR CA   C  N S 305 
THR C    C  N N 306 
THR O    O  N N 307 
THR CB   C  N R 308 
THR OG1  O  N N 309 
THR CG2  C  N N 310 
THR OXT  O  N N 311 
THR H    H  N N 312 
THR H2   H  N N 313 
THR HA   H  N N 314 
THR HB   H  N N 315 
THR HG1  H  N N 316 
THR HG21 H  N N 317 
THR HG22 H  N N 318 
THR HG23 H  N N 319 
THR HXT  H  N N 320 
TRP N    N  N N 321 
TRP CA   C  N S 322 
TRP C    C  N N 323 
TRP O    O  N N 324 
TRP CB   C  N N 325 
TRP CG   C  Y N 326 
TRP CD1  C  Y N 327 
TRP CD2  C  Y N 328 
TRP NE1  N  Y N 329 
TRP CE2  C  Y N 330 
TRP CE3  C  Y N 331 
TRP CZ2  C  Y N 332 
TRP CZ3  C  Y N 333 
TRP CH2  C  Y N 334 
TRP OXT  O  N N 335 
TRP H    H  N N 336 
TRP H2   H  N N 337 
TRP HA   H  N N 338 
TRP HB2  H  N N 339 
TRP HB3  H  N N 340 
TRP HD1  H  N N 341 
TRP HE1  H  N N 342 
TRP HE3  H  N N 343 
TRP HZ2  H  N N 344 
TRP HZ3  H  N N 345 
TRP HH2  H  N N 346 
TRP HXT  H  N N 347 
TYR N    N  N N 348 
TYR CA   C  N S 349 
TYR C    C  N N 350 
TYR O    O  N N 351 
TYR CB   C  N N 352 
TYR CG   C  Y N 353 
TYR CD1  C  Y N 354 
TYR CD2  C  Y N 355 
TYR CE1  C  Y N 356 
TYR CE2  C  Y N 357 
TYR CZ   C  Y N 358 
TYR OH   O  N N 359 
TYR OXT  O  N N 360 
TYR H    H  N N 361 
TYR H2   H  N N 362 
TYR HA   H  N N 363 
TYR HB2  H  N N 364 
TYR HB3  H  N N 365 
TYR HD1  H  N N 366 
TYR HD2  H  N N 367 
TYR HE1  H  N N 368 
TYR HE2  H  N N 369 
TYR HH   H  N N 370 
TYR HXT  H  N N 371 
VAL N    N  N N 372 
VAL CA   C  N S 373 
VAL C    C  N N 374 
VAL O    O  N N 375 
VAL CB   C  N N 376 
VAL CG1  C  N N 377 
VAL CG2  C  N N 378 
VAL OXT  O  N N 379 
VAL H    H  N N 380 
VAL H2   H  N N 381 
VAL HA   H  N N 382 
VAL HB   H  N N 383 
VAL HG11 H  N N 384 
VAL HG12 H  N N 385 
VAL HG13 H  N N 386 
VAL HG21 H  N N 387 
VAL HG22 H  N N 388 
VAL HG23 H  N N 389 
VAL HXT  H  N N 390 
ZN  ZN   ZN N N 391 
# 
loop_
_chem_comp_bond.comp_id 
_chem_comp_bond.atom_id_1 
_chem_comp_bond.atom_id_2 
_chem_comp_bond.value_order 
_chem_comp_bond.pdbx_aromatic_flag 
_chem_comp_bond.pdbx_stereo_config 
_chem_comp_bond.pdbx_ordinal 
ALA N   CA   sing N N 1   
ALA N   H    sing N N 2   
ALA N   H2   sing N N 3   
ALA CA  C    sing N N 4   
ALA CA  CB   sing N N 5   
ALA CA  HA   sing N N 6   
ALA C   O    doub N N 7   
ALA C   OXT  sing N N 8   
ALA CB  HB1  sing N N 9   
ALA CB  HB2  sing N N 10  
ALA CB  HB3  sing N N 11  
ALA OXT HXT  sing N N 12  
ARG N   CA   sing N N 13  
ARG N   H    sing N N 14  
ARG N   H2   sing N N 15  
ARG CA  C    sing N N 16  
ARG CA  CB   sing N N 17  
ARG CA  HA   sing N N 18  
ARG C   O    doub N N 19  
ARG C   OXT  sing N N 20  
ARG CB  CG   sing N N 21  
ARG CB  HB2  sing N N 22  
ARG CB  HB3  sing N N 23  
ARG CG  CD   sing N N 24  
ARG CG  HG2  sing N N 25  
ARG CG  HG3  sing N N 26  
ARG CD  NE   sing N N 27  
ARG CD  HD2  sing N N 28  
ARG CD  HD3  sing N N 29  
ARG NE  CZ   sing N N 30  
ARG NE  HE   sing N N 31  
ARG CZ  NH1  sing N N 32  
ARG CZ  NH2  doub N N 33  
ARG NH1 HH11 sing N N 34  
ARG NH1 HH12 sing N N 35  
ARG NH2 HH21 sing N N 36  
ARG NH2 HH22 sing N N 37  
ARG OXT HXT  sing N N 38  
ASN N   CA   sing N N 39  
ASN N   H    sing N N 40  
ASN N   H2   sing N N 41  
ASN CA  C    sing N N 42  
ASN CA  CB   sing N N 43  
ASN CA  HA   sing N N 44  
ASN C   O    doub N N 45  
ASN C   OXT  sing N N 46  
ASN CB  CG   sing N N 47  
ASN CB  HB2  sing N N 48  
ASN CB  HB3  sing N N 49  
ASN CG  OD1  doub N N 50  
ASN CG  ND2  sing N N 51  
ASN ND2 HD21 sing N N 52  
ASN ND2 HD22 sing N N 53  
ASN OXT HXT  sing N N 54  
ASP N   CA   sing N N 55  
ASP N   H    sing N N 56  
ASP N   H2   sing N N 57  
ASP CA  C    sing N N 58  
ASP CA  CB   sing N N 59  
ASP CA  HA   sing N N 60  
ASP C   O    doub N N 61  
ASP C   OXT  sing N N 62  
ASP CB  CG   sing N N 63  
ASP CB  HB2  sing N N 64  
ASP CB  HB3  sing N N 65  
ASP CG  OD1  doub N N 66  
ASP CG  OD2  sing N N 67  
ASP OD2 HD2  sing N N 68  
ASP OXT HXT  sing N N 69  
CYS N   CA   sing N N 70  
CYS N   H    sing N N 71  
CYS N   H2   sing N N 72  
CYS CA  C    sing N N 73  
CYS CA  CB   sing N N 74  
CYS CA  HA   sing N N 75  
CYS C   O    doub N N 76  
CYS C   OXT  sing N N 77  
CYS CB  SG   sing N N 78  
CYS CB  HB2  sing N N 79  
CYS CB  HB3  sing N N 80  
CYS SG  HG   sing N N 81  
CYS OXT HXT  sing N N 82  
GLN N   CA   sing N N 83  
GLN N   H    sing N N 84  
GLN N   H2   sing N N 85  
GLN CA  C    sing N N 86  
GLN CA  CB   sing N N 87  
GLN CA  HA   sing N N 88  
GLN C   O    doub N N 89  
GLN C   OXT  sing N N 90  
GLN CB  CG   sing N N 91  
GLN CB  HB2  sing N N 92  
GLN CB  HB3  sing N N 93  
GLN CG  CD   sing N N 94  
GLN CG  HG2  sing N N 95  
GLN CG  HG3  sing N N 96  
GLN CD  OE1  doub N N 97  
GLN CD  NE2  sing N N 98  
GLN NE2 HE21 sing N N 99  
GLN NE2 HE22 sing N N 100 
GLN OXT HXT  sing N N 101 
GLU N   CA   sing N N 102 
GLU N   H    sing N N 103 
GLU N   H2   sing N N 104 
GLU CA  C    sing N N 105 
GLU CA  CB   sing N N 106 
GLU CA  HA   sing N N 107 
GLU C   O    doub N N 108 
GLU C   OXT  sing N N 109 
GLU CB  CG   sing N N 110 
GLU CB  HB2  sing N N 111 
GLU CB  HB3  sing N N 112 
GLU CG  CD   sing N N 113 
GLU CG  HG2  sing N N 114 
GLU CG  HG3  sing N N 115 
GLU CD  OE1  doub N N 116 
GLU CD  OE2  sing N N 117 
GLU OE2 HE2  sing N N 118 
GLU OXT HXT  sing N N 119 
GLY N   CA   sing N N 120 
GLY N   H    sing N N 121 
GLY N   H2   sing N N 122 
GLY CA  C    sing N N 123 
GLY CA  HA2  sing N N 124 
GLY CA  HA3  sing N N 125 
GLY C   O    doub N N 126 
GLY C   OXT  sing N N 127 
GLY OXT HXT  sing N N 128 
HIS N   CA   sing N N 129 
HIS N   H    sing N N 130 
HIS N   H2   sing N N 131 
HIS CA  C    sing N N 132 
HIS CA  CB   sing N N 133 
HIS CA  HA   sing N N 134 
HIS C   O    doub N N 135 
HIS C   OXT  sing N N 136 
HIS CB  CG   sing N N 137 
HIS CB  HB2  sing N N 138 
HIS CB  HB3  sing N N 139 
HIS CG  ND1  sing Y N 140 
HIS CG  CD2  doub Y N 141 
HIS ND1 CE1  doub Y N 142 
HIS ND1 HD1  sing N N 143 
HIS CD2 NE2  sing Y N 144 
HIS CD2 HD2  sing N N 145 
HIS CE1 NE2  sing Y N 146 
HIS CE1 HE1  sing N N 147 
HIS NE2 HE2  sing N N 148 
HIS OXT HXT  sing N N 149 
HOH O   H1   sing N N 150 
HOH O   H2   sing N N 151 
ILE N   CA   sing N N 152 
ILE N   H    sing N N 153 
ILE N   H2   sing N N 154 
ILE CA  C    sing N N 155 
ILE CA  CB   sing N N 156 
ILE CA  HA   sing N N 157 
ILE C   O    doub N N 158 
ILE C   OXT  sing N N 159 
ILE CB  CG1  sing N N 160 
ILE CB  CG2  sing N N 161 
ILE CB  HB   sing N N 162 
ILE CG1 CD1  sing N N 163 
ILE CG1 HG12 sing N N 164 
ILE CG1 HG13 sing N N 165 
ILE CG2 HG21 sing N N 166 
ILE CG2 HG22 sing N N 167 
ILE CG2 HG23 sing N N 168 
ILE CD1 HD11 sing N N 169 
ILE CD1 HD12 sing N N 170 
ILE CD1 HD13 sing N N 171 
ILE OXT HXT  sing N N 172 
LEU N   CA   sing N N 173 
LEU N   H    sing N N 174 
LEU N   H2   sing N N 175 
LEU CA  C    sing N N 176 
LEU CA  CB   sing N N 177 
LEU CA  HA   sing N N 178 
LEU C   O    doub N N 179 
LEU C   OXT  sing N N 180 
LEU CB  CG   sing N N 181 
LEU CB  HB2  sing N N 182 
LEU CB  HB3  sing N N 183 
LEU CG  CD1  sing N N 184 
LEU CG  CD2  sing N N 185 
LEU CG  HG   sing N N 186 
LEU CD1 HD11 sing N N 187 
LEU CD1 HD12 sing N N 188 
LEU CD1 HD13 sing N N 189 
LEU CD2 HD21 sing N N 190 
LEU CD2 HD22 sing N N 191 
LEU CD2 HD23 sing N N 192 
LEU OXT HXT  sing N N 193 
LYS N   CA   sing N N 194 
LYS N   H    sing N N 195 
LYS N   H2   sing N N 196 
LYS CA  C    sing N N 197 
LYS CA  CB   sing N N 198 
LYS CA  HA   sing N N 199 
LYS C   O    doub N N 200 
LYS C   OXT  sing N N 201 
LYS CB  CG   sing N N 202 
LYS CB  HB2  sing N N 203 
LYS CB  HB3  sing N N 204 
LYS CG  CD   sing N N 205 
LYS CG  HG2  sing N N 206 
LYS CG  HG3  sing N N 207 
LYS CD  CE   sing N N 208 
LYS CD  HD2  sing N N 209 
LYS CD  HD3  sing N N 210 
LYS CE  NZ   sing N N 211 
LYS CE  HE2  sing N N 212 
LYS CE  HE3  sing N N 213 
LYS NZ  HZ1  sing N N 214 
LYS NZ  HZ2  sing N N 215 
LYS NZ  HZ3  sing N N 216 
LYS OXT HXT  sing N N 217 
MET N   CA   sing N N 218 
MET N   H    sing N N 219 
MET N   H2   sing N N 220 
MET CA  C    sing N N 221 
MET CA  CB   sing N N 222 
MET CA  HA   sing N N 223 
MET C   O    doub N N 224 
MET C   OXT  sing N N 225 
MET CB  CG   sing N N 226 
MET CB  HB2  sing N N 227 
MET CB  HB3  sing N N 228 
MET CG  SD   sing N N 229 
MET CG  HG2  sing N N 230 
MET CG  HG3  sing N N 231 
MET SD  CE   sing N N 232 
MET CE  HE1  sing N N 233 
MET CE  HE2  sing N N 234 
MET CE  HE3  sing N N 235 
MET OXT HXT  sing N N 236 
PHE N   CA   sing N N 237 
PHE N   H    sing N N 238 
PHE N   H2   sing N N 239 
PHE CA  C    sing N N 240 
PHE CA  CB   sing N N 241 
PHE CA  HA   sing N N 242 
PHE C   O    doub N N 243 
PHE C   OXT  sing N N 244 
PHE CB  CG   sing N N 245 
PHE CB  HB2  sing N N 246 
PHE CB  HB3  sing N N 247 
PHE CG  CD1  doub Y N 248 
PHE CG  CD2  sing Y N 249 
PHE CD1 CE1  sing Y N 250 
PHE CD1 HD1  sing N N 251 
PHE CD2 CE2  doub Y N 252 
PHE CD2 HD2  sing N N 253 
PHE CE1 CZ   doub Y N 254 
PHE CE1 HE1  sing N N 255 
PHE CE2 CZ   sing Y N 256 
PHE CE2 HE2  sing N N 257 
PHE CZ  HZ   sing N N 258 
PHE OXT HXT  sing N N 259 
PRO N   CA   sing N N 260 
PRO N   CD   sing N N 261 
PRO N   H    sing N N 262 
PRO CA  C    sing N N 263 
PRO CA  CB   sing N N 264 
PRO CA  HA   sing N N 265 
PRO C   O    doub N N 266 
PRO C   OXT  sing N N 267 
PRO CB  CG   sing N N 268 
PRO CB  HB2  sing N N 269 
PRO CB  HB3  sing N N 270 
PRO CG  CD   sing N N 271 
PRO CG  HG2  sing N N 272 
PRO CG  HG3  sing N N 273 
PRO CD  HD2  sing N N 274 
PRO CD  HD3  sing N N 275 
PRO OXT HXT  sing N N 276 
SER N   CA   sing N N 277 
SER N   H    sing N N 278 
SER N   H2   sing N N 279 
SER CA  C    sing N N 280 
SER CA  CB   sing N N 281 
SER CA  HA   sing N N 282 
SER C   O    doub N N 283 
SER C   OXT  sing N N 284 
SER CB  OG   sing N N 285 
SER CB  HB2  sing N N 286 
SER CB  HB3  sing N N 287 
SER OG  HG   sing N N 288 
SER OXT HXT  sing N N 289 
THR N   CA   sing N N 290 
THR N   H    sing N N 291 
THR N   H2   sing N N 292 
THR CA  C    sing N N 293 
THR CA  CB   sing N N 294 
THR CA  HA   sing N N 295 
THR C   O    doub N N 296 
THR C   OXT  sing N N 297 
THR CB  OG1  sing N N 298 
THR CB  CG2  sing N N 299 
THR CB  HB   sing N N 300 
THR OG1 HG1  sing N N 301 
THR CG2 HG21 sing N N 302 
THR CG2 HG22 sing N N 303 
THR CG2 HG23 sing N N 304 
THR OXT HXT  sing N N 305 
TRP N   CA   sing N N 306 
TRP N   H    sing N N 307 
TRP N   H2   sing N N 308 
TRP CA  C    sing N N 309 
TRP CA  CB   sing N N 310 
TRP CA  HA   sing N N 311 
TRP C   O    doub N N 312 
TRP C   OXT  sing N N 313 
TRP CB  CG   sing N N 314 
TRP CB  HB2  sing N N 315 
TRP CB  HB3  sing N N 316 
TRP CG  CD1  doub Y N 317 
TRP CG  CD2  sing Y N 318 
TRP CD1 NE1  sing Y N 319 
TRP CD1 HD1  sing N N 320 
TRP CD2 CE2  doub Y N 321 
TRP CD2 CE3  sing Y N 322 
TRP NE1 CE2  sing Y N 323 
TRP NE1 HE1  sing N N 324 
TRP CE2 CZ2  sing Y N 325 
TRP CE3 CZ3  doub Y N 326 
TRP CE3 HE3  sing N N 327 
TRP CZ2 CH2  doub Y N 328 
TRP CZ2 HZ2  sing N N 329 
TRP CZ3 CH2  sing Y N 330 
TRP CZ3 HZ3  sing N N 331 
TRP CH2 HH2  sing N N 332 
TRP OXT HXT  sing N N 333 
TYR N   CA   sing N N 334 
TYR N   H    sing N N 335 
TYR N   H2   sing N N 336 
TYR CA  C    sing N N 337 
TYR CA  CB   sing N N 338 
TYR CA  HA   sing N N 339 
TYR C   O    doub N N 340 
TYR C   OXT  sing N N 341 
TYR CB  CG   sing N N 342 
TYR CB  HB2  sing N N 343 
TYR CB  HB3  sing N N 344 
TYR CG  CD1  doub Y N 345 
TYR CG  CD2  sing Y N 346 
TYR CD1 CE1  sing Y N 347 
TYR CD1 HD1  sing N N 348 
TYR CD2 CE2  doub Y N 349 
TYR CD2 HD2  sing N N 350 
TYR CE1 CZ   doub Y N 351 
TYR CE1 HE1  sing N N 352 
TYR CE2 CZ   sing Y N 353 
TYR CE2 HE2  sing N N 354 
TYR CZ  OH   sing N N 355 
TYR OH  HH   sing N N 356 
TYR OXT HXT  sing N N 357 
VAL N   CA   sing N N 358 
VAL N   H    sing N N 359 
VAL N   H2   sing N N 360 
VAL CA  C    sing N N 361 
VAL CA  CB   sing N N 362 
VAL CA  HA   sing N N 363 
VAL C   O    doub N N 364 
VAL C   OXT  sing N N 365 
VAL CB  CG1  sing N N 366 
VAL CB  CG2  sing N N 367 
VAL CB  HB   sing N N 368 
VAL CG1 HG11 sing N N 369 
VAL CG1 HG12 sing N N 370 
VAL CG1 HG13 sing N N 371 
VAL CG2 HG21 sing N N 372 
VAL CG2 HG22 sing N N 373 
VAL CG2 HG23 sing N N 374 
VAL OXT HXT  sing N N 375 
# 
_pdbx_initial_refinement_model.id               1 
_pdbx_initial_refinement_model.entity_id_list   ? 
_pdbx_initial_refinement_model.type             'experimental model' 
_pdbx_initial_refinement_model.source_name      PDB 
_pdbx_initial_refinement_model.accession_code   4FVB 
_pdbx_initial_refinement_model.details          ? 
# 
_atom_sites.entry_id                    4FVD 
_atom_sites.fract_transf_matrix[1][1]   0.00719600 
_atom_sites.fract_transf_matrix[1][2]   -0.00411073 
_atom_sites.fract_transf_matrix[1][3]   -0.00932785 
_atom_sites.fract_transf_matrix[2][1]   0.00702646 
_atom_sites.fract_transf_matrix[2][2]   -0.01725485 
_atom_sites.fract_transf_matrix[2][3]   0.01302470 
_atom_sites.fract_transf_matrix[3][1]   -0.01006041 
_atom_sites.fract_transf_matrix[3][2]   -0.01344564 
_atom_sites.fract_transf_matrix[3][3]   -0.01238519 
_atom_sites.fract_transf_vector[1]      0.113451 
_atom_sites.fract_transf_vector[2]      0.352041 
_atom_sites.fract_transf_vector[3]      0.381383 
# 
loop_
_atom_type.symbol 
C  
N  
O  
S  
ZN 
# 
loop_
_atom_site.group_PDB 
_atom_site.id 
_atom_site.type_symbol 
_atom_site.label_atom_id 
_atom_site.label_alt_id 
_atom_site.label_comp_id 
_atom_site.label_asym_id 
_atom_site.label_entity_id 
_atom_site.label_seq_id 
_atom_site.pdbx_PDB_ins_code 
_atom_site.Cartn_x 
_atom_site.Cartn_y 
_atom_site.Cartn_z 
_atom_site.occupancy 
_atom_site.B_iso_or_equiv 
_atom_site.pdbx_formal_charge 
_atom_site.auth_seq_id 
_atom_site.auth_comp_id 
_atom_site.auth_asym_id 
_atom_site.auth_atom_id 
_atom_site.pdbx_PDB_model_num 
ATOM   1    N  N   . SER A 1 9   ? 12.168  2.056   4.692   1.00 45.74 ? 7   SER A N   1 
ATOM   2    C  CA  . SER A 1 9   ? 11.202  2.466   3.621   1.00 43.40 ? 7   SER A CA  1 
ATOM   3    C  C   . SER A 1 9   ? 10.538  1.232   3.000   1.00 41.60 ? 7   SER A C   1 
ATOM   4    O  O   . SER A 1 9   ? 11.029  0.087   3.110   1.00 40.79 ? 7   SER A O   1 
ATOM   5    C  CB  . SER A 1 9   ? 11.896  3.290   2.519   1.00 45.33 ? 7   SER A CB  1 
ATOM   6    O  OG  . SER A 1 9   ? 12.631  2.407   1.646   1.00 49.10 ? 7   SER A OG  1 
ATOM   7    N  N   . GLY A 1 10  ? 9.420   1.485   2.318   1.00 38.46 ? 8   GLY A N   1 
ATOM   8    C  CA  . GLY A 1 10  ? 8.584   0.411   1.724   1.00 34.43 ? 8   GLY A CA  1 
ATOM   9    C  C   . GLY A 1 10  ? 7.620   -0.202  2.733   1.00 31.90 ? 8   GLY A C   1 
ATOM   10   O  O   . GLY A 1 10  ? 6.881   -1.112  2.361   1.00 29.24 ? 8   GLY A O   1 
ATOM   11   N  N   . ALA A 1 11  ? 7.591   0.269   3.987   1.00 29.06 ? 9   ALA A N   1 
ATOM   12   C  CA  . ALA A 1 11  ? 6.628   -0.249  4.973   1.00 26.70 ? 9   ALA A CA  1 
ATOM   13   C  C   . ALA A 1 11  ? 6.033   0.838   5.872   1.00 26.80 ? 9   ALA A C   1 
ATOM   14   O  O   . ALA A 1 11  ? 6.633   1.906   6.064   1.00 28.98 ? 9   ALA A O   1 
ATOM   15   C  CB  . ALA A 1 11  ? 7.262   -1.299  5.850   1.00 26.86 ? 9   ALA A CB  1 
ATOM   16   N  N   . ILE A 1 12  ? 4.893   0.539   6.457   1.00 23.87 ? 10  ILE A N   1 
ATOM   17   C  CA  . ILE A 1 12  ? 4.282   1.442   7.447   1.00 23.31 ? 10  ILE A CA  1 
ATOM   18   C  C   . ILE A 1 12  ? 4.559   0.864   8.821   1.00 22.37 ? 10  ILE A C   1 
ATOM   19   O  O   . ILE A 1 12  ? 4.345   -0.335  9.058   1.00 22.61 ? 10  ILE A O   1 
ATOM   20   C  CB  . ILE A 1 12  ? 2.766   1.545   7.230   1.00 22.47 ? 10  ILE A CB  1 
ATOM   21   C  CG1 . ILE A 1 12  ? 2.372   2.055   5.792   1.00 22.68 ? 10  ILE A CG1 1 
ATOM   22   C  CG2 . ILE A 1 12  ? 2.071   2.350   8.383   1.00 20.42 ? 10  ILE A CG2 1 
ATOM   23   C  CD1 . ILE A 1 12  ? 0.917   1.523   5.519   1.00 23.31 ? 10  ILE A CD1 1 
ATOM   24   N  N   . TYR A 1 13  ? 5.132   1.671   9.744   1.00 22.78 ? 11  TYR A N   1 
ATOM   25   C  CA  . TYR A 1 13  ? 5.400   1.191   11.078  1.00 24.14 ? 11  TYR A CA  1 
ATOM   26   C  C   . TYR A 1 13  ? 4.511   1.970   12.052  1.00 24.63 ? 11  TYR A C   1 
ATOM   27   O  O   . TYR A 1 13  ? 4.718   3.191   12.244  1.00 28.65 ? 11  TYR A O   1 
ATOM   28   C  CB  . TYR A 1 13  ? 6.878   1.438   11.407  1.00 24.02 ? 11  TYR A CB  1 
ATOM   29   C  CG  . TYR A 1 13  ? 7.811   0.622   10.519  1.00 26.33 ? 11  TYR A CG  1 
ATOM   30   C  CD1 . TYR A 1 13  ? 8.084   -0.678  10.855  1.00 28.60 ? 11  TYR A CD1 1 
ATOM   31   C  CD2 . TYR A 1 13  ? 8.347   1.136   9.327   1.00 31.08 ? 11  TYR A CD2 1 
ATOM   32   C  CE1 . TYR A 1 13  ? 8.916   -1.471  10.041  1.00 34.22 ? 11  TYR A CE1 1 
ATOM   33   C  CE2 . TYR A 1 13  ? 9.192   0.347   8.511   1.00 30.51 ? 11  TYR A CE2 1 
ATOM   34   C  CZ  . TYR A 1 13  ? 9.446   -0.958  8.893   1.00 34.30 ? 11  TYR A CZ  1 
ATOM   35   O  OH  . TYR A 1 13  ? 10.235  -1.794  8.136   1.00 34.43 ? 11  TYR A OH  1 
ATOM   36   N  N   . VAL A 1 14  ? 3.548   1.301   12.645  1.00 25.84 ? 12  VAL A N   1 
ATOM   37   C  CA  . VAL A 1 14  ? 2.553   1.894   13.546  1.00 27.54 ? 12  VAL A CA  1 
ATOM   38   C  C   . VAL A 1 14  ? 2.508   1.007   14.761  1.00 26.72 ? 12  VAL A C   1 
ATOM   39   O  O   . VAL A 1 14  ? 2.404   -0.234  14.669  1.00 24.44 ? 12  VAL A O   1 
ATOM   40   C  CB  . VAL A 1 14  ? 1.099   1.840   12.954  1.00 29.45 ? 12  VAL A CB  1 
ATOM   41   C  CG1 . VAL A 1 14  ? 0.130   2.655   13.822  1.00 32.49 ? 12  VAL A CG1 1 
ATOM   42   C  CG2 . VAL A 1 14  ? 1.045   2.315   11.632  1.00 34.23 ? 12  VAL A CG2 1 
ATOM   43   N  N   . GLY A 1 15  ? 2.597   1.628   15.953  1.00 25.32 ? 13  GLY A N   1 
ATOM   44   C  CA  . GLY A 1 15  ? 2.711   0.841   17.133  1.00 26.92 ? 13  GLY A CA  1 
ATOM   45   C  C   . GLY A 1 15  ? 3.737   -0.256  16.966  1.00 25.07 ? 13  GLY A C   1 
ATOM   46   O  O   . GLY A 1 15  ? 4.835   0.018   16.543  1.00 26.45 ? 13  GLY A O   1 
ATOM   47   N  N   . ASN A 1 16  ? 3.380   -1.486  17.370  1.00 27.58 ? 14  ASN A N   1 
ATOM   48   C  CA  . ASN A 1 16  ? 4.275   -2.620  17.240  1.00 27.74 ? 14  ASN A CA  1 
ATOM   49   C  C   . ASN A 1 16  ? 3.946   -3.475  15.980  1.00 25.94 ? 14  ASN A C   1 
ATOM   50   O  O   . ASN A 1 16  ? 4.084   -4.689  15.999  1.00 26.05 ? 14  ASN A O   1 
ATOM   51   C  CB  . ASN A 1 16  ? 4.287   -3.510  18.479  1.00 29.63 ? 14  ASN A CB  1 
ATOM   52   C  CG  . ASN A 1 16  ? 4.864   -2.806  19.713  1.00 35.55 ? 14  ASN A CG  1 
ATOM   53   O  OD1 . ASN A 1 16  ? 6.000   -2.351  19.696  1.00 41.01 ? 14  ASN A OD1 1 
ATOM   54   N  ND2 . ASN A 1 16  ? 4.072   -2.717  20.755  1.00 37.59 ? 14  ASN A ND2 1 
ATOM   55   N  N   . PHE A 1 17  ? 3.530   -2.778  14.910  1.00 23.84 ? 15  PHE A N   1 
ATOM   56   C  CA  . PHE A 1 17  ? 3.194   -3.388  13.577  1.00 21.60 ? 15  PHE A CA  1 
ATOM   57   C  C   . PHE A 1 17  ? 4.025   -2.878  12.442  1.00 22.16 ? 15  PHE A C   1 
ATOM   58   O  O   . PHE A 1 17  ? 4.379   -1.711  12.369  1.00 22.31 ? 15  PHE A O   1 
ATOM   59   C  CB  . PHE A 1 17  ? 1.743   -3.146  13.294  1.00 21.14 ? 15  PHE A CB  1 
ATOM   60   C  CG  . PHE A 1 17  ? 0.811   -3.770  14.324  1.00 19.72 ? 15  PHE A CG  1 
ATOM   61   C  CD1 . PHE A 1 17  ? 0.774   -5.173  14.560  1.00 20.36 ? 15  PHE A CD1 1 
ATOM   62   C  CD2 . PHE A 1 17  ? -0.041  -2.922  15.059  1.00 24.05 ? 15  PHE A CD2 1 
ATOM   63   C  CE1 . PHE A 1 17  ? -0.113  -5.695  15.515  1.00 24.96 ? 15  PHE A CE1 1 
ATOM   64   C  CE2 . PHE A 1 17  ? -0.922  -3.459  15.997  1.00 23.42 ? 15  PHE A CE2 1 
ATOM   65   C  CZ  . PHE A 1 17  ? -0.959  -4.814  16.209  1.00 22.50 ? 15  PHE A CZ  1 
ATOM   66   N  N   . ARG A 1 18  ? 4.266   -3.741  11.452  1.00 20.86 ? 16  ARG A N   1 
ATOM   67   C  CA  . ARG A 1 18  ? 4.895   -3.337  10.256  1.00 19.73 ? 16  ARG A CA  1 
ATOM   68   C  C   . ARG A 1 18  ? 3.893   -3.737  9.122   1.00 20.94 ? 16  ARG A C   1 
ATOM   69   O  O   . ARG A 1 18  ? 3.501   -4.909  9.077   1.00 21.03 ? 16  ARG A O   1 
ATOM   70   C  CB  . ARG A 1 18  ? 6.197   -4.170  10.115  1.00 20.36 ? 16  ARG A CB  1 
ATOM   71   C  CG  . ARG A 1 18  ? 6.769   -4.160  8.595   1.00 22.37 ? 16  ARG A CG  1 
ATOM   72   C  CD  . ARG A 1 18  ? 8.260   -4.690  8.578   1.00 28.06 ? 16  ARG A CD  1 
ATOM   73   N  NE  . ARG A 1 18  ? 8.477   -5.542  7.409   1.00 27.12 ? 16  ARG A NE  1 
ATOM   74   C  CZ  . ARG A 1 18  ? 9.094   -5.165  6.312   1.00 25.89 ? 16  ARG A CZ  1 
ATOM   75   N  NH1 . ARG A 1 18  ? 9.568   -3.919  6.181   1.00 30.14 ? 16  ARG A NH1 1 
ATOM   76   N  NH2 . ARG A 1 18  ? 9.222   -6.040  5.294   1.00 27.76 ? 16  ARG A NH2 1 
ATOM   77   N  N   . VAL A 1 19  ? 3.492   -2.792  8.262   1.00 17.21 ? 17  VAL A N   1 
ATOM   78   C  CA  . VAL A 1 19  ? 2.524   -3.128  7.161   1.00 18.43 ? 17  VAL A CA  1 
ATOM   79   C  C   . VAL A 1 19  ? 3.278   -3.047  5.884   1.00 19.09 ? 17  VAL A C   1 
ATOM   80   O  O   . VAL A 1 19  ? 3.869   -2.041  5.576   1.00 20.06 ? 17  VAL A O   1 
ATOM   81   C  CB  . VAL A 1 19  ? 1.377   -2.111  7.168   1.00 18.00 ? 17  VAL A CB  1 
ATOM   82   C  CG1 . VAL A 1 19  ? 0.221   -2.531  6.201   1.00 19.20 ? 17  VAL A CG1 1 
ATOM   83   C  CG2 . VAL A 1 19  ? 0.811   -1.873  8.598   1.00 21.73 ? 17  VAL A CG2 1 
ATOM   84   N  N   . VAL A 1 20  ? 3.184   -4.101  5.055   1.00 19.18 ? 18  VAL A N   1 
ATOM   85   C  CA  . VAL A 1 20  ? 3.900   -4.175  3.802   1.00 19.47 ? 18  VAL A CA  1 
ATOM   86   C  C   . VAL A 1 20  ? 3.015   -4.782  2.764   1.00 17.37 ? 18  VAL A C   1 
ATOM   87   O  O   . VAL A 1 20  ? 1.979   -5.321  3.084   1.00 17.63 ? 18  VAL A O   1 
ATOM   88   C  CB  . VAL A 1 20  ? 5.198   -5.100  3.922   1.00 20.78 ? 18  VAL A CB  1 
ATOM   89   C  CG1 . VAL A 1 20  ? 6.237   -4.369  4.749   1.00 26.62 ? 18  VAL A CG1 1 
ATOM   90   C  CG2 . VAL A 1 20  ? 4.847   -6.482  4.471   1.00 19.58 ? 18  VAL A CG2 1 
ATOM   91   N  N   . ASN A 1 21  ? 3.346   -4.561  1.498   1.00 15.75 ? 19  ASN A N   1 
ATOM   92   C  CA  . ASN A 1 21  ? 2.686   -5.293  0.404   1.00 15.30 ? 19  ASN A CA  1 
ATOM   93   C  C   . ASN A 1 21  ? 2.887   -6.765  0.701   1.00 14.83 ? 19  ASN A C   1 
ATOM   94   O  O   . ASN A 1 21  ? 4.065   -7.201  0.909   1.00 16.24 ? 19  ASN A O   1 
ATOM   95   C  CB  . ASN A 1 21  ? 3.323   -5.002  -0.937  1.00 15.87 ? 19  ASN A CB  1 
ATOM   96   C  CG  . ASN A 1 21  ? 3.104   -3.552  -1.355  1.00 14.70 ? 19  ASN A CG  1 
ATOM   97   O  OD1 . ASN A 1 21  ? 2.005   -3.251  -1.975  1.00 21.47 ? 19  ASN A OD1 1 
ATOM   98   N  ND2 . ASN A 1 21  ? 4.046   -2.682  -1.070  1.00 16.14 ? 19  ASN A ND2 1 
ATOM   99   N  N   . ARG A 1 22  ? 1.838   -7.546  0.558   1.00 15.12 ? 20  ARG A N   1 
ATOM   100  C  CA  . ARG A 1 22  ? 2.003   -8.994  0.819   1.00 17.53 ? 20  ARG A CA  1 
ATOM   101  C  C   . ARG A 1 22  ? 3.014   -9.571  -0.125  1.00 17.92 ? 20  ARG A C   1 
ATOM   102  O  O   . ARG A 1 22  ? 3.815   -10.470 0.265   1.00 17.75 ? 20  ARG A O   1 
ATOM   103  C  CB  . ARG A 1 22  ? 0.699   -9.728  0.619   1.00 18.36 ? 20  ARG A CB  1 
ATOM   104  C  CG  . ARG A 1 22  ? 0.658   -11.123 1.208   1.00 16.32 ? 20  ARG A CG  1 
ATOM   105  C  CD  . ARG A 1 22  ? -0.743  -11.733 0.810   1.00 14.50 ? 20  ARG A CD  1 
ATOM   106  N  NE  . ARG A 1 22  ? -0.894  -13.092 1.381   1.00 18.33 ? 20  ARG A NE  1 
ATOM   107  C  CZ  . ARG A 1 22  ? -0.407  -14.227 0.857   1.00 22.97 ? 20  ARG A CZ  1 
ATOM   108  N  NH1 . ARG A 1 22  ? 0.316   -14.228 -0.240  1.00 21.41 ? 20  ARG A NH1 1 
ATOM   109  N  NH2 . ARG A 1 22  ? -0.655  -15.412 1.451   1.00 23.65 ? 20  ARG A NH2 1 
ATOM   110  N  N   . HIS A 1 23  ? 2.978   -9.132  -1.386  1.00 16.57 ? 21  HIS A N   1 
ATOM   111  C  CA  . HIS A 1 23  ? 3.861   -9.751  -2.373  1.00 18.06 ? 21  HIS A CA  1 
ATOM   112  C  C   . HIS A 1 23  ? 5.344   -9.436  -2.149  1.00 19.63 ? 21  HIS A C   1 
ATOM   113  O  O   . HIS A 1 23  ? 6.185   -10.094 -2.803  1.00 18.94 ? 21  HIS A O   1 
ATOM   114  C  CB  . HIS A 1 23  ? 3.417   -9.378  -3.830  1.00 16.53 ? 21  HIS A CB  1 
ATOM   115  C  CG  . HIS A 1 23  ? 3.760   -7.987  -4.290  1.00 17.50 ? 21  HIS A CG  1 
ATOM   116  N  ND1 . HIS A 1 23  ? 2.920   -6.899  -4.123  1.00 18.53 ? 21  HIS A ND1 1 
ATOM   117  C  CD2 . HIS A 1 23  ? 4.792   -7.546  -5.043  1.00 17.12 ? 21  HIS A CD2 1 
ATOM   118  C  CE1 . HIS A 1 23  ? 3.467   -5.834  -4.682  1.00 18.33 ? 21  HIS A CE1 1 
ATOM   119  N  NE2 . HIS A 1 23  ? 4.581   -6.200  -5.286  1.00 16.34 ? 21  HIS A NE2 1 
ATOM   120  N  N   . LEU A 1 24  ? 5.640   -8.464  -1.237  1.00 18.37 ? 22  LEU A N   1 
ATOM   121  C  CA  . LEU A 1 24  ? 7.030   -8.110  -0.926  1.00 19.19 ? 22  LEU A CA  1 
ATOM   122  C  C   . LEU A 1 24  ? 7.482   -8.569  0.451   1.00 21.25 ? 22  LEU A C   1 
ATOM   123  O  O   . LEU A 1 24  ? 8.606   -8.203  0.914   1.00 22.47 ? 22  LEU A O   1 
ATOM   124  C  CB  . LEU A 1 24  ? 7.213   -6.583  -0.989  1.00 18.49 ? 22  LEU A CB  1 
ATOM   125  C  CG  . LEU A 1 24  ? 6.903   -6.032  -2.380  1.00 18.12 ? 22  LEU A CG  1 
ATOM   126  C  CD1 . LEU A 1 24  ? 6.980   -4.442  -2.433  1.00 21.99 ? 22  LEU A CD1 1 
ATOM   127  C  CD2 . LEU A 1 24  ? 7.753   -6.650  -3.525  1.00 22.86 ? 22  LEU A CD2 1 
ATOM   128  N  N   . ALA A 1 25  ? 6.616   -9.299  1.157   1.00 18.95 ? 23  ALA A N   1 
ATOM   129  C  CA  . ALA A 1 25  ? 6.920   -9.712  2.543   1.00 20.89 ? 23  ALA A CA  1 
ATOM   130  C  C   . ALA A 1 25  ? 8.228   -10.508 2.585   1.00 22.52 ? 23  ALA A C   1 
ATOM   131  O  O   . ALA A 1 25  ? 8.590   -11.240 1.657   1.00 20.94 ? 23  ALA A O   1 
ATOM   132  C  CB  . ALA A 1 25  ? 5.787   -10.564 3.075   1.00 18.30 ? 23  ALA A CB  1 
ATOM   133  N  N   . THR A 1 26  ? 8.887   -10.417 3.719   1.00 24.45 ? 24  THR A N   1 
ATOM   134  C  CA  . THR A 1 26  ? 10.150  -11.157 3.968   1.00 25.77 ? 24  THR A CA  1 
ATOM   135  C  C   . THR A 1 26  ? 9.871   -12.377 4.810   1.00 27.09 ? 24  THR A C   1 
ATOM   136  O  O   . THR A 1 26  ? 8.817   -12.558 5.445   1.00 25.67 ? 24  THR A O   1 
ATOM   137  C  CB  . THR A 1 26  ? 11.152  -10.260 4.703   1.00 26.75 ? 24  THR A CB  1 
ATOM   138  O  OG1 . THR A 1 26  ? 10.607  -9.948  5.979   1.00 25.57 ? 24  THR A OG1 1 
ATOM   139  C  CG2 . THR A 1 26  ? 11.396  -9.006  3.948   1.00 25.01 ? 24  THR A CG2 1 
ATOM   140  N  N   . HIS A 1 27  ? 10.851  -13.268 4.807   1.00 29.28 ? 25  HIS A N   1 
ATOM   141  C  CA  . HIS A 1 27  ? 10.891  -14.326 5.770   1.00 31.88 ? 25  HIS A CA  1 
ATOM   142  C  C   . HIS A 1 27  ? 10.610  -13.839 7.195   1.00 30.41 ? 25  HIS A C   1 
ATOM   143  O  O   . HIS A 1 27  ? 9.771   -14.425 7.890   1.00 29.93 ? 25  HIS A O   1 
ATOM   144  C  CB  . HIS A 1 27  ? 12.252  -15.095 5.682   1.00 32.63 ? 25  HIS A CB  1 
ATOM   145  C  CG  . HIS A 1 27  ? 12.205  -16.383 6.420   1.00 40.31 ? 25  HIS A CG  1 
ATOM   146  N  ND1 . HIS A 1 27  ? 12.650  -16.509 7.726   1.00 45.82 ? 25  HIS A ND1 1 
ATOM   147  C  CD2 . HIS A 1 27  ? 11.687  -17.591 6.074   1.00 44.67 ? 25  HIS A CD2 1 
ATOM   148  C  CE1 . HIS A 1 27  ? 12.462  -17.758 8.131   1.00 45.05 ? 25  HIS A CE1 1 
ATOM   149  N  NE2 . HIS A 1 27  ? 11.867  -18.431 7.156   1.00 46.63 ? 25  HIS A NE2 1 
ATOM   150  N  N   . ASN A 1 28  ? 11.278  -12.766 7.638   1.00 30.48 ? 26  ASN A N   1 
ATOM   151  C  CA  . ASN A 1 28  ? 11.027  -12.316 9.019   1.00 31.76 ? 26  ASN A CA  1 
ATOM   152  C  C   . ASN A 1 28  ? 9.541   -11.866 9.181   1.00 29.61 ? 26  ASN A C   1 
ATOM   153  O  O   . ASN A 1 28  ? 8.896   -12.127 10.228  1.00 30.34 ? 26  ASN A O   1 
ATOM   154  C  CB  . ASN A 1 28  ? 11.954  -11.172 9.428   1.00 33.22 ? 26  ASN A CB  1 
ATOM   155  C  CG  . ASN A 1 28  ? 11.831  -10.848 10.935  1.00 39.97 ? 26  ASN A CG  1 
ATOM   156  O  OD1 . ASN A 1 28  ? 12.255  -11.671 11.769  1.00 47.86 ? 26  ASN A OD1 1 
ATOM   157  N  ND2 . ASN A 1 28  ? 11.229  -9.698  11.287  1.00 42.10 ? 26  ASN A ND2 1 
ATOM   158  N  N   . ASP A 1 29  ? 8.973   -11.228 8.133   1.00 27.72 ? 27  ASP A N   1 
ATOM   159  C  CA  . ASP A 1 29  ? 7.480   -10.939 8.168   1.00 25.46 ? 27  ASP A CA  1 
ATOM   160  C  C   . ASP A 1 29  ? 6.649   -12.135 8.425   1.00 23.99 ? 27  ASP A C   1 
ATOM   161  O  O   . ASP A 1 29  ? 5.706   -12.106 9.219   1.00 23.69 ? 27  ASP A O   1 
ATOM   162  C  CB  . ASP A 1 29  ? 6.945   -10.199 6.883   1.00 24.19 ? 27  ASP A CB  1 
ATOM   163  C  CG  . ASP A 1 29  ? 7.498   -8.853  6.747   1.00 24.32 ? 27  ASP A CG  1 
ATOM   164  O  OD1 . ASP A 1 29  ? 7.551   -8.135  7.771   1.00 26.07 ? 27  ASP A OD1 1 
ATOM   165  O  OD2 . ASP A 1 29  ? 7.928   -8.473  5.645   1.00 24.98 ? 27  ASP A OD2 1 
ATOM   166  N  N   . TRP A 1 30  ? 6.922   -13.238 7.710   1.00 25.29 ? 28  TRP A N   1 
ATOM   167  C  CA  . TRP A 1 30  ? 6.123   -14.408 7.865   1.00 26.72 ? 28  TRP A CA  1 
ATOM   168  C  C   . TRP A 1 30  ? 6.334   -15.058 9.289   1.00 26.18 ? 28  TRP A C   1 
ATOM   169  O  O   . TRP A 1 30  ? 5.406   -15.594 9.916   1.00 27.31 ? 28  TRP A O   1 
ATOM   170  C  CB  . TRP A 1 30  ? 6.459   -15.357 6.721   1.00 25.38 ? 28  TRP A CB  1 
ATOM   171  C  CG  . TRP A 1 30  ? 5.878   -14.981 5.429   1.00 25.48 ? 28  TRP A CG  1 
ATOM   172  C  CD1 . TRP A 1 30  ? 6.546   -14.522 4.362   1.00 24.80 ? 28  TRP A CD1 1 
ATOM   173  C  CD2 . TRP A 1 30  ? 4.489   -15.033 5.045   1.00 20.61 ? 28  TRP A CD2 1 
ATOM   174  N  NE1 . TRP A 1 30  ? 5.677   -14.276 3.308   1.00 25.60 ? 28  TRP A NE1 1 
ATOM   175  C  CE2 . TRP A 1 30  ? 4.407   -14.552 3.711   1.00 24.08 ? 28  TRP A CE2 1 
ATOM   176  C  CE3 . TRP A 1 30  ? 3.306   -15.379 5.700   1.00 22.49 ? 28  TRP A CE3 1 
ATOM   177  C  CZ2 . TRP A 1 30  ? 3.182   -14.473 3.009   1.00 23.28 ? 28  TRP A CZ2 1 
ATOM   178  C  CZ3 . TRP A 1 30  ? 2.116   -15.309 5.015   1.00 21.75 ? 28  TRP A CZ3 1 
ATOM   179  C  CH2 . TRP A 1 30  ? 2.057   -14.847 3.675   1.00 22.53 ? 28  TRP A CH2 1 
ATOM   180  N  N   . ALA A 1 31  ? 7.553   -14.935 9.824   1.00 29.89 ? 29  ALA A N   1 
ATOM   181  C  CA  . ALA A 1 31  ? 7.894   -15.502 11.145  1.00 30.99 ? 29  ALA A CA  1 
ATOM   182  C  C   . ALA A 1 31  ? 7.092   -14.793 12.224  1.00 31.86 ? 29  ALA A C   1 
ATOM   183  O  O   . ALA A 1 31  ? 6.685   -15.391 13.224  1.00 32.52 ? 29  ALA A O   1 
ATOM   184  C  CB  . ALA A 1 31  ? 9.355   -15.347 11.402  1.00 31.65 ? 29  ALA A CB  1 
ATOM   185  N  N   . ASN A 1 32  ? 6.793   -13.513 11.967  1.00 29.48 ? 30  ASN A N   1 
ATOM   186  C  CA  . ASN A 1 32  ? 6.168   -12.679 12.939  1.00 29.86 ? 30  ASN A CA  1 
ATOM   187  C  C   . ASN A 1 32  ? 4.790   -12.222 12.462  1.00 27.98 ? 30  ASN A C   1 
ATOM   188  O  O   . ASN A 1 32  ? 4.356   -11.085 12.734  1.00 27.46 ? 30  ASN A O   1 
ATOM   189  C  CB  . ASN A 1 32  ? 7.039   -11.480 13.172  1.00 29.91 ? 30  ASN A CB  1 
ATOM   190  C  CG  . ASN A 1 32  ? 8.337   -11.864 13.869  1.00 33.87 ? 30  ASN A CG  1 
ATOM   191  O  OD1 . ASN A 1 32  ? 9.393   -11.893 13.252  1.00 33.08 ? 30  ASN A OD1 1 
ATOM   192  N  ND2 . ASN A 1 32  ? 8.250   -12.155 15.157  1.00 37.46 ? 30  ASN A ND2 1 
ATOM   193  N  N   . LEU A 1 33  ? 4.127   -13.121 11.762  1.00 27.45 ? 31  LEU A N   1 
ATOM   194  C  CA  . LEU A 1 33  ? 2.888   -12.746 11.063  1.00 24.40 ? 31  LEU A CA  1 
ATOM   195  C  C   . LEU A 1 33  ? 1.826   -12.397 12.093  1.00 27.55 ? 31  LEU A C   1 
ATOM   196  O  O   . LEU A 1 33  ? 1.671   -13.105 13.122  1.00 27.87 ? 31  LEU A O   1 
ATOM   197  C  CB  . LEU A 1 33  ? 2.415   -13.919 10.204  1.00 27.06 ? 31  LEU A CB  1 
ATOM   198  C  CG  . LEU A 1 33  ? 1.076   -13.715 9.439   1.00 24.95 ? 31  LEU A CG  1 
ATOM   199  C  CD1 . LEU A 1 33  ? 1.239   -12.561 8.360   1.00 22.56 ? 31  LEU A CD1 1 
ATOM   200  C  CD2 . LEU A 1 33  ? 0.610   -15.006 8.752   1.00 24.75 ? 31  LEU A CD2 1 
ATOM   201  N  N   . VAL A 1 34  ? 1.121   -11.291 11.834  1.00 23.20 ? 32  VAL A N   1 
ATOM   202  C  CA  . VAL A 1 34  ? -0.074  -10.895 12.532  1.00 23.62 ? 32  VAL A CA  1 
ATOM   203  C  C   . VAL A 1 34  ? -1.333  -11.089 11.704  1.00 23.23 ? 32  VAL A C   1 
ATOM   204  O  O   . VAL A 1 34  ? -2.353  -11.570 12.227  1.00 23.21 ? 32  VAL A O   1 
ATOM   205  C  CB  . VAL A 1 34  ? 0.033   -9.413  12.994  1.00 21.48 ? 32  VAL A CB  1 
ATOM   206  C  CG1 . VAL A 1 34  ? -1.291  -8.948  13.606  1.00 23.92 ? 32  VAL A CG1 1 
ATOM   207  C  CG2 . VAL A 1 34  ? 1.197   -9.276  13.919  1.00 26.20 ? 32  VAL A CG2 1 
ATOM   208  N  N   . TRP A 1 35  ? -1.292  -10.664 10.400  1.00 21.31 ? 33  TRP A N   1 
ATOM   209  C  CA  . TRP A 1 35  ? -2.474  -10.724 9.599   1.00 20.22 ? 33  TRP A CA  1 
ATOM   210  C  C   . TRP A 1 35  ? -2.027  -10.582 8.136   1.00 19.30 ? 33  TRP A C   1 
ATOM   211  O  O   . TRP A 1 35  ? -1.080  -9.834  7.829   1.00 20.29 ? 33  TRP A O   1 
ATOM   212  C  CB  . TRP A 1 35  ? -3.401  -9.541  9.991   1.00 21.50 ? 33  TRP A CB  1 
ATOM   213  C  CG  . TRP A 1 35  ? -4.598  -9.276  9.076   1.00 22.71 ? 33  TRP A CG  1 
ATOM   214  C  CD1 . TRP A 1 35  ? -5.816  -9.873  9.166   1.00 31.32 ? 33  TRP A CD1 1 
ATOM   215  C  CD2 . TRP A 1 35  ? -4.711  -8.284  8.015   1.00 22.65 ? 33  TRP A CD2 1 
ATOM   216  N  NE1 . TRP A 1 35  ? -6.665  -9.372  8.202   1.00 32.17 ? 33  TRP A NE1 1 
ATOM   217  C  CE2 . TRP A 1 35  ? -6.024  -8.383  7.497   1.00 28.96 ? 33  TRP A CE2 1 
ATOM   218  C  CE3 . TRP A 1 35  ? -3.819  -7.358  7.443   1.00 20.37 ? 33  TRP A CE3 1 
ATOM   219  C  CZ2 . TRP A 1 35  ? -6.499  -7.565  6.404   1.00 26.48 ? 33  TRP A CZ2 1 
ATOM   220  C  CZ3 . TRP A 1 35  ? -4.301  -6.504  6.347   1.00 20.93 ? 33  TRP A CZ3 1 
ATOM   221  C  CH2 . TRP A 1 35  ? -5.642  -6.632  5.861   1.00 20.62 ? 33  TRP A CH2 1 
ATOM   222  N  N   . GLU A 1 36  ? -2.729  -11.232 7.227   1.00 19.18 ? 34  GLU A N   1 
ATOM   223  C  CA  . GLU A 1 36  ? -2.446  -11.068 5.796   1.00 19.70 ? 34  GLU A CA  1 
ATOM   224  C  C   . GLU A 1 36  ? -3.666  -11.282 4.953   1.00 18.69 ? 34  GLU A C   1 
ATOM   225  O  O   . GLU A 1 36  ? -4.587  -11.990 5.350   1.00 20.94 ? 34  GLU A O   1 
ATOM   226  C  CB  . GLU A 1 36  ? -1.345  -11.984 5.298   1.00 19.73 ? 34  GLU A CB  1 
ATOM   227  C  CG  . GLU A 1 36  ? -1.513  -13.509 5.654   1.00 22.17 ? 34  GLU A CG  1 
ATOM   228  C  CD  . GLU A 1 36  ? -2.449  -14.215 4.738   1.00 27.20 ? 34  GLU A CD  1 
ATOM   229  O  OE1 . GLU A 1 36  ? -3.125  -15.179 5.225   1.00 27.57 ? 34  GLU A OE1 1 
ATOM   230  O  OE2 . GLU A 1 36  ? -2.523  -13.848 3.531   1.00 22.58 ? 34  GLU A OE2 1 
ATOM   231  N  N   . ASP A 1 37  ? -3.709  -10.552 3.824   1.00 17.06 ? 35  ASP A N   1 
ATOM   232  C  CA  . ASP A 1 37  ? -4.857  -10.657 2.963   1.00 16.83 ? 35  ASP A CA  1 
ATOM   233  C  C   . ASP A 1 37  ? -4.387  -10.555 1.520   1.00 17.97 ? 35  ASP A C   1 
ATOM   234  O  O   . ASP A 1 37  ? -4.054  -9.454  1.049   1.00 18.33 ? 35  ASP A O   1 
ATOM   235  C  CB  . ASP A 1 37  ? -5.904  -9.603  3.380   1.00 16.78 ? 35  ASP A CB  1 
ATOM   236  C  CG  . ASP A 1 37  ? -7.194  -9.736  2.662   1.00 20.74 ? 35  ASP A CG  1 
ATOM   237  O  OD1 . ASP A 1 37  ? -7.259  -10.264 1.568   1.00 23.86 ? 35  ASP A OD1 1 
ATOM   238  O  OD2 . ASP A 1 37  ? -8.211  -9.197  3.188   1.00 23.81 ? 35  ASP A OD2 1 
ATOM   239  N  N   . SER A 1 38  ? -4.372  -11.703 0.809   1.00 17.18 ? 36  SER A N   1 
ATOM   240  C  CA  . SER A 1 38  ? -4.016  -11.668 -0.629  1.00 17.79 ? 36  SER A CA  1 
ATOM   241  C  C   . SER A 1 38  ? -4.975  -10.789 -1.456  1.00 15.51 ? 36  SER A C   1 
ATOM   242  O  O   . SER A 1 38  ? -4.528  -10.189 -2.424  1.00 17.88 ? 36  SER A O   1 
ATOM   243  C  CB  . SER A 1 38  ? -4.089  -13.111 -1.230  1.00 21.69 ? 36  SER A CB  1 
ATOM   244  O  OG  . SER A 1 38  ? -2.938  -13.855 -0.785  1.00 28.51 ? 36  SER A OG  1 
ATOM   245  N  N   . SER A 1 39  ? -6.280  -10.736 -1.129  1.00 15.58 ? 37  SER A N   1 
ATOM   246  C  CA  . SER A 1 39  ? -7.207  -9.969  -1.958  1.00 15.53 ? 37  SER A CA  1 
ATOM   247  C  C   . SER A 1 39  ? -6.936  -8.455  -1.793  1.00 14.87 ? 37  SER A C   1 
ATOM   248  O  O   . SER A 1 39  ? -7.409  -7.684  -2.577  1.00 15.95 ? 37  SER A O   1 
ATOM   249  C  CB  . SER A 1 39  ? -8.662  -10.288 -1.579  1.00 15.59 ? 37  SER A CB  1 
ATOM   250  O  OG  . SER A 1 39  ? -8.928  -9.907  -0.254  1.00 20.57 ? 37  SER A OG  1 
ATOM   251  N  N   . ARG A 1 40  ? -6.193  -8.087  -0.755  1.00 13.87 ? 38  ARG A N   1 
ATOM   252  C  CA  . ARG A 1 40  ? -5.777  -6.663  -0.596  1.00 15.99 ? 38  ARG A CA  1 
ATOM   253  C  C   . ARG A 1 40  ? -4.329  -6.361  -0.905  1.00 17.10 ? 38  ARG A C   1 
ATOM   254  O  O   . ARG A 1 40  ? -3.952  -5.157  -0.922  1.00 15.43 ? 38  ARG A O   1 
ATOM   255  C  CB  . ARG A 1 40  ? -6.070  -6.202  0.843   1.00 14.56 ? 38  ARG A CB  1 
ATOM   256  C  CG  . ARG A 1 40  ? -7.582  -6.219  1.059   1.00 14.44 ? 38  ARG A CG  1 
ATOM   257  C  CD  . ARG A 1 40  ? -7.964  -5.836  2.499   1.00 15.67 ? 38  ARG A CD  1 
ATOM   258  N  NE  . ARG A 1 40  ? -7.563  -4.425  2.806   1.00 15.28 ? 38  ARG A NE  1 
ATOM   259  C  CZ  . ARG A 1 40  ? -8.091  -3.700  3.777   1.00 15.57 ? 38  ARG A CZ  1 
ATOM   260  N  NH1 . ARG A 1 40  ? -9.048  -4.205  4.587   1.00 16.84 ? 38  ARG A NH1 1 
ATOM   261  N  NH2 . ARG A 1 40  ? -7.693  -2.390  3.912   1.00 14.79 ? 38  ARG A NH2 1 
ATOM   262  N  N   . ASP A 1 41  ? -3.505  -7.395  -1.136  1.00 14.62 ? 39  ASP A N   1 
ATOM   263  C  CA  . ASP A 1 41  ? -2.084  -7.326  -1.297  1.00 15.07 ? 39  ASP A CA  1 
ATOM   264  C  C   . ASP A 1 41  ? -1.432  -6.736  0.002   1.00 14.57 ? 39  ASP A C   1 
ATOM   265  O  O   . ASP A 1 41  ? -0.459  -5.973  -0.057  1.00 16.20 ? 39  ASP A O   1 
ATOM   266  C  CB  . ASP A 1 41  ? -1.631  -6.490  -2.523  1.00 14.64 ? 39  ASP A CB  1 
ATOM   267  C  CG  . ASP A 1 41  ? -0.085  -6.463  -2.688  1.00 17.44 ? 39  ASP A CG  1 
ATOM   268  O  OD1 . ASP A 1 41  ? 0.556   -7.546  -2.481  1.00 17.20 ? 39  ASP A OD1 1 
ATOM   269  O  OD2 . ASP A 1 41  ? 0.453   -5.397  -3.144  1.00 16.83 ? 39  ASP A OD2 1 
ATOM   270  N  N   . LEU A 1 42  ? -2.009  -7.053  1.161   1.00 13.79 ? 40  LEU A N   1 
ATOM   271  C  CA  . LEU A 1 42  ? -1.457  -6.525  2.450   1.00 14.80 ? 40  LEU A CA  1 
ATOM   272  C  C   . LEU A 1 42  ? -0.937  -7.580  3.398   1.00 14.84 ? 40  LEU A C   1 
ATOM   273  O  O   . LEU A 1 42  ? -1.535  -8.672  3.481   1.00 17.22 ? 40  LEU A O   1 
ATOM   274  C  CB  . LEU A 1 42  ? -2.545  -5.700  3.217   1.00 16.71 ? 40  LEU A CB  1 
ATOM   275  C  CG  . LEU A 1 42  ? -2.880  -4.325  2.533   1.00 16.90 ? 40  LEU A CG  1 
ATOM   276  C  CD1 . LEU A 1 42  ? -4.002  -3.606  3.405   1.00 17.30 ? 40  LEU A CD1 1 
ATOM   277  C  CD2 . LEU A 1 42  ? -1.580  -3.420  2.391   1.00 16.82 ? 40  LEU A CD2 1 
ATOM   278  N  N   . LEU A 1 43  ? 0.120   -7.282  4.215   1.00 15.64 ? 41  LEU A N   1 
ATOM   279  C  CA  . LEU A 1 43  ? 0.553   -8.250  5.223   1.00 15.80 ? 41  LEU A CA  1 
ATOM   280  C  C   . LEU A 1 43  ? 0.958   -7.363  6.382   1.00 16.73 ? 41  LEU A C   1 
ATOM   281  O  O   . LEU A 1 43  ? 1.618   -6.384  6.141   1.00 18.60 ? 41  LEU A O   1 
ATOM   282  C  CB  . LEU A 1 43  ? 1.721   -9.098  4.670   1.00 15.13 ? 41  LEU A CB  1 
ATOM   283  C  CG  . LEU A 1 43  ? 2.285   -10.084 5.777   1.00 19.90 ? 41  LEU A CG  1 
ATOM   284  C  CD1 . LEU A 1 43  ? 2.650   -11.445 5.081   1.00 19.96 ? 41  LEU A CD1 1 
ATOM   285  C  CD2 . LEU A 1 43  ? 3.490   -9.467  6.519   1.00 20.56 ? 41  LEU A CD2 1 
ATOM   286  N  N   . VAL A 1 44  ? 0.640   -7.779  7.590   1.00 17.44 ? 42  VAL A N   1 
ATOM   287  C  CA  . VAL A 1 44  ? 1.081   -7.038  8.805   1.00 16.95 ? 42  VAL A CA  1 
ATOM   288  C  C   . VAL A 1 44  ? 1.869   -8.045  9.692   1.00 19.00 ? 42  VAL A C   1 
ATOM   289  O  O   . VAL A 1 44  ? 1.376   -9.195  9.941   1.00 21.69 ? 42  VAL A O   1 
ATOM   290  C  CB  . VAL A 1 44  ? -0.141  -6.486  9.588   1.00 18.69 ? 42  VAL A CB  1 
ATOM   291  C  CG1 . VAL A 1 44  ? 0.381   -5.807  10.903  1.00 21.23 ? 42  VAL A CG1 1 
ATOM   292  C  CG2 . VAL A 1 44  ? -0.976  -5.503  8.755   1.00 19.35 ? 42  VAL A CG2 1 
ATOM   293  N  N   . SER A 1 45  ? 3.059   -7.617  10.100  1.00 20.96 ? 43  SER A N   1 
ATOM   294  C  CA  . SER A 1 45  ? 3.916   -8.408  10.996  1.00 19.78 ? 43  SER A CA  1 
ATOM   295  C  C   . SER A 1 45  ? 4.181   -7.595  12.314  1.00 23.40 ? 43  SER A C   1 
ATOM   296  O  O   . SER A 1 45  ? 4.087   -6.317  12.343  1.00 24.04 ? 43  SER A O   1 
ATOM   297  C  CB  . SER A 1 45  ? 5.223   -8.746  10.291  1.00 19.27 ? 43  SER A CB  1 
ATOM   298  O  OG  . SER A 1 45  ? 5.983   -7.641  9.926   1.00 23.54 ? 43  SER A OG  1 
ATOM   299  N  N   . SER A 1 46  ? 4.573   -8.350  13.344  1.00 26.27 ? 44  SER A N   1 
ATOM   300  C  CA  . SER A 1 46  ? 4.898   -7.771  14.704  1.00 29.45 ? 44  SER A CA  1 
ATOM   301  C  C   . SER A 1 46  ? 6.282   -7.218  14.721  1.00 30.57 ? 44  SER A C   1 
ATOM   302  O  O   . SER A 1 46  ? 7.192   -7.857  14.189  1.00 29.35 ? 44  SER A O   1 
ATOM   303  C  CB  . SER A 1 46  ? 4.966   -8.901  15.743  1.00 29.20 ? 44  SER A CB  1 
ATOM   304  O  OG  . SER A 1 46  ? 3.673   -9.273  15.993  1.00 35.12 ? 44  SER A OG  1 
ATOM   305  N  N   . THR A 1 47  ? 6.462   -6.097  15.422  1.00 30.73 ? 45  THR A N   1 
ATOM   306  C  CA  . THR A 1 47  ? 7.774   -5.553  15.538  1.00 35.09 ? 45  THR A CA  1 
ATOM   307  C  C   . THR A 1 47  ? 8.124   -5.494  17.043  1.00 36.99 ? 45  THR A C   1 
ATOM   308  O  O   . THR A 1 47  ? 7.259   -5.605  17.956  1.00 36.07 ? 45  THR A O   1 
ATOM   309  C  CB  . THR A 1 47  ? 7.915   -4.085  14.955  1.00 34.26 ? 45  THR A CB  1 
ATOM   310  O  OG1 . THR A 1 47  ? 7.121   -3.201  15.758  1.00 35.29 ? 45  THR A OG1 1 
ATOM   311  C  CG2 . THR A 1 47  ? 7.476   -3.996  13.468  1.00 34.78 ? 45  THR A CG2 1 
ATOM   312  N  N   . THR A 1 48  ? 9.407   -5.304  17.259  1.00 40.05 ? 46  THR A N   1 
ATOM   313  C  CA  . THR A 1 48  ? 9.914   -5.160  18.584  1.00 44.03 ? 46  THR A CA  1 
ATOM   314  C  C   . THR A 1 48  ? 10.016  -3.686  19.017  1.00 44.89 ? 46  THR A C   1 
ATOM   315  O  O   . THR A 1 48  ? 9.865   -3.383  20.200  1.00 46.65 ? 46  THR A O   1 
ATOM   316  C  CB  . THR A 1 48  ? 11.247  -5.899  18.708  1.00 43.66 ? 46  THR A CB  1 
ATOM   317  O  OG1 . THR A 1 48  ? 11.608  -5.841  20.069  1.00 50.42 ? 46  THR A OG1 1 
ATOM   318  C  CG2 . THR A 1 48  ? 12.375  -5.279  17.814  1.00 44.14 ? 46  THR A CG2 1 
ATOM   319  N  N   . ALA A 1 49  ? 10.272  -2.788  18.067  1.00 44.88 ? 47  ALA A N   1 
ATOM   320  C  CA  . ALA A 1 49  ? 10.209  -1.345  18.303  1.00 44.60 ? 47  ALA A CA  1 
ATOM   321  C  C   . ALA A 1 49  ? 8.818   -0.705  17.991  1.00 44.91 ? 47  ALA A C   1 
ATOM   322  O  O   . ALA A 1 49  ? 8.043   -1.196  17.162  1.00 45.14 ? 47  ALA A O   1 
ATOM   323  C  CB  . ALA A 1 49  ? 11.269  -0.649  17.475  1.00 44.90 ? 47  ALA A CB  1 
ATOM   324  N  N   . GLN A 1 50  ? 8.520   0.405   18.653  1.00 44.00 ? 48  GLN A N   1 
ATOM   325  C  CA  . GLN A 1 50  ? 7.306   1.175   18.381  1.00 43.01 ? 48  GLN A CA  1 
ATOM   326  C  C   . GLN A 1 50  ? 7.554   2.035   17.108  1.00 40.44 ? 48  GLN A C   1 
ATOM   327  O  O   . GLN A 1 50  ? 8.619   2.648   16.951  1.00 40.73 ? 48  GLN A O   1 
ATOM   328  C  CB  . GLN A 1 50  ? 6.925   2.021   19.624  1.00 44.19 ? 48  GLN A CB  1 
ATOM   329  C  CG  . GLN A 1 50  ? 5.700   2.900   19.496  1.00 49.73 ? 48  GLN A CG  1 
ATOM   330  C  CD  . GLN A 1 50  ? 4.402   2.225   19.946  1.00 56.90 ? 48  GLN A CD  1 
ATOM   331  O  OE1 . GLN A 1 50  ? 3.307   2.780   19.756  1.00 60.65 ? 48  GLN A OE1 1 
ATOM   332  N  NE2 . GLN A 1 50  ? 4.515   1.041   20.562  1.00 58.21 ? 48  GLN A NE2 1 
ATOM   333  N  N   . GLY A 1 51  ? 6.584   2.053   16.183  1.00 36.15 ? 49  GLY A N   1 
ATOM   334  C  CA  . GLY A 1 51  ? 6.712   2.832   14.985  1.00 32.82 ? 49  GLY A CA  1 
ATOM   335  C  C   . GLY A 1 51  ? 6.257   4.282   15.135  1.00 30.69 ? 49  GLY A C   1 
ATOM   336  O  O   . GLY A 1 51  ? 5.531   4.630   16.078  1.00 29.36 ? 49  GLY A O   1 
ATOM   337  N  N   . CYS A 1 52  ? 6.623   5.068   14.138  1.00 29.66 ? 50  CYS A N   1 
ATOM   338  C  CA  . CYS A 1 52  ? 6.392   6.489   14.143  1.00 31.11 ? 50  CYS A CA  1 
ATOM   339  C  C   . CYS A 1 52  ? 5.154   6.912   13.371  1.00 31.04 ? 50  CYS A C   1 
ATOM   340  O  O   . CYS A 1 52  ? 4.723   8.099   13.443  1.00 32.73 ? 50  CYS A O   1 
ATOM   341  C  CB  . CYS A 1 52  ? 7.646   7.218   13.608  1.00 32.63 ? 50  CYS A CB  1 
ATOM   342  S  SG  . CYS A 1 52  ? 9.030   6.936   14.845  1.00 36.34 ? 50  CYS A SG  1 
ATOM   343  N  N   . ASP A 1 53  ? 4.562   5.984   12.612  1.00 28.20 ? 51  ASP A N   1 
ATOM   344  C  CA  . ASP A 1 53  ? 3.503   6.417   11.714  1.00 28.80 ? 51  ASP A CA  1 
ATOM   345  C  C   . ASP A 1 53  ? 2.146   6.406   12.434  1.00 27.95 ? 51  ASP A C   1 
ATOM   346  O  O   . ASP A 1 53  ? 1.962   5.755   13.450  1.00 28.21 ? 51  ASP A O   1 
ATOM   347  C  CB  . ASP A 1 53  ? 3.413   5.502   10.469  1.00 28.29 ? 51  ASP A CB  1 
ATOM   348  C  CG  . ASP A 1 53  ? 4.582   5.619   9.573   1.00 29.54 ? 51  ASP A CG  1 
ATOM   349  O  OD1 . ASP A 1 53  ? 4.896   6.766   9.147   1.00 29.17 ? 51  ASP A OD1 1 
ATOM   350  O  OD2 . ASP A 1 53  ? 5.219   4.575   9.248   1.00 29.79 ? 51  ASP A OD2 1 
ATOM   351  N  N   . THR A 1 54  ? 1.197   7.113   11.833  1.00 27.80 ? 52  THR A N   1 
ATOM   352  C  CA  . THR A 1 54  ? -0.152  7.188   12.288  1.00 27.90 ? 52  THR A CA  1 
ATOM   353  C  C   . THR A 1 54  ? -1.043  6.834   11.074  1.00 25.81 ? 52  THR A C   1 
ATOM   354  O  O   . THR A 1 54  ? -0.814  7.342   9.998   1.00 25.70 ? 52  THR A O   1 
ATOM   355  C  CB  . THR A 1 54  ? -0.445  8.673   12.760  1.00 29.39 ? 52  THR A CB  1 
ATOM   356  O  OG1 . THR A 1 54  ? 0.329   8.946   13.937  1.00 35.08 ? 52  THR A OG1 1 
ATOM   357  C  CG2 . THR A 1 54  ? -1.821  8.862   13.098  1.00 32.34 ? 52  THR A CG2 1 
ATOM   358  N  N   . ILE A 1 55  ? -2.084  6.032   11.298  1.00 24.70 ? 53  ILE A N   1 
ATOM   359  C  CA  . ILE A 1 55  ? -3.036  5.727   10.224  1.00 23.00 ? 53  ILE A CA  1 
ATOM   360  C  C   . ILE A 1 55  ? -4.071  6.861   10.115  1.00 21.67 ? 53  ILE A C   1 
ATOM   361  O  O   . ILE A 1 55  ? -4.703  7.207   11.164  1.00 21.19 ? 53  ILE A O   1 
ATOM   362  C  CB  . ILE A 1 55  ? -3.765  4.315   10.416  1.00 22.44 ? 53  ILE A CB  1 
ATOM   363  C  CG1 . ILE A 1 55  ? -2.762  3.141   10.520  1.00 23.61 ? 53  ILE A CG1 1 
ATOM   364  C  CG2 . ILE A 1 55  ? -4.880  4.173   9.316   1.00 21.69 ? 53  ILE A CG2 1 
ATOM   365  C  CD1 . ILE A 1 55  ? -1.727  3.148   9.330   1.00 23.18 ? 53  ILE A CD1 1 
ATOM   366  N  N   . ALA A 1 56  ? -4.204  7.488   8.940   1.00 20.38 ? 54  ALA A N   1 
ATOM   367  C  CA  . ALA A 1 56  ? -5.218  8.553   8.736   1.00 20.64 ? 54  ALA A CA  1 
ATOM   368  C  C   . ALA A 1 56  ? -6.624  8.178   9.097   1.00 22.78 ? 54  ALA A C   1 
ATOM   369  O  O   . ALA A 1 56  ? -7.201  7.240   8.466   1.00 22.29 ? 54  ALA A O   1 
ATOM   370  C  CB  . ALA A 1 56  ? -5.265  8.964   7.256   1.00 18.93 ? 54  ALA A CB  1 
ATOM   371  N  N   . ARG A 1 57  ? -7.247  8.914   10.028  1.00 22.02 ? 55  ARG A N   1 
ATOM   372  C  CA  . ARG A 1 57  ? -8.659  8.620   10.307  1.00 23.96 ? 55  ARG A CA  1 
ATOM   373  C  C   . ARG A 1 57  ? -9.480  9.590   9.479   1.00 23.14 ? 55  ARG A C   1 
ATOM   374  O  O   . ARG A 1 57  ? -9.947  10.637  10.018  1.00 25.78 ? 55  ARG A O   1 
ATOM   375  C  CB  . ARG A 1 57  ? -9.003  8.762   11.849  1.00 25.34 ? 55  ARG A CB  1 
ATOM   376  C  CG  . ARG A 1 57  ? -8.271  7.831   12.812  1.00 29.76 ? 55  ARG A CG  1 
ATOM   377  C  CD  . ARG A 1 57  ? -9.056  6.626   12.990  1.00 35.63 ? 55  ARG A CD  1 
ATOM   378  N  NE  . ARG A 1 57  ? -8.556  5.680   14.011  1.00 36.11 ? 55  ARG A NE  1 
ATOM   379  C  CZ  . ARG A 1 57  ? -7.594  4.739   13.856  1.00 38.29 ? 55  ARG A CZ  1 
ATOM   380  N  NH1 . ARG A 1 57  ? -6.903  4.630   12.681  1.00 29.65 ? 55  ARG A NH1 1 
ATOM   381  N  NH2 . ARG A 1 57  ? -7.348  3.865   14.892  1.00 28.77 ? 55  ARG A NH2 1 
ATOM   382  N  N   . CYS A 1 58  ? -9.713  9.294   8.202   1.00 21.65 ? 56  CYS A N   1 
ATOM   383  C  CA  . CYS A 1 58  ? -10.319 10.257  7.344   1.00 20.00 ? 56  CYS A CA  1 
ATOM   384  C  C   . CYS A 1 58  ? -10.804 9.556   6.091   1.00 21.98 ? 56  CYS A C   1 
ATOM   385  O  O   . CYS A 1 58  ? -10.544 8.356   5.889   1.00 21.86 ? 56  CYS A O   1 
ATOM   386  C  CB  . CYS A 1 58  ? -9.304  11.345  6.963   1.00 19.91 ? 56  CYS A CB  1 
ATOM   387  S  SG  . CYS A 1 58  ? -8.043  10.746  5.874   1.00 21.19 ? 56  CYS A SG  1 
ATOM   388  N  N   . ASN A 1 59  ? -11.491 10.317  5.247   1.00 20.94 ? 57  ASN A N   1 
ATOM   389  C  CA  . ASN A 1 59  ? -11.879 9.925   3.903   1.00 21.03 ? 57  ASN A CA  1 
ATOM   390  C  C   . ASN A 1 59  ? -11.222 10.873  2.817   1.00 19.37 ? 57  ASN A C   1 
ATOM   391  O  O   . ASN A 1 59  ? -11.814 11.055  1.752   1.00 18.64 ? 57  ASN A O   1 
ATOM   392  C  CB  . ASN A 1 59  ? -13.399 9.899   3.730   1.00 22.76 ? 57  ASN A CB  1 
ATOM   393  C  CG  . ASN A 1 59  ? -14.071 8.977   4.715   1.00 24.72 ? 57  ASN A CG  1 
ATOM   394  O  OD1 . ASN A 1 59  ? -13.899 7.756   4.619   1.00 21.02 ? 57  ASN A OD1 1 
ATOM   395  N  ND2 . ASN A 1 59  ? -14.808 9.552   5.700   1.00 24.38 ? 57  ASN A ND2 1 
ATOM   396  N  N   . CYS A 1 60  ? -10.024 11.416  3.057   1.00 20.88 ? 58  CYS A N   1 
ATOM   397  C  CA  . CYS A 1 60  ? -9.246  12.171  2.032   1.00 21.89 ? 58  CYS A CA  1 
ATOM   398  C  C   . CYS A 1 60  ? -9.073  11.361  0.774   1.00 25.01 ? 58  CYS A C   1 
ATOM   399  O  O   . CYS A 1 60  ? -8.811  10.154  0.839   1.00 22.64 ? 58  CYS A O   1 
ATOM   400  C  CB  . CYS A 1 60  ? -7.872  12.462  2.592   1.00 22.69 ? 58  CYS A CB  1 
ATOM   401  S  SG  . CYS A 1 60  ? -7.823  13.863  3.820   1.00 26.51 ? 58  CYS A SG  1 
ATOM   402  N  N   . GLN A 1 61  ? -9.221  12.043  -0.382  1.00 23.59 ? 59  GLN A N   1 
ATOM   403  C  CA  . GLN A 1 61  ? -9.016  11.461  -1.688  1.00 24.64 ? 59  GLN A CA  1 
ATOM   404  C  C   . GLN A 1 61  ? -7.996  12.323  -2.488  1.00 24.84 ? 59  GLN A C   1 
ATOM   405  O  O   . GLN A 1 61  ? -7.904  12.198  -3.702  1.00 26.21 ? 59  GLN A O   1 
ATOM   406  C  CB  . GLN A 1 61  ? -10.356 11.243  -2.370  1.00 24.80 ? 59  GLN A CB  1 
ATOM   407  C  CG  . GLN A 1 61  ? -11.274 10.246  -1.521  1.00 27.78 ? 59  GLN A CG  1 
ATOM   408  C  CD  . GLN A 1 61  ? -10.695 8.749   -1.406  1.00 34.55 ? 59  GLN A CD  1 
ATOM   409  O  OE1 . GLN A 1 61  ? -10.746 8.060   -0.332  1.00 27.83 ? 59  GLN A OE1 1 
ATOM   410  N  NE2 . GLN A 1 61  ? -10.139 8.289   -2.508  1.00 33.40 ? 59  GLN A NE2 1 
ATOM   411  N  N   . THR A 1 62  ? -7.218  13.092  -1.737  1.00 26.07 ? 60  THR A N   1 
ATOM   412  C  CA  . THR A 1 62  ? -5.977  13.751  -2.221  1.00 27.07 ? 60  THR A CA  1 
ATOM   413  C  C   . THR A 1 62  ? -4.902  13.591  -1.170  1.00 26.76 ? 60  THR A C   1 
ATOM   414  O  O   . THR A 1 62  ? -5.205  13.524  0.066   1.00 28.07 ? 60  THR A O   1 
ATOM   415  C  CB  . THR A 1 62  ? -6.268  15.301  -2.633  1.00 27.00 ? 60  THR A CB  1 
ATOM   416  O  OG1 . THR A 1 62  ? -6.667  16.030  -1.464  1.00 32.81 ? 60  THR A OG1 1 
ATOM   417  C  CG2 . THR A 1 62  ? -7.391  15.374  -3.617  1.00 28.84 ? 60  THR A CG2 1 
ATOM   418  N  N   . GLY A 1 63  ? -3.637  13.465  -1.597  1.00 25.58 ? 61  GLY A N   1 
ATOM   419  C  CA  . GLY A 1 63  ? -2.521  13.355  -0.693  1.00 26.95 ? 61  GLY A CA  1 
ATOM   420  C  C   . GLY A 1 63  ? -1.168  13.373  -1.429  1.00 26.20 ? 61  GLY A C   1 
ATOM   421  O  O   . GLY A 1 63  ? -1.077  13.880  -2.542  1.00 29.03 ? 61  GLY A O   1 
ATOM   422  N  N   . VAL A 1 64  ? -0.130  12.868  -0.799  1.00 26.96 ? 62  VAL A N   1 
ATOM   423  C  CA  . VAL A 1 64  ? 1.201   12.832  -1.401  1.00 28.59 ? 62  VAL A CA  1 
ATOM   424  C  C   . VAL A 1 64  ? 1.764   11.426  -1.216  1.00 29.42 ? 62  VAL A C   1 
ATOM   425  O  O   . VAL A 1 64  ? 1.760   10.910  -0.093  1.00 29.30 ? 62  VAL A O   1 
ATOM   426  C  CB  . VAL A 1 64  ? 2.131   13.830  -0.634  1.00 29.15 ? 62  VAL A CB  1 
ATOM   427  C  CG1 . VAL A 1 64  ? 3.608   13.789  -1.100  1.00 28.41 ? 62  VAL A CG1 1 
ATOM   428  C  CG2 . VAL A 1 64  ? 1.573   15.290  -0.784  1.00 31.29 ? 62  VAL A CG2 1 
ATOM   429  N  N   . TYR A 1 65  ? 2.376   10.848  -2.256  1.00 31.01 ? 63  TYR A N   1 
ATOM   430  C  CA  . TYR A 1 65  ? 3.095   9.563   -1.999  1.00 29.03 ? 63  TYR A CA  1 
ATOM   431  C  C   . TYR A 1 65  ? 4.541   9.609   -2.467  1.00 28.38 ? 63  TYR A C   1 
ATOM   432  O  O   . TYR A 1 65  ? 4.904   10.499  -3.270  1.00 29.81 ? 63  TYR A O   1 
ATOM   433  C  CB  . TYR A 1 65  ? 2.324   8.409   -2.671  1.00 28.47 ? 63  TYR A CB  1 
ATOM   434  C  CG  . TYR A 1 65  ? 2.663   8.238   -4.102  1.00 28.57 ? 63  TYR A CG  1 
ATOM   435  C  CD1 . TYR A 1 65  ? 3.535   7.225   -4.480  1.00 28.83 ? 63  TYR A CD1 1 
ATOM   436  C  CD2 . TYR A 1 65  ? 2.138   9.109   -5.094  1.00 29.28 ? 63  TYR A CD2 1 
ATOM   437  C  CE1 . TYR A 1 65  ? 3.879   7.056   -5.811  1.00 33.61 ? 63  TYR A CE1 1 
ATOM   438  C  CE2 . TYR A 1 65  ? 2.493   8.946   -6.422  1.00 34.47 ? 63  TYR A CE2 1 
ATOM   439  C  CZ  . TYR A 1 65  ? 3.354   7.893   -6.740  1.00 31.80 ? 63  TYR A CZ  1 
ATOM   440  O  OH  . TYR A 1 65  ? 3.825   7.668   -7.990  1.00 36.38 ? 63  TYR A OH  1 
ATOM   441  N  N   . TYR A 1 66  ? 5.375   8.683   -2.004  1.00 29.66 ? 64  TYR A N   1 
ATOM   442  C  CA  . TYR A 1 66  ? 6.743   8.644   -2.440  1.00 28.63 ? 64  TYR A CA  1 
ATOM   443  C  C   . TYR A 1 66  ? 6.852   7.680   -3.598  1.00 29.25 ? 64  TYR A C   1 
ATOM   444  O  O   . TYR A 1 66  ? 6.379   6.497   -3.547  1.00 26.91 ? 64  TYR A O   1 
ATOM   445  C  CB  . TYR A 1 66  ? 7.653   8.232   -1.291  1.00 29.71 ? 64  TYR A CB  1 
ATOM   446  C  CG  . TYR A 1 66  ? 9.142   8.297   -1.627  1.00 33.87 ? 64  TYR A CG  1 
ATOM   447  C  CD1 . TYR A 1 66  ? 9.859   9.539   -1.601  1.00 33.88 ? 64  TYR A CD1 1 
ATOM   448  C  CD2 . TYR A 1 66  ? 9.845   7.130   -1.948  1.00 35.99 ? 64  TYR A CD2 1 
ATOM   449  C  CE1 . TYR A 1 66  ? 11.194  9.564   -1.904  1.00 35.67 ? 64  TYR A CE1 1 
ATOM   450  C  CE2 . TYR A 1 66  ? 11.165  7.160   -2.250  1.00 36.16 ? 64  TYR A CE2 1 
ATOM   451  C  CZ  . TYR A 1 66  ? 11.846  8.371   -2.224  1.00 39.75 ? 64  TYR A CZ  1 
ATOM   452  O  OH  . TYR A 1 66  ? 13.201  8.355   -2.513  1.00 41.42 ? 64  TYR A OH  1 
ATOM   453  N  N   . CYS A 1 67  ? 7.456   8.160   -4.669  1.00 27.44 ? 65  CYS A N   1 
ATOM   454  C  CA  . CYS A 1 67  ? 7.710   7.299   -5.835  1.00 28.20 ? 65  CYS A CA  1 
ATOM   455  C  C   . CYS A 1 67  ? 9.176   6.730   -5.824  1.00 29.19 ? 65  CYS A C   1 
ATOM   456  O  O   . CYS A 1 67  ? 10.156  7.482   -5.869  1.00 29.40 ? 65  CYS A O   1 
ATOM   457  C  CB  . CYS A 1 67  ? 7.318   8.109   -7.082  1.00 28.87 ? 65  CYS A CB  1 
ATOM   458  S  SG  . CYS A 1 67  ? 7.914   7.375   -8.634  1.00 28.54 ? 65  CYS A SG  1 
ATOM   459  N  N   . ASN A 1 68  ? 9.373   5.413   -5.648  1.00 28.61 ? 66  ASN A N   1 
ATOM   460  C  CA  . ASN A 1 68  ? 10.743  4.890   -5.540  1.00 28.42 ? 66  ASN A CA  1 
ATOM   461  C  C   . ASN A 1 68  ? 11.572  5.137   -6.788  1.00 30.15 ? 66  ASN A C   1 
ATOM   462  O  O   . ASN A 1 68  ? 12.760  5.448   -6.672  1.00 30.58 ? 66  ASN A O   1 
ATOM   463  C  CB  . ASN A 1 68  ? 10.766  3.411   -5.175  1.00 28.35 ? 66  ASN A CB  1 
ATOM   464  C  CG  . ASN A 1 68  ? 10.128  3.169   -3.821  1.00 31.23 ? 66  ASN A CG  1 
ATOM   465  O  OD1 . ASN A 1 68  ? 10.265  3.979   -2.895  1.00 34.97 ? 66  ASN A OD1 1 
ATOM   466  N  ND2 . ASN A 1 68  ? 9.412   2.086   -3.700  1.00 28.54 ? 66  ASN A ND2 1 
ATOM   467  N  N   . SER A 1 69  ? 10.947  5.011   -7.974  1.00 28.93 ? 67  SER A N   1 
ATOM   468  C  CA  . SER A 1 69  ? 11.703  5.057   -9.255  1.00 29.97 ? 67  SER A CA  1 
ATOM   469  C  C   . SER A 1 69  ? 12.210  6.456   -9.545  1.00 31.01 ? 67  SER A C   1 
ATOM   470  O  O   . SER A 1 69  ? 13.270  6.588   -10.187 1.00 33.13 ? 67  SER A O   1 
ATOM   471  C  CB  . SER A 1 69  ? 10.852  4.581   -10.448 1.00 29.26 ? 67  SER A CB  1 
ATOM   472  O  OG  . SER A 1 69  ? 9.640   5.340   -10.594 1.00 26.31 ? 67  SER A OG  1 
ATOM   473  N  N   . ARG A 1 70  ? 11.480  7.461   -9.084  1.00 31.36 ? 68  ARG A N   1 
ATOM   474  C  CA  . ARG A 1 70  ? 11.876  8.881   -9.241  1.00 33.15 ? 68  ARG A CA  1 
ATOM   475  C  C   . ARG A 1 70  ? 12.549  9.499   -8.015  1.00 34.09 ? 68  ARG A C   1 
ATOM   476  O  O   . ARG A 1 70  ? 13.019  10.667  -8.051  1.00 34.56 ? 68  ARG A O   1 
ATOM   477  C  CB  . ARG A 1 70  ? 10.654  9.725   -9.622  1.00 32.72 ? 68  ARG A CB  1 
ATOM   478  C  CG  . ARG A 1 70  ? 9.973   9.247   -10.899 1.00 33.00 ? 68  ARG A CG  1 
ATOM   479  C  CD  . ARG A 1 70  ? 10.675  9.974   -12.078 1.00 32.46 ? 68  ARG A CD  1 
ATOM   480  N  NE  . ARG A 1 70  ? 10.116  9.650   -13.405 1.00 29.54 ? 68  ARG A NE  1 
ATOM   481  C  CZ  . ARG A 1 70  ? 8.949   10.114  -13.855 1.00 29.44 ? 68  ARG A CZ  1 
ATOM   482  N  NH1 . ARG A 1 70  ? 8.183   10.941  -13.116 1.00 28.71 ? 68  ARG A NH1 1 
ATOM   483  N  NH2 . ARG A 1 70  ? 8.586   9.760   -15.088 1.00 28.61 ? 68  ARG A NH2 1 
ATOM   484  N  N   . ARG A 1 71  ? 12.549  8.768   -6.912  1.00 35.12 ? 69  ARG A N   1 
ATOM   485  C  CA  . ARG A 1 71  ? 13.017  9.331   -5.633  1.00 36.84 ? 69  ARG A CA  1 
ATOM   486  C  C   . ARG A 1 71  ? 12.389  10.720  -5.331  1.00 37.10 ? 69  ARG A C   1 
ATOM   487  O  O   . ARG A 1 71  ? 13.074  11.672  -4.921  1.00 38.33 ? 69  ARG A O   1 
ATOM   488  C  CB  . ARG A 1 71  ? 14.546  9.341   -5.627  1.00 36.37 ? 69  ARG A CB  1 
ATOM   489  C  CG  . ARG A 1 71  ? 15.107  7.956   -5.533  1.00 40.98 ? 69  ARG A CG  1 
ATOM   490  C  CD  . ARG A 1 71  ? 16.510  7.936   -6.069  1.00 52.21 ? 69  ARG A CD  1 
ATOM   491  N  NE  . ARG A 1 71  ? 17.217  6.694   -5.718  1.00 61.29 ? 69  ARG A NE  1 
ATOM   492  C  CZ  . ARG A 1 71  ? 18.107  6.580   -4.726  1.00 65.73 ? 69  ARG A CZ  1 
ATOM   493  N  NH1 . ARG A 1 71  ? 18.415  7.631   -3.951  1.00 67.21 ? 69  ARG A NH1 1 
ATOM   494  N  NH2 . ARG A 1 71  ? 18.689  5.408   -4.502  1.00 66.75 ? 69  ARG A NH2 1 
ATOM   495  N  N   . LYS A 1 72  ? 11.097  10.849  -5.572  1.00 35.85 ? 70  LYS A N   1 
ATOM   496  C  CA  . LYS A 1 72  ? 10.366  12.106  -5.373  1.00 36.97 ? 70  LYS A CA  1 
ATOM   497  C  C   . LYS A 1 72  ? 9.018   11.815  -4.720  1.00 36.69 ? 70  LYS A C   1 
ATOM   498  O  O   . LYS A 1 72  ? 8.443   10.722  -4.914  1.00 35.51 ? 70  LYS A O   1 
ATOM   499  C  CB  . LYS A 1 72  ? 10.050  12.809  -6.696  1.00 37.94 ? 70  LYS A CB  1 
ATOM   500  C  CG  . LYS A 1 72  ? 11.256  13.472  -7.523  1.00 43.65 ? 70  LYS A CG  1 
ATOM   501  C  CD  . LYS A 1 72  ? 11.403  15.049  -7.422  1.00 52.34 ? 70  LYS A CD  1 
ATOM   502  C  CE  . LYS A 1 72  ? 10.148  15.937  -7.931  1.00 57.31 ? 70  LYS A CE  1 
ATOM   503  N  NZ  . LYS A 1 72  ? 9.938   16.259  -9.451  1.00 56.39 ? 70  LYS A NZ  1 
ATOM   504  N  N   . HIS A 1 73  ? 8.527   12.787  -3.955  1.00 35.66 ? 71  HIS A N   1 
ATOM   505  C  CA  . HIS A 1 73  ? 7.188   12.794  -3.425  1.00 34.62 ? 71  HIS A CA  1 
ATOM   506  C  C   . HIS A 1 73  ? 6.325   13.485  -4.471  1.00 34.74 ? 71  HIS A C   1 
ATOM   507  O  O   . HIS A 1 73  ? 6.749   14.494  -5.045  1.00 34.70 ? 71  HIS A O   1 
ATOM   508  C  CB  . HIS A 1 73  ? 7.144   13.558  -2.074  1.00 35.74 ? 71  HIS A CB  1 
ATOM   509  C  CG  . HIS A 1 73  ? 7.919   12.908  -0.962  1.00 34.74 ? 71  HIS A CG  1 
ATOM   510  N  ND1 . HIS A 1 73  ? 7.333   12.067  -0.028  1.00 35.48 ? 71  HIS A ND1 1 
ATOM   511  C  CD2 . HIS A 1 73  ? 9.229   12.986  -0.627  1.00 35.21 ? 71  HIS A CD2 1 
ATOM   512  C  CE1 . HIS A 1 73  ? 8.252   11.673  0.841   1.00 33.99 ? 71  HIS A CE1 1 
ATOM   513  N  NE2 . HIS A 1 73  ? 9.408   12.215  0.501   1.00 39.34 ? 71  HIS A NE2 1 
ATOM   514  N  N   . TYR A 1 74  ? 5.122   12.978  -4.767  1.00 31.28 ? 72  TYR A N   1 
ATOM   515  C  CA  . TYR A 1 74  ? 4.234   13.610  -5.708  1.00 30.74 ? 72  TYR A CA  1 
ATOM   516  C  C   . TYR A 1 74  ? 2.865   13.786  -5.138  1.00 33.31 ? 72  TYR A C   1 
ATOM   517  O  O   . TYR A 1 74  ? 2.323   12.847  -4.494  1.00 33.53 ? 72  TYR A O   1 
ATOM   518  C  CB  . TYR A 1 74  ? 4.012   12.733  -6.919  1.00 31.05 ? 72  TYR A CB  1 
ATOM   519  C  CG  . TYR A 1 74  ? 5.181   12.585  -7.816  1.00 31.47 ? 72  TYR A CG  1 
ATOM   520  C  CD1 . TYR A 1 74  ? 5.858   13.722  -8.344  1.00 36.17 ? 72  TYR A CD1 1 
ATOM   521  C  CD2 . TYR A 1 74  ? 5.606   11.314  -8.206  1.00 29.92 ? 72  TYR A CD2 1 
ATOM   522  C  CE1 . TYR A 1 74  ? 6.963   13.549  -9.238  1.00 36.43 ? 72  TYR A CE1 1 
ATOM   523  C  CE2 . TYR A 1 74  ? 6.676   11.124  -9.127  1.00 32.65 ? 72  TYR A CE2 1 
ATOM   524  C  CZ  . TYR A 1 74  ? 7.344   12.240  -9.634  1.00 35.16 ? 72  TYR A CZ  1 
ATOM   525  O  OH  . TYR A 1 74  ? 8.377   12.015  -10.510 1.00 33.93 ? 72  TYR A OH  1 
ATOM   526  N  N   . PRO A 1 75  ? 2.230   14.934  -5.414  1.00 33.33 ? 73  PRO A N   1 
ATOM   527  C  CA  . PRO A 1 75  ? 0.841   15.073  -5.000  1.00 32.61 ? 73  PRO A CA  1 
ATOM   528  C  C   . PRO A 1 75  ? -0.079  14.258  -5.896  1.00 33.60 ? 73  PRO A C   1 
ATOM   529  O  O   . PRO A 1 75  ? 0.183   14.081  -7.121  1.00 32.05 ? 73  PRO A O   1 
ATOM   530  C  CB  . PRO A 1 75  ? 0.593   16.599  -5.125  1.00 33.79 ? 73  PRO A CB  1 
ATOM   531  C  CG  . PRO A 1 75  ? 1.527   17.018  -6.269  1.00 31.44 ? 73  PRO A CG  1 
ATOM   532  C  CD  . PRO A 1 75  ? 2.744   16.157  -6.101  1.00 33.43 ? 73  PRO A CD  1 
ATOM   533  N  N   . VAL A 1 76  ? -1.152  13.722  -5.302  1.00 31.46 ? 74  VAL A N   1 
ATOM   534  C  CA  . VAL A 1 76  ? -1.995  12.852  -6.058  1.00 31.69 ? 74  VAL A CA  1 
ATOM   535  C  C   . VAL A 1 76  ? -3.493  12.942  -5.634  1.00 30.16 ? 74  VAL A C   1 
ATOM   536  O  O   . VAL A 1 76  ? -3.783  13.184  -4.452  1.00 30.18 ? 74  VAL A O   1 
ATOM   537  C  CB  . VAL A 1 76  ? -1.424  11.359  -5.984  1.00 32.51 ? 74  VAL A CB  1 
ATOM   538  C  CG1 . VAL A 1 76  ? -1.841  10.678  -4.715  1.00 31.43 ? 74  VAL A CG1 1 
ATOM   539  C  CG2 . VAL A 1 76  ? -1.836  10.577  -7.174  1.00 34.20 ? 74  VAL A CG2 1 
ATOM   540  N  N   . SER A 1 77  ? -4.398  12.807  -6.607  1.00 28.54 ? 75  SER A N   1 
ATOM   541  C  CA  . SER A 1 77  ? -5.829  12.662  -6.355  1.00 27.99 ? 75  SER A CA  1 
ATOM   542  C  C   . SER A 1 77  ? -6.199  11.226  -6.689  1.00 26.85 ? 75  SER A C   1 
ATOM   543  O  O   . SER A 1 77  ? -5.867  10.721  -7.764  1.00 28.32 ? 75  SER A O   1 
ATOM   544  C  CB  . SER A 1 77  ? -6.618  13.526  -7.290  1.00 30.42 ? 75  SER A CB  1 
ATOM   545  O  OG  . SER A 1 77  ? -6.374  14.841  -6.879  1.00 36.55 ? 75  SER A OG  1 
ATOM   546  N  N   . PHE A 1 78  ? -6.946  10.556  -5.824  1.00 23.70 ? 76  PHE A N   1 
ATOM   547  C  CA  . PHE A 1 78  ? -7.170  9.109   -6.084  1.00 22.69 ? 76  PHE A CA  1 
ATOM   548  C  C   . PHE A 1 78  ? -8.622  8.741   -5.762  1.00 23.41 ? 76  PHE A C   1 
ATOM   549  O  O   . PHE A 1 78  ? -9.275  9.417   -4.984  1.00 24.57 ? 76  PHE A O   1 
ATOM   550  C  CB  . PHE A 1 78  ? -6.163  8.270   -5.260  1.00 22.03 ? 76  PHE A CB  1 
ATOM   551  C  CG  . PHE A 1 78  ? -6.063  8.724   -3.783  1.00 21.78 ? 76  PHE A CG  1 
ATOM   552  C  CD1 . PHE A 1 78  ? -5.182  9.746   -3.371  1.00 20.19 ? 76  PHE A CD1 1 
ATOM   553  C  CD2 . PHE A 1 78  ? -6.934  8.213   -2.799  1.00 18.66 ? 76  PHE A CD2 1 
ATOM   554  C  CE1 . PHE A 1 78  ? -5.110  10.191  -2.046  1.00 23.67 ? 76  PHE A CE1 1 
ATOM   555  C  CE2 . PHE A 1 78  ? -6.830  8.676   -1.432  1.00 20.02 ? 76  PHE A CE2 1 
ATOM   556  C  CZ  . PHE A 1 78  ? -5.959  9.667   -1.086  1.00 22.33 ? 76  PHE A CZ  1 
ATOM   557  N  N   . SER A 1 79  ? -9.127  7.714   -6.433  1.00 22.63 ? 77  SER A N   1 
ATOM   558  C  CA  . SER A 1 79  ? -10.528 7.263   -6.270  1.00 23.22 ? 77  SER A CA  1 
ATOM   559  C  C   . SER A 1 79  ? -10.791 6.628   -4.888  1.00 23.21 ? 77  SER A C   1 
ATOM   560  O  O   . SER A 1 79  ? -9.858  6.261   -4.109  1.00 23.29 ? 77  SER A O   1 
ATOM   561  C  CB  . SER A 1 79  ? -10.967 6.320   -7.371  1.00 24.82 ? 77  SER A CB  1 
ATOM   562  O  OG  . SER A 1 79  ? -10.202 5.085   -7.291  1.00 28.17 ? 77  SER A OG  1 
ATOM   563  N  N   . LYS A 1 80  ? -12.080 6.596   -4.561  1.00 22.39 ? 78  LYS A N   1 
ATOM   564  C  CA  . LYS A 1 80  ? -12.523 5.921   -3.329  1.00 21.66 ? 78  LYS A CA  1 
ATOM   565  C  C   . LYS A 1 80  ? -12.167 4.458   -3.453  1.00 20.65 ? 78  LYS A C   1 
ATOM   566  O  O   . LYS A 1 80  ? -12.199 3.926   -4.548  1.00 20.57 ? 78  LYS A O   1 
ATOM   567  C  CB  . LYS A 1 80  ? -14.013 6.144   -3.150  1.00 23.02 ? 78  LYS A CB  1 
ATOM   568  C  CG  . LYS A 1 80  ? -14.151 7.660   -2.602  1.00 25.91 ? 78  LYS A CG  1 
ATOM   569  C  CD  . LYS A 1 80  ? -15.355 7.921   -1.764  1.00 32.68 ? 78  LYS A CD  1 
ATOM   570  C  CE  . LYS A 1 80  ? -15.584 6.892   -0.618  1.00 29.65 ? 78  LYS A CE  1 
ATOM   571  N  NZ  . LYS A 1 80  ? -15.147 7.426   0.688   1.00 29.29 ? 78  LYS A NZ  1 
ATOM   572  N  N   . PRO A 1 81  ? -11.936 3.792   -2.306  1.00 21.57 ? 79  PRO A N   1 
ATOM   573  C  CA  . PRO A 1 81  ? -11.526 2.367   -2.500  1.00 21.30 ? 79  PRO A CA  1 
ATOM   574  C  C   . PRO A 1 81  ? -12.557 1.524   -3.168  1.00 21.38 ? 79  PRO A C   1 
ATOM   575  O  O   . PRO A 1 81  ? -13.760 1.667   -2.865  1.00 19.69 ? 79  PRO A O   1 
ATOM   576  C  CB  . PRO A 1 81  ? -11.285 1.854   -1.061  1.00 21.91 ? 79  PRO A CB  1 
ATOM   577  C  CG  . PRO A 1 81  ? -11.819 2.956   -0.123  1.00 21.58 ? 79  PRO A CG  1 
ATOM   578  C  CD  . PRO A 1 81  ? -11.736 4.273   -0.939  1.00 21.22 ? 79  PRO A CD  1 
ATOM   579  N  N   . SER A 1 82  ? -12.138 0.611   -4.042  1.00 19.20 ? 80  SER A N   1 
ATOM   580  C  CA  . SER A 1 82  ? -13.104 -0.128  -4.861  1.00 19.32 ? 80  SER A CA  1 
ATOM   581  C  C   . SER A 1 82  ? -12.582 -1.552  -5.095  1.00 18.26 ? 80  SER A C   1 
ATOM   582  O  O   . SER A 1 82  ? -11.382 -1.808  -4.918  1.00 17.52 ? 80  SER A O   1 
ATOM   583  C  CB  . SER A 1 82  ? -13.329 0.524   -6.273  1.00 21.00 ? 80  SER A CB  1 
ATOM   584  O  OG  . SER A 1 82  ? -13.717 1.859   -6.122  1.00 27.69 ? 80  SER A OG  1 
ATOM   585  N  N   . LEU A 1 83  ? -13.467 -2.443  -5.552  1.00 18.75 ? 81  LEU A N   1 
ATOM   586  C  CA  . LEU A 1 83  ? -13.077 -3.730  -6.078  1.00 19.85 ? 81  LEU A CA  1 
ATOM   587  C  C   . LEU A 1 83  ? -12.668 -3.566  -7.522  1.00 22.19 ? 81  LEU A C   1 
ATOM   588  O  O   . LEU A 1 83  ? -13.500 -3.099  -8.383  1.00 21.59 ? 81  LEU A O   1 
ATOM   589  C  CB  . LEU A 1 83  ? -14.298 -4.647  -6.095  1.00 21.19 ? 81  LEU A CB  1 
ATOM   590  C  CG  . LEU A 1 83  ? -14.363 -5.955  -5.355  1.00 28.45 ? 81  LEU A CG  1 
ATOM   591  C  CD1 . LEU A 1 83  ? -15.487 -6.900  -5.912  1.00 26.27 ? 81  LEU A CD1 1 
ATOM   592  C  CD2 . LEU A 1 83  ? -13.031 -6.662  -4.987  1.00 23.41 ? 81  LEU A CD2 1 
ATOM   593  N  N   . ILE A 1 84  ? -11.474 -4.022  -7.865  1.00 19.66 ? 82  ILE A N   1 
ATOM   594  C  CA  . ILE A 1 84  ? -10.888 -3.717  -9.190  1.00 22.06 ? 82  ILE A CA  1 
ATOM   595  C  C   . ILE A 1 84  ? -10.386 -5.073  -9.719  1.00 24.27 ? 82  ILE A C   1 
ATOM   596  O  O   . ILE A 1 84  ? -9.686  -5.800  -8.997  1.00 21.89 ? 82  ILE A O   1 
ATOM   597  C  CB  . ILE A 1 84  ? -9.726  -2.662  -9.121  1.00 23.16 ? 82  ILE A CB  1 
ATOM   598  C  CG1 . ILE A 1 84  ? -10.061 -1.255  -8.556  1.00 26.13 ? 82  ILE A CG1 1 
ATOM   599  C  CG2 . ILE A 1 84  ? -9.025  -2.453  -10.534 1.00 23.81 ? 82  ILE A CG2 1 
ATOM   600  C  CD1 . ILE A 1 84  ? -11.022 -0.477  -9.348  1.00 26.78 ? 82  ILE A CD1 1 
ATOM   601  N  N   . TYR A 1 85  ? -10.755 -5.468  -10.956 1.00 25.20 ? 83  TYR A N   1 
ATOM   602  C  CA  . TYR A 1 85  ? -10.164 -6.705  -11.517 1.00 26.89 ? 83  TYR A CA  1 
ATOM   603  C  C   . TYR A 1 85  ? -8.759  -6.379  -11.986 1.00 25.83 ? 83  TYR A C   1 
ATOM   604  O  O   . TYR A 1 85  ? -8.591  -5.484  -12.757 1.00 29.54 ? 83  TYR A O   1 
ATOM   605  C  CB  . TYR A 1 85  ? -11.055 -7.338  -12.623 1.00 28.58 ? 83  TYR A CB  1 
ATOM   606  C  CG  . TYR A 1 85  ? -10.742 -8.818  -12.923 1.00 31.27 ? 83  TYR A CG  1 
ATOM   607  C  CD1 . TYR A 1 85  ? -11.142 -9.826  -12.017 1.00 35.37 ? 83  TYR A CD1 1 
ATOM   608  C  CD2 . TYR A 1 85  ? -10.105 -9.205  -14.111 1.00 34.54 ? 83  TYR A CD2 1 
ATOM   609  C  CE1 . TYR A 1 85  ? -10.886 -11.191 -12.249 1.00 39.06 ? 83  TYR A CE1 1 
ATOM   610  C  CE2 . TYR A 1 85  ? -9.840  -10.567 -14.372 1.00 34.85 ? 83  TYR A CE2 1 
ATOM   611  C  CZ  . TYR A 1 85  ? -10.244 -11.554 -13.431 1.00 37.70 ? 83  TYR A CZ  1 
ATOM   612  O  OH  . TYR A 1 85  ? -10.046 -12.918 -13.610 1.00 43.37 ? 83  TYR A OH  1 
ATOM   613  N  N   . VAL A 1 86  ? -7.752  -7.039  -11.405 1.00 25.05 ? 84  VAL A N   1 
ATOM   614  C  CA  . VAL A 1 86  ? -6.356  -6.857  -11.660 1.00 24.95 ? 84  VAL A CA  1 
ATOM   615  C  C   . VAL A 1 86  ? -5.812  -8.088  -12.451 1.00 24.74 ? 84  VAL A C   1 
ATOM   616  O  O   . VAL A 1 86  ? -5.899  -9.221  -12.011 1.00 24.01 ? 84  VAL A O   1 
ATOM   617  C  CB  . VAL A 1 86  ? -5.550  -6.730  -10.305 1.00 24.26 ? 84  VAL A CB  1 
ATOM   618  C  CG1 . VAL A 1 86  ? -3.963  -6.643  -10.589 1.00 24.69 ? 84  VAL A CG1 1 
ATOM   619  C  CG2 . VAL A 1 86  ? -6.063  -5.549  -9.499  1.00 23.71 ? 84  VAL A CG2 1 
ATOM   620  N  N   . GLU A 1 87  ? -5.190  -7.800  -13.587 1.00 28.89 ? 85  GLU A N   1 
ATOM   621  C  CA  . GLU A 1 87  ? -4.689  -8.844  -14.481 1.00 31.62 ? 85  GLU A CA  1 
ATOM   622  C  C   . GLU A 1 87  ? -3.556  -9.649  -13.851 1.00 30.91 ? 85  GLU A C   1 
ATOM   623  O  O   . GLU A 1 87  ? -2.813  -9.107  -13.004 1.00 29.59 ? 85  GLU A O   1 
ATOM   624  C  CB  . GLU A 1 87  ? -4.197  -8.186  -15.793 1.00 32.23 ? 85  GLU A CB  1 
ATOM   625  C  CG  . GLU A 1 87  ? -5.360  -7.803  -16.739 1.00 41.50 ? 85  GLU A CG  1 
ATOM   626  C  CD  . GLU A 1 87  ? -6.318  -9.017  -17.055 1.00 51.13 ? 85  GLU A CD  1 
ATOM   627  O  OE1 . GLU A 1 87  ? -5.876  -9.942  -17.804 1.00 57.79 ? 85  GLU A OE1 1 
ATOM   628  O  OE2 . GLU A 1 87  ? -7.502  -9.043  -16.563 1.00 55.36 ? 85  GLU A OE2 1 
ATOM   629  N  N   . ALA A 1 88  ? -3.387  -10.889 -14.303 1.00 29.75 ? 86  ALA A N   1 
ATOM   630  C  CA  . ALA A 1 88  ? -2.254  -11.734 -13.849 1.00 31.79 ? 86  ALA A CA  1 
ATOM   631  C  C   . ALA A 1 88  ? -0.854  -11.114 -13.924 1.00 32.13 ? 86  ALA A C   1 
ATOM   632  O  O   . ALA A 1 88  ? -0.531  -10.216 -14.747 1.00 33.60 ? 86  ALA A O   1 
ATOM   633  C  CB  . ALA A 1 88  ? -2.275  -13.076 -14.533 1.00 31.67 ? 86  ALA A CB  1 
ATOM   634  N  N   . SER A 1 89  ? -0.030  -11.539 -12.964 1.00 31.44 ? 87  SER A N   1 
ATOM   635  C  CA  . SER A 1 89  ? 1.336   -11.073 -12.853 1.00 29.87 ? 87  SER A CA  1 
ATOM   636  C  C   . SER A 1 89  ? 2.142   -12.219 -12.271 1.00 29.73 ? 87  SER A C   1 
ATOM   637  O  O   . SER A 1 89  ? 1.600   -13.304 -11.975 1.00 29.85 ? 87  SER A O   1 
ATOM   638  C  CB  . SER A 1 89  ? 1.389   -9.798  -12.022 1.00 31.18 ? 87  SER A CB  1 
ATOM   639  O  OG  . SER A 1 89  ? 1.139   -10.086 -10.639 1.00 30.08 ? 87  SER A OG  1 
ATOM   640  N  N   . GLU A 1 90  ? 3.446   -12.024 -12.083 1.00 31.34 ? 88  GLU A N   1 
ATOM   641  C  CA  . GLU A 1 90  ? 4.249   -13.084 -11.467 1.00 32.03 ? 88  GLU A CA  1 
ATOM   642  C  C   . GLU A 1 90  ? 3.927   -13.139 -9.999  1.00 30.13 ? 88  GLU A C   1 
ATOM   643  O  O   . GLU A 1 90  ? 4.337   -14.094 -9.308  1.00 31.23 ? 88  GLU A O   1 
ATOM   644  C  CB  . GLU A 1 90  ? 5.764   -12.862 -11.644 1.00 33.99 ? 88  GLU A CB  1 
ATOM   645  C  CG  . GLU A 1 90  ? 6.296   -11.569 -11.061 1.00 37.39 ? 88  GLU A CG  1 
ATOM   646  C  CD  . GLU A 1 90  ? 6.221   -10.455 -12.084 1.00 43.94 ? 88  GLU A CD  1 
ATOM   647  O  OE1 . GLU A 1 90  ? 5.146   -10.364 -12.697 1.00 48.42 ? 88  GLU A OE1 1 
ATOM   648  O  OE2 . GLU A 1 90  ? 7.216   -9.690  -12.298 1.00 49.56 ? 88  GLU A OE2 1 
ATOM   649  N  N   . TYR A 1 91  ? 3.180   -12.123 -9.520  1.00 26.27 ? 89  TYR A N   1 
ATOM   650  C  CA  . TYR A 1 91  ? 2.753   -12.195 -8.095  1.00 22.94 ? 89  TYR A CA  1 
ATOM   651  C  C   . TYR A 1 91  ? 1.368   -12.767 -7.772  1.00 21.54 ? 89  TYR A C   1 
ATOM   652  O  O   . TYR A 1 91  ? 1.228   -13.388 -6.720  1.00 23.49 ? 89  TYR A O   1 
ATOM   653  C  CB  . TYR A 1 91  ? 2.945   -10.810 -7.368  1.00 21.43 ? 89  TYR A CB  1 
ATOM   654  C  CG  . TYR A 1 91  ? 4.369   -10.349 -7.441  1.00 21.55 ? 89  TYR A CG  1 
ATOM   655  C  CD1 . TYR A 1 91  ? 5.358   -11.009 -6.699  1.00 19.70 ? 89  TYR A CD1 1 
ATOM   656  C  CD2 . TYR A 1 91  ? 4.769   -9.348  -8.314  1.00 20.55 ? 89  TYR A CD2 1 
ATOM   657  C  CE1 . TYR A 1 91  ? 6.720   -10.610 -6.758  1.00 21.24 ? 89  TYR A CE1 1 
ATOM   658  C  CE2 . TYR A 1 91  ? 6.118   -8.949  -8.394  1.00 21.70 ? 89  TYR A CE2 1 
ATOM   659  C  CZ  . TYR A 1 91  ? 7.095   -9.590  -7.604  1.00 19.11 ? 89  TYR A CZ  1 
ATOM   660  O  OH  . TYR A 1 91  ? 8.460   -9.197  -7.639  1.00 20.58 ? 89  TYR A OH  1 
ATOM   661  N  N   . TYR A 1 92  ? 0.363   -12.572 -8.649  1.00 22.60 ? 90  TYR A N   1 
ATOM   662  C  CA  . TYR A 1 92  ? -0.944  -13.064 -8.379  1.00 22.10 ? 90  TYR A CA  1 
ATOM   663  C  C   . TYR A 1 92  ? -1.494  -13.493 -9.720  1.00 22.45 ? 90  TYR A C   1 
ATOM   664  O  O   . TYR A 1 92  ? -1.191  -12.854 -10.731 1.00 25.23 ? 90  TYR A O   1 
ATOM   665  C  CB  . TYR A 1 92  ? -1.819  -11.885 -7.902  1.00 21.47 ? 90  TYR A CB  1 
ATOM   666  C  CG  . TYR A 1 92  ? -1.421  -11.370 -6.490  1.00 17.10 ? 90  TYR A CG  1 
ATOM   667  C  CD1 . TYR A 1 92  ? -1.709  -12.119 -5.385  1.00 16.30 ? 90  TYR A CD1 1 
ATOM   668  C  CD2 . TYR A 1 92  ? -0.754  -10.141 -6.340  1.00 18.14 ? 90  TYR A CD2 1 
ATOM   669  C  CE1 . TYR A 1 92  ? -1.354  -11.682 -4.071  1.00 18.42 ? 90  TYR A CE1 1 
ATOM   670  C  CE2 . TYR A 1 92  ? -0.404  -9.669  -5.046  1.00 19.77 ? 90  TYR A CE2 1 
ATOM   671  C  CZ  . TYR A 1 92  ? -0.718  -10.434 -3.944  1.00 17.55 ? 90  TYR A CZ  1 
ATOM   672  O  OH  . TYR A 1 92  ? -0.361  -9.932  -2.695  1.00 15.05 ? 90  TYR A OH  1 
ATOM   673  N  N   . PRO A 1 93  ? -2.405  -14.446 -9.674  1.00 25.38 ? 91  PRO A N   1 
ATOM   674  C  CA  . PRO A 1 93  ? -3.274  -14.672 -10.895 1.00 25.68 ? 91  PRO A CA  1 
ATOM   675  C  C   . PRO A 1 93  ? -4.227  -13.510 -11.107 1.00 26.98 ? 91  PRO A C   1 
ATOM   676  O  O   . PRO A 1 93  ? -4.420  -12.643 -10.201 1.00 26.45 ? 91  PRO A O   1 
ATOM   677  C  CB  . PRO A 1 93  ? -4.054  -15.917 -10.525 1.00 25.80 ? 91  PRO A CB  1 
ATOM   678  C  CG  . PRO A 1 93  ? -4.199  -15.866 -8.937  1.00 26.31 ? 91  PRO A CG  1 
ATOM   679  C  CD  . PRO A 1 93  ? -2.828  -15.236 -8.492  1.00 25.27 ? 91  PRO A CD  1 
ATOM   680  N  N   . ALA A 1 94  ? -4.813  -13.411 -12.302 1.00 26.80 ? 92  ALA A N   1 
ATOM   681  C  CA  . ALA A 1 94  ? -5.945  -12.476 -12.482 1.00 26.06 ? 92  ALA A CA  1 
ATOM   682  C  C   . ALA A 1 94  ? -6.956  -12.642 -11.370 1.00 24.54 ? 92  ALA A C   1 
ATOM   683  O  O   . ALA A 1 94  ? -7.387  -13.764 -11.035 1.00 24.02 ? 92  ALA A O   1 
ATOM   684  C  CB  . ALA A 1 94  ? -6.610  -12.646 -13.890 1.00 26.41 ? 92  ALA A CB  1 
ATOM   685  N  N   . ARG A 1 95  ? -7.327  -11.518 -10.747 1.00 22.74 ? 93  ARG A N   1 
ATOM   686  C  CA  . ARG A 1 95  ? -8.251  -11.593 -9.601  1.00 22.34 ? 93  ARG A CA  1 
ATOM   687  C  C   . ARG A 1 95  ? -8.872  -10.241 -9.315  1.00 20.50 ? 93  ARG A C   1 
ATOM   688  O  O   . ARG A 1 95  ? -8.417  -9.194  -9.789  1.00 22.64 ? 93  ARG A O   1 
ATOM   689  C  CB  . ARG A 1 95  ? -7.541  -12.086 -8.325  1.00 20.45 ? 93  ARG A CB  1 
ATOM   690  C  CG  . ARG A 1 95  ? -6.600  -10.978 -7.724  1.00 22.36 ? 93  ARG A CG  1 
ATOM   691  C  CD  . ARG A 1 95  ? -5.430  -11.527 -6.806  1.00 18.32 ? 93  ARG A CD  1 
ATOM   692  N  NE  . ARG A 1 95  ? -4.965  -10.552 -5.793  1.00 16.43 ? 93  ARG A NE  1 
ATOM   693  C  CZ  . ARG A 1 95  ? -4.311  -9.447  -6.035  1.00 18.90 ? 93  ARG A CZ  1 
ATOM   694  N  NH1 . ARG A 1 95  ? -4.061  -9.003  -7.286  1.00 18.48 ? 93  ARG A NH1 1 
ATOM   695  N  NH2 . ARG A 1 95  ? -3.908  -8.754  -4.954  1.00 17.24 ? 93  ARG A NH2 1 
ATOM   696  N  N   . TYR A 1 96  ? -9.896  -10.279 -8.455  1.00 22.60 ? 94  TYR A N   1 
ATOM   697  C  CA  . TYR A 1 96  ? -10.414 -9.047  -7.850  1.00 21.60 ? 94  TYR A CA  1 
ATOM   698  C  C   . TYR A 1 96  ? -9.570  -8.612  -6.642  1.00 19.33 ? 94  TYR A C   1 
ATOM   699  O  O   . TYR A 1 96  ? -9.379  -9.416  -5.718  1.00 21.68 ? 94  TYR A O   1 
ATOM   700  C  CB  . TYR A 1 96  ? -11.865 -9.239  -7.351  1.00 23.35 ? 94  TYR A CB  1 
ATOM   701  C  CG  . TYR A 1 96  ? -12.847 -9.304  -8.509  1.00 26.84 ? 94  TYR A CG  1 
ATOM   702  C  CD1 . TYR A 1 96  ? -13.035 -8.204  -9.348  1.00 34.64 ? 94  TYR A CD1 1 
ATOM   703  C  CD2 . TYR A 1 96  ? -13.524 -10.499 -8.789  1.00 35.92 ? 94  TYR A CD2 1 
ATOM   704  C  CE1 . TYR A 1 96  ? -13.927 -8.275  -10.463 1.00 39.83 ? 94  TYR A CE1 1 
ATOM   705  C  CE2 . TYR A 1 96  ? -14.417 -10.604 -9.905  1.00 37.63 ? 94  TYR A CE2 1 
ATOM   706  C  CZ  . TYR A 1 96  ? -14.611 -9.486  -10.718 1.00 43.51 ? 94  TYR A CZ  1 
ATOM   707  O  OH  . TYR A 1 96  ? -15.481 -9.562  -11.825 1.00 48.21 ? 94  TYR A OH  1 
ATOM   708  N  N   . GLN A 1 97  ? -9.096  -7.353  -6.678  1.00 16.87 ? 95  GLN A N   1 
ATOM   709  C  CA  . GLN A 1 97  ? -8.346  -6.809  -5.540  1.00 16.55 ? 95  GLN A CA  1 
ATOM   710  C  C   . GLN A 1 97  ? -9.276  -5.803  -4.910  1.00 16.11 ? 95  GLN A C   1 
ATOM   711  O  O   . GLN A 1 97  ? -9.789  -4.915  -5.601  1.00 18.11 ? 95  GLN A O   1 
ATOM   712  C  CB  . GLN A 1 97  ? -7.084  -6.169  -6.043  1.00 16.64 ? 95  GLN A CB  1 
ATOM   713  C  CG  . GLN A 1 97  ? -6.264  -5.615  -4.839  1.00 17.40 ? 95  GLN A CG  1 
ATOM   714  C  CD  . GLN A 1 97  ? -4.843  -5.264  -5.176  1.00 19.80 ? 95  GLN A CD  1 
ATOM   715  O  OE1 . GLN A 1 97  ? -4.279  -5.745  -6.162  1.00 23.59 ? 95  GLN A OE1 1 
ATOM   716  N  NE2 . GLN A 1 97  ? -4.228  -4.495  -4.335  1.00 18.82 ? 95  GLN A NE2 1 
ATOM   717  N  N   . SER A 1 98  ? -9.507  -5.874  -3.588  1.00 14.56 ? 96  SER A N   1 
ATOM   718  C  CA  . SER A 1 98  ? -10.414 -4.935  -2.989  1.00 15.37 ? 96  SER A CA  1 
ATOM   719  C  C   . SER A 1 98  ? -9.614  -3.765  -2.355  1.00 15.75 ? 96  SER A C   1 
ATOM   720  O  O   . SER A 1 98  ? -8.396  -3.810  -2.254  1.00 15.71 ? 96  SER A O   1 
ATOM   721  C  CB  . SER A 1 98  ? -11.229 -5.656  -1.858  1.00 15.88 ? 96  SER A CB  1 
ATOM   722  O  OG  . SER A 1 98  ? -10.364 -5.893  -0.741  1.00 18.00 ? 96  SER A OG  1 
ATOM   723  N  N   . HIS A 1 99  ? -10.358 -2.756  -1.918  1.00 13.00 ? 97  HIS A N   1 
ATOM   724  C  CA  . HIS A 1 99  ? -9.727  -1.640  -1.188  1.00 15.26 ? 97  HIS A CA  1 
ATOM   725  C  C   . HIS A 1 99  ? -8.700  -0.910  -2.061  1.00 15.75 ? 97  HIS A C   1 
ATOM   726  O  O   . HIS A 1 99  ? -7.788  -0.336  -1.511  1.00 17.54 ? 97  HIS A O   1 
ATOM   727  C  CB  . HIS A 1 99  ? -9.135  -2.024  0.198   1.00 14.36 ? 97  HIS A CB  1 
ATOM   728  C  CG  . HIS A 1 99  ? -10.144 -2.641  1.090   1.00 16.46 ? 97  HIS A CG  1 
ATOM   729  N  ND1 . HIS A 1 99  ? -10.848 -1.961  2.052   1.00 23.00 ? 97  HIS A ND1 1 
ATOM   730  C  CD2 . HIS A 1 99  ? -10.588 -3.901  1.110   1.00 11.72 ? 97  HIS A CD2 1 
ATOM   731  C  CE1 . HIS A 1 99  ? -11.659 -2.809  2.658   1.00 13.89 ? 97  HIS A CE1 1 
ATOM   732  N  NE2 . HIS A 1 99  ? -11.558 -3.972  2.064   1.00 18.94 ? 97  HIS A NE2 1 
ATOM   733  N  N   . LEU A 1 100 ? -8.875  -0.849  -3.382  1.00 15.90 ? 98  LEU A N   1 
ATOM   734  C  CA  . LEU A 1 100 ? -7.852  -0.329  -4.238  1.00 16.97 ? 98  LEU A CA  1 
ATOM   735  C  C   . LEU A 1 100 ? -8.313  1.050   -4.730  1.00 16.85 ? 98  LEU A C   1 
ATOM   736  O  O   . LEU A 1 100 ? -9.450  1.199   -5.138  1.00 19.44 ? 98  LEU A O   1 
ATOM   737  C  CB  . LEU A 1 100 ? -7.679  -1.269  -5.422  1.00 17.45 ? 98  LEU A CB  1 
ATOM   738  C  CG  . LEU A 1 100 ? -6.428  -0.978  -6.282  1.00 18.73 ? 98  LEU A CG  1 
ATOM   739  C  CD1 . LEU A 1 100 ? -5.070  -0.983  -5.533  1.00 16.51 ? 98  LEU A CD1 1 
ATOM   740  C  CD2 . LEU A 1 100 ? -6.397  -2.054  -7.486  1.00 22.09 ? 98  LEU A CD2 1 
ATOM   741  N  N   . MET A 1 101 ? -7.414  2.017   -4.653  1.00 17.83 ? 99  MET A N   1 
ATOM   742  C  CA  . MET A 1 101 ? -7.693  3.442   -4.991  1.00 17.60 ? 99  MET A CA  1 
ATOM   743  C  C   . MET A 1 101 ? -6.799  3.799   -6.187  1.00 19.17 ? 99  MET A C   1 
ATOM   744  O  O   . MET A 1 101 ? -5.596  3.600   -6.136  1.00 17.99 ? 99  MET A O   1 
ATOM   745  C  CB  . MET A 1 101 ? -7.349  4.359   -3.834  1.00 16.77 ? 99  MET A CB  1 
ATOM   746  C  CG  . MET A 1 101 ? -8.233  3.975   -2.606  1.00 17.74 ? 99  MET A CG  1 
ATOM   747  S  SD  . MET A 1 101 ? -7.907  4.934   -1.151  1.00 19.45 ? 99  MET A SD  1 
ATOM   748  C  CE  . MET A 1 101 ? -6.177  4.610   -0.772  1.00 20.88 ? 99  MET A CE  1 
ATOM   749  N  N   . LEU A 1 102 ? -7.409  4.303   -7.263  1.00 19.49 ? 100 LEU A N   1 
ATOM   750  C  CA  . LEU A 1 102 ? -6.611  4.575   -8.498  1.00 20.14 ? 100 LEU A CA  1 
ATOM   751  C  C   . LEU A 1 102 ? -6.359  6.088   -8.695  1.00 20.75 ? 100 LEU A C   1 
ATOM   752  O  O   . LEU A 1 102 ? -7.226  6.913   -8.345  1.00 21.80 ? 100 LEU A O   1 
ATOM   753  C  CB  . LEU A 1 102 ? -7.321  4.077   -9.716  1.00 19.39 ? 100 LEU A CB  1 
ATOM   754  C  CG  . LEU A 1 102 ? -7.634  2.586   -9.645  1.00 23.55 ? 100 LEU A CG  1 
ATOM   755  C  CD1 . LEU A 1 102 ? -8.486  2.139   -10.825 1.00 27.80 ? 100 LEU A CD1 1 
ATOM   756  C  CD2 . LEU A 1 102 ? -6.335  1.803   -9.646  1.00 25.13 ? 100 LEU A CD2 1 
ATOM   757  N  N   . ALA A 1 103 ? -5.126  6.406   -9.116  1.00 21.70 ? 101 ALA A N   1 
ATOM   758  C  CA  . ALA A 1 103 ? -4.785  7.753   -9.511  1.00 21.54 ? 101 ALA A CA  1 
ATOM   759  C  C   . ALA A 1 103 ? -4.081  7.744   -10.868 1.00 23.41 ? 101 ALA A C   1 
ATOM   760  O  O   . ALA A 1 103 ? -3.418  6.803   -11.239 1.00 22.61 ? 101 ALA A O   1 
ATOM   761  C  CB  . ALA A 1 103 ? -3.821  8.336   -8.509  1.00 21.78 ? 101 ALA A CB  1 
ATOM   762  N  N   . GLN A 1 104 ? -4.171  8.863   -11.565 1.00 22.96 ? 102 GLN A N   1 
ATOM   763  C  CA  . GLN A 1 104 ? -3.318  9.038   -12.724 1.00 23.22 ? 102 GLN A CA  1 
ATOM   764  C  C   . GLN A 1 104 ? -1.936  9.349   -12.233 1.00 23.69 ? 102 GLN A C   1 
ATOM   765  O  O   . GLN A 1 104 ? -1.716  10.218  -11.347 1.00 26.67 ? 102 GLN A O   1 
ATOM   766  C  CB  . GLN A 1 104 ? -3.911  10.201  -13.613 1.00 22.68 ? 102 GLN A CB  1 
ATOM   767  C  CG  . GLN A 1 104 ? -5.021  9.693   -14.515 1.00 30.15 ? 102 GLN A CG  1 
ATOM   768  C  CD  . GLN A 1 104 ? -5.383  10.768  -15.595 1.00 36.33 ? 102 GLN A CD  1 
ATOM   769  O  OE1 . GLN A 1 104 ? -6.434  10.699  -16.228 1.00 40.68 ? 102 GLN A OE1 1 
ATOM   770  N  NE2 . GLN A 1 104 ? -4.457  11.741  -15.820 1.00 38.77 ? 102 GLN A NE2 1 
ATOM   771  N  N   . GLY A 1 105 ? -0.939  8.637   -12.735 1.00 22.34 ? 103 GLY A N   1 
ATOM   772  C  CA  . GLY A 1 105 ? 0.396   8.927   -12.297 1.00 24.13 ? 103 GLY A CA  1 
ATOM   773  C  C   . GLY A 1 105 ? 1.428   7.972   -12.836 1.00 23.80 ? 103 GLY A C   1 
ATOM   774  O  O   . GLY A 1 105 ? 1.108   6.916   -13.404 1.00 21.71 ? 103 GLY A O   1 
ATOM   775  N  N   . HIS A 1 106 ? 2.674   8.371   -12.677 1.00 23.55 ? 104 HIS A N   1 
ATOM   776  C  CA  . HIS A 1 106 ? 3.813   7.569   -13.067 1.00 24.48 ? 104 HIS A CA  1 
ATOM   777  C  C   . HIS A 1 106 ? 3.936   6.300   -12.182 1.00 26.00 ? 104 HIS A C   1 
ATOM   778  O  O   . HIS A 1 106 ? 3.731   6.355   -10.948 1.00 24.44 ? 104 HIS A O   1 
ATOM   779  C  CB  . HIS A 1 106 ? 5.078   8.399   -12.890 1.00 26.46 ? 104 HIS A CB  1 
ATOM   780  C  CG  . HIS A 1 106 ? 6.317   7.605   -12.967 1.00 29.34 ? 104 HIS A CG  1 
ATOM   781  N  ND1 . HIS A 1 106 ? 6.739   7.032   -14.156 1.00 36.57 ? 104 HIS A ND1 1 
ATOM   782  C  CD2 . HIS A 1 106 ? 7.166   7.168   -12.002 1.00 30.77 ? 104 HIS A CD2 1 
ATOM   783  C  CE1 . HIS A 1 106 ? 7.833   6.322   -13.921 1.00 36.91 ? 104 HIS A CE1 1 
ATOM   784  N  NE2 . HIS A 1 106 ? 8.113   6.389   -12.625 1.00 33.86 ? 104 HIS A NE2 1 
ATOM   785  N  N   . SER A 1 107 ? 4.313   5.189   -12.813 1.00 26.54 ? 105 SER A N   1 
ATOM   786  C  CA  . SER A 1 107 ? 4.796   4.066   -12.058 1.00 29.56 ? 105 SER A CA  1 
ATOM   787  C  C   . SER A 1 107 ? 5.676   3.212   -12.891 1.00 29.80 ? 105 SER A C   1 
ATOM   788  O  O   . SER A 1 107 ? 5.545   3.139   -14.133 1.00 30.34 ? 105 SER A O   1 
ATOM   789  C  CB  . SER A 1 107 ? 3.654   3.225   -11.440 1.00 29.52 ? 105 SER A CB  1 
ATOM   790  O  OG  . SER A 1 107 ? 3.013   2.484   -12.438 1.00 32.86 ? 105 SER A OG  1 
ATOM   791  N  N   . GLU A 1 108 ? 6.563   2.537   -12.186 1.00 27.84 ? 106 GLU A N   1 
ATOM   792  C  CA  . GLU A 1 108 ? 7.576   1.680   -12.777 1.00 27.90 ? 106 GLU A CA  1 
ATOM   793  C  C   . GLU A 1 108 ? 7.777   0.545   -11.807 1.00 27.73 ? 106 GLU A C   1 
ATOM   794  O  O   . GLU A 1 108 ? 7.527   0.709   -10.585 1.00 24.46 ? 106 GLU A O   1 
ATOM   795  C  CB  . GLU A 1 108 ? 8.930   2.420   -12.842 1.00 29.76 ? 106 GLU A CB  1 
ATOM   796  C  CG  . GLU A 1 108 ? 9.088   3.205   -14.046 1.00 33.24 ? 106 GLU A CG  1 
ATOM   797  C  CD  . GLU A 1 108 ? 10.399  3.865   -14.136 1.00 33.91 ? 106 GLU A CD  1 
ATOM   798  O  OE1 . GLU A 1 108 ? 11.401  3.258   -13.713 1.00 40.05 ? 106 GLU A OE1 1 
ATOM   799  O  OE2 . GLU A 1 108 ? 10.463  5.004   -14.638 1.00 35.91 ? 106 GLU A OE2 1 
ATOM   800  N  N   . PRO A 1 109 ? 8.394   -0.551  -12.293 1.00 26.88 ? 107 PRO A N   1 
ATOM   801  C  CA  . PRO A 1 109 ? 8.842   -1.650  -11.455 1.00 27.86 ? 107 PRO A CA  1 
ATOM   802  C  C   . PRO A 1 109 ? 9.625   -1.150  -10.229 1.00 25.09 ? 107 PRO A C   1 
ATOM   803  O  O   . PRO A 1 109 ? 10.517  -0.261  -10.336 1.00 27.77 ? 107 PRO A O   1 
ATOM   804  C  CB  . PRO A 1 109 ? 9.755   -2.479  -12.395 1.00 26.76 ? 107 PRO A CB  1 
ATOM   805  C  CG  . PRO A 1 109 ? 9.172   -2.230  -13.772 1.00 29.15 ? 107 PRO A CG  1 
ATOM   806  C  CD  . PRO A 1 109 ? 8.789   -0.743  -13.708 1.00 28.77 ? 107 PRO A CD  1 
ATOM   807  N  N   . GLY A 1 110 ? 9.186   -1.609  -9.063  1.00 24.65 ? 108 GLY A N   1 
ATOM   808  C  CA  . GLY A 1 110 ? 9.852   -1.226  -7.804  1.00 23.71 ? 108 GLY A CA  1 
ATOM   809  C  C   . GLY A 1 110 ? 9.136   -0.122  -7.070  1.00 22.91 ? 108 GLY A C   1 
ATOM   810  O  O   . GLY A 1 110 ? 9.569   0.280   -5.963  1.00 22.04 ? 108 GLY A O   1 
ATOM   811  N  N   . ASP A 1 111 ? 8.039   0.411   -7.664  1.00 20.17 ? 109 ASP A N   1 
ATOM   812  C  CA  . ASP A 1 111 ? 7.298   1.463   -6.968  1.00 19.71 ? 109 ASP A CA  1 
ATOM   813  C  C   . ASP A 1 111 ? 6.356   0.922   -5.924  1.00 18.93 ? 109 ASP A C   1 
ATOM   814  O  O   . ASP A 1 111 ? 5.901   1.687   -5.058  1.00 20.01 ? 109 ASP A O   1 
ATOM   815  C  CB  . ASP A 1 111 ? 6.573   2.444   -7.946  1.00 19.35 ? 109 ASP A CB  1 
ATOM   816  C  CG  . ASP A 1 111 ? 7.562   3.359   -8.671  1.00 26.00 ? 109 ASP A CG  1 
ATOM   817  O  OD1 . ASP A 1 111 ? 8.731   3.457   -8.246  1.00 23.23 ? 109 ASP A OD1 1 
ATOM   818  O  OD2 . ASP A 1 111 ? 7.171   3.956   -9.678  1.00 24.96 ? 109 ASP A OD2 1 
ATOM   819  N  N   . ALA A 1 112 ? 6.009   -0.378  -5.970  1.00 19.35 ? 110 ALA A N   1 
ATOM   820  C  CA  . ALA A 1 112 ? 5.154   -0.888  -4.930  1.00 19.82 ? 110 ALA A CA  1 
ATOM   821  C  C   . ALA A 1 112 ? 5.853   -0.682  -3.575  1.00 19.79 ? 110 ALA A C   1 
ATOM   822  O  O   . ALA A 1 112 ? 7.095   -0.782  -3.478  1.00 20.17 ? 110 ALA A O   1 
ATOM   823  C  CB  . ALA A 1 112 ? 4.880   -2.394  -5.160  1.00 20.56 ? 110 ALA A CB  1 
ATOM   824  N  N   . GLY A 1 113 ? 5.092   -0.311  -2.558  1.00 19.95 ? 111 GLY A N   1 
ATOM   825  C  CA  . GLY A 1 113 ? 5.605   -0.011  -1.230  1.00 20.01 ? 111 GLY A CA  1 
ATOM   826  C  C   . GLY A 1 113 ? 5.675   1.493   -0.908  1.00 20.91 ? 111 GLY A C   1 
ATOM   827  O  O   . GLY A 1 113 ? 5.943   1.892   0.294   1.00 21.23 ? 111 GLY A O   1 
ATOM   828  N  N   . GLY A 1 114 ? 5.572   2.325   -1.948  1.00 19.75 ? 112 GLY A N   1 
ATOM   829  C  CA  . GLY A 1 114 ? 5.629   3.773   -1.657  1.00 20.94 ? 112 GLY A CA  1 
ATOM   830  C  C   . GLY A 1 114 ? 4.412   4.155   -0.825  1.00 23.14 ? 112 GLY A C   1 
ATOM   831  O  O   . GLY A 1 114 ? 3.260   3.653   -1.103  1.00 22.35 ? 112 GLY A O   1 
ATOM   832  N  N   . ILE A 1 115 ? 4.659   4.982   0.225   1.00 23.28 ? 113 ILE A N   1 
ATOM   833  C  CA  . ILE A 1 115 ? 3.593   5.293   1.174   1.00 22.60 ? 113 ILE A CA  1 
ATOM   834  C  C   . ILE A 1 115 ? 2.834   6.530   0.723   1.00 24.39 ? 113 ILE A C   1 
ATOM   835  O  O   . ILE A 1 115 ? 3.483   7.571   0.366   1.00 25.32 ? 113 ILE A O   1 
ATOM   836  C  CB  . ILE A 1 115 ? 4.124   5.399   2.634   1.00 23.15 ? 113 ILE A CB  1 
ATOM   837  C  CG1 . ILE A 1 115 ? 4.869   4.119   3.068   1.00 24.50 ? 113 ILE A CG1 1 
ATOM   838  C  CG2 . ILE A 1 115 ? 2.979   5.732   3.603   1.00 25.01 ? 113 ILE A CG2 1 
ATOM   839  C  CD1 . ILE A 1 115 ? 5.577   4.220   4.413   1.00 32.43 ? 113 ILE A CD1 1 
ATOM   840  N  N   . LEU A 1 116 ? 1.514   6.434   0.672   1.00 21.69 ? 114 LEU A N   1 
ATOM   841  C  CA  . LEU A 1 116 ? 0.585   7.561   0.436   1.00 22.60 ? 114 LEU A CA  1 
ATOM   842  C  C   . LEU A 1 116 ? 0.081   8.207   1.735   1.00 24.66 ? 114 LEU A C   1 
ATOM   843  O  O   . LEU A 1 116 ? -0.438  7.516   2.648   1.00 23.98 ? 114 LEU A O   1 
ATOM   844  C  CB  . LEU A 1 116 ? -0.598  7.080   -0.385  1.00 20.94 ? 114 LEU A CB  1 
ATOM   845  C  CG  . LEU A 1 116 ? -1.819  7.942   -0.707  1.00 21.42 ? 114 LEU A CG  1 
ATOM   846  C  CD1 . LEU A 1 116 ? -1.367  9.172   -1.642  1.00 22.89 ? 114 LEU A CD1 1 
ATOM   847  C  CD2 . LEU A 1 116 ? -2.936  7.186   -1.333  1.00 22.90 ? 114 LEU A CD2 1 
ATOM   848  N  N   . ARG A 1 117 ? 0.194   9.546   1.840   1.00 24.21 ? 115 ARG A N   1 
ATOM   849  C  CA  . ARG A 1 117 ? -0.031  10.252  3.122   1.00 24.67 ? 115 ARG A CA  1 
ATOM   850  C  C   . ARG A 1 117 ? -0.901  11.463  2.862   1.00 25.08 ? 115 ARG A C   1 
ATOM   851  O  O   . ARG A 1 117 ? -0.962  11.959  1.770   1.00 25.50 ? 115 ARG A O   1 
ATOM   852  C  CB  . ARG A 1 117 ? 1.274   10.722  3.779   1.00 25.64 ? 115 ARG A CB  1 
ATOM   853  C  CG  . ARG A 1 117 ? 2.163   9.641   4.420   1.00 28.45 ? 115 ARG A CG  1 
ATOM   854  C  CD  . ARG A 1 117 ? 3.581   10.167  4.682   1.00 31.98 ? 115 ARG A CD  1 
ATOM   855  N  NE  . ARG A 1 117 ? 4.534   9.047   4.904   1.00 37.58 ? 115 ARG A NE  1 
ATOM   856  C  CZ  . ARG A 1 117 ? 4.642   8.317   6.019   1.00 32.49 ? 115 ARG A CZ  1 
ATOM   857  N  NH1 . ARG A 1 117 ? 3.880   8.593   7.074   1.00 39.17 ? 115 ARG A NH1 1 
ATOM   858  N  NH2 . ARG A 1 117 ? 5.530   7.331   6.098   1.00 37.64 ? 115 ARG A NH2 1 
ATOM   859  N  N   . CYS A 1 118 ? -1.686  11.833  3.870   1.00 24.65 ? 116 CYS A N   1 
ATOM   860  C  CA  . CYS A 1 118 ? -2.425  13.123  3.839   1.00 25.53 ? 116 CYS A CA  1 
ATOM   861  C  C   . CYS A 1 118 ? -2.112  13.835  5.173   1.00 24.07 ? 116 CYS A C   1 
ATOM   862  O  O   . CYS A 1 118 ? -1.285  13.396  6.040   1.00 25.24 ? 116 CYS A O   1 
ATOM   863  C  CB  . CYS A 1 118 ? -3.925  12.885  3.642   1.00 25.42 ? 116 CYS A CB  1 
ATOM   864  S  SG  . CYS A 1 118 ? -4.659  11.979  5.165   1.00 25.02 ? 116 CYS A SG  1 
ATOM   865  N  N   . GLN A 1 119 ? -2.815  14.950  5.373   1.00 27.80 ? 117 GLN A N   1 
ATOM   866  C  CA  . GLN A 1 119 ? -2.668  15.713  6.613   1.00 28.46 ? 117 GLN A CA  1 
ATOM   867  C  C   . GLN A 1 119 ? -2.987  14.900  7.878   1.00 28.81 ? 117 GLN A C   1 
ATOM   868  O  O   . GLN A 1 119 ? -2.482  15.233  8.964   1.00 28.05 ? 117 GLN A O   1 
ATOM   869  C  CB  . GLN A 1 119 ? -3.513  17.001  6.548   1.00 29.47 ? 117 GLN A CB  1 
ATOM   870  C  CG  . GLN A 1 119 ? -4.957  16.727  6.612   1.00 34.11 ? 117 GLN A CG  1 
ATOM   871  C  CD  . GLN A 1 119 ? -5.809  17.953  6.329   1.00 43.34 ? 117 GLN A CD  1 
ATOM   872  O  OE1 . GLN A 1 119 ? -6.069  18.748  7.252   1.00 45.70 ? 117 GLN A OE1 1 
ATOM   873  N  NE2 . GLN A 1 119 ? -6.299  18.088  5.071   1.00 42.97 ? 117 GLN A NE2 1 
ATOM   874  N  N   . HIS A 1 120 ? -3.789  13.807  7.740   1.00 26.55 ? 118 HIS A N   1 
ATOM   875  C  CA  . HIS A 1 120 ? -4.209  13.017  8.916   1.00 26.73 ? 118 HIS A CA  1 
ATOM   876  C  C   . HIS A 1 120 ? -3.320  11.835  9.194   1.00 25.47 ? 118 HIS A C   1 
ATOM   877  O  O   . HIS A 1 120 ? -3.481  11.162  10.210  1.00 27.45 ? 118 HIS A O   1 
ATOM   878  C  CB  . HIS A 1 120 ? -5.643  12.583  8.737   1.00 24.92 ? 118 HIS A CB  1 
ATOM   879  C  CG  . HIS A 1 120 ? -6.563  13.715  8.401   1.00 25.87 ? 118 HIS A CG  1 
ATOM   880  N  ND1 . HIS A 1 120 ? -7.045  13.913  7.138   1.00 24.36 ? 118 HIS A ND1 1 
ATOM   881  C  CD2 . HIS A 1 120 ? -7.091  14.708  9.167   1.00 25.15 ? 118 HIS A CD2 1 
ATOM   882  C  CE1 . HIS A 1 120 ? -7.889  14.928  7.120   1.00 27.91 ? 118 HIS A CE1 1 
ATOM   883  N  NE2 . HIS A 1 120 ? -7.921  15.441  8.350   1.00 29.28 ? 118 HIS A NE2 1 
ATOM   884  N  N   . GLY A 1 121 ? -2.357  11.607  8.308   1.00 24.04 ? 119 GLY A N   1 
ATOM   885  C  CA  . GLY A 1 121 ? -1.381  10.462  8.521   1.00 22.97 ? 119 GLY A CA  1 
ATOM   886  C  C   . GLY A 1 121 ? -1.323  9.524   7.279   1.00 24.08 ? 119 GLY A C   1 
ATOM   887  O  O   . GLY A 1 121 ? -1.596  9.952   6.133   1.00 24.21 ? 119 GLY A O   1 
ATOM   888  N  N   . VAL A 1 122 ? -1.010  8.224   7.525   1.00 23.02 ? 120 VAL A N   1 
ATOM   889  C  CA  . VAL A 1 122 ? -0.872  7.271   6.400   1.00 21.85 ? 120 VAL A CA  1 
ATOM   890  C  C   . VAL A 1 122 ? -2.235  6.834   5.810   1.00 20.37 ? 120 VAL A C   1 
ATOM   891  O  O   . VAL A 1 122 ? -3.102  6.377   6.556   1.00 20.69 ? 120 VAL A O   1 
ATOM   892  C  CB  . VAL A 1 122 ? -0.095  6.015   6.853   1.00 21.76 ? 120 VAL A CB  1 
ATOM   893  C  CG1 . VAL A 1 122 ? -0.048  4.982   5.675   1.00 20.01 ? 120 VAL A CG1 1 
ATOM   894  C  CG2 . VAL A 1 122 ? 1.295   6.336   7.213   1.00 25.03 ? 120 VAL A CG2 1 
ATOM   895  N  N   . VAL A 1 123 ? -2.361  6.886   4.481   1.00 18.37 ? 121 VAL A N   1 
ATOM   896  C  CA  . VAL A 1 123 ? -3.630  6.558   3.821   1.00 19.07 ? 121 VAL A CA  1 
ATOM   897  C  C   . VAL A 1 123 ? -3.492  5.149   3.167   1.00 19.84 ? 121 VAL A C   1 
ATOM   898  O  O   . VAL A 1 123 ? -4.458  4.364   3.188   1.00 18.02 ? 121 VAL A O   1 
ATOM   899  C  CB  . VAL A 1 123 ? -3.931  7.610   2.728   1.00 19.66 ? 121 VAL A CB  1 
ATOM   900  C  CG1 . VAL A 1 123 ? -4.999  7.169   1.819   1.00 21.20 ? 121 VAL A CG1 1 
ATOM   901  C  CG2 . VAL A 1 123 ? -4.307  8.943   3.414   1.00 21.14 ? 121 VAL A CG2 1 
ATOM   902  N  N   . GLY A 1 124 ? -2.341  4.872   2.587   1.00 19.81 ? 122 GLY A N   1 
ATOM   903  C  CA  . GLY A 1 124 ? -2.234  3.607   1.844   1.00 19.02 ? 122 GLY A CA  1 
ATOM   904  C  C   . GLY A 1 124 ? -0.862  3.375   1.333   1.00 19.37 ? 122 GLY A C   1 
ATOM   905  O  O   . GLY A 1 124 ? 0.060   4.095   1.676   1.00 19.61 ? 122 GLY A O   1 
ATOM   906  N  N   . ILE A 1 125 ? -0.701  2.357   0.480   1.00 16.28 ? 123 ILE A N   1 
ATOM   907  C  CA  . ILE A 1 125 ? 0.617   2.003   -0.005  1.00 18.17 ? 123 ILE A CA  1 
ATOM   908  C  C   . ILE A 1 125 ? 0.503   1.542   -1.483  1.00 18.05 ? 123 ILE A C   1 
ATOM   909  O  O   . ILE A 1 125 ? -0.515  0.911   -1.857  1.00 19.85 ? 123 ILE A O   1 
ATOM   910  C  CB  . ILE A 1 125 ? 1.210   0.845   0.877   1.00 19.89 ? 123 ILE A CB  1 
ATOM   911  C  CG1 . ILE A 1 125 ? 2.592   0.412   0.437   1.00 21.19 ? 123 ILE A CG1 1 
ATOM   912  C  CG2 . ILE A 1 125 ? 0.324   -0.389  0.828   1.00 20.96 ? 123 ILE A CG2 1 
ATOM   913  C  CD1 . ILE A 1 125 ? 3.370   -0.190  1.616   1.00 28.11 ? 123 ILE A CD1 1 
ATOM   914  N  N   . VAL A 1 126 ? 1.459   1.954   -2.336  1.00 16.48 ? 124 VAL A N   1 
ATOM   915  C  CA  . VAL A 1 126 ? 1.412   1.566   -3.747  1.00 16.22 ? 124 VAL A CA  1 
ATOM   916  C  C   . VAL A 1 126 ? 1.366   0.032   -3.859  1.00 16.53 ? 124 VAL A C   1 
ATOM   917  O  O   . VAL A 1 126 ? 2.223   -0.631  -3.277  1.00 17.10 ? 124 VAL A O   1 
ATOM   918  C  CB  . VAL A 1 126 ? 2.630   2.114   -4.580  1.00 16.66 ? 124 VAL A CB  1 
ATOM   919  C  CG1 . VAL A 1 126 ? 2.458   1.627   -6.068  1.00 20.27 ? 124 VAL A CG1 1 
ATOM   920  C  CG2 . VAL A 1 126 ? 2.657   3.676   -4.453  1.00 18.47 ? 124 VAL A CG2 1 
ATOM   921  N  N   . SER A 1 127 ? 0.392   -0.460  -4.588  1.00 16.07 ? 125 SER A N   1 
ATOM   922  C  CA  . SER A 1 127 ? 0.244   -1.899  -4.805  1.00 16.45 ? 125 SER A CA  1 
ATOM   923  C  C   . SER A 1 127 ? 0.303   -2.299  -6.261  1.00 16.81 ? 125 SER A C   1 
ATOM   924  O  O   . SER A 1 127 ? 0.864   -3.375  -6.625  1.00 19.71 ? 125 SER A O   1 
ATOM   925  C  CB  . SER A 1 127 ? -1.032  -2.375  -4.157  1.00 17.84 ? 125 SER A CB  1 
ATOM   926  O  OG  . SER A 1 127 ? -1.254  -3.761  -4.426  1.00 17.61 ? 125 SER A OG  1 
ATOM   927  N  N   . THR A 1 128 ? -0.315  -1.513  -7.103  1.00 17.70 ? 126 THR A N   1 
ATOM   928  C  CA  . THR A 1 128 ? -0.465  -1.916  -8.516  1.00 20.43 ? 126 THR A CA  1 
ATOM   929  C  C   . THR A 1 128 ? -0.182  -0.692  -9.398  1.00 20.71 ? 126 THR A C   1 
ATOM   930  O  O   . THR A 1 128 ? -0.009  0.409   -8.909  1.00 19.40 ? 126 THR A O   1 
ATOM   931  C  CB  . THR A 1 128 ? -1.961  -2.357  -8.867  1.00 21.55 ? 126 THR A CB  1 
ATOM   932  O  OG1 . THR A 1 128 ? -2.853  -1.240  -8.853  1.00 25.57 ? 126 THR A OG1 1 
ATOM   933  C  CG2 . THR A 1 128 ? -2.605  -3.321  -7.941  1.00 26.79 ? 126 THR A CG2 1 
ATOM   934  N  N   . GLY A 1 129 ? -0.185  -0.919  -10.704 1.00 23.85 ? 127 GLY A N   1 
ATOM   935  C  CA  . GLY A 1 129 ? -0.158  0.227   -11.636 1.00 24.65 ? 127 GLY A CA  1 
ATOM   936  C  C   . GLY A 1 129 ? -0.047  -0.280  -13.056 1.00 26.14 ? 127 GLY A C   1 
ATOM   937  O  O   . GLY A 1 129 ? 0.012   -1.492  -13.304 1.00 26.51 ? 127 GLY A O   1 
ATOM   938  N  N   . GLY A 1 130 ? -0.047  0.661   -13.974 1.00 25.10 ? 128 GLY A N   1 
ATOM   939  C  CA  . GLY A 1 130 ? 0.012   0.314   -15.415 1.00 26.24 ? 128 GLY A CA  1 
ATOM   940  C  C   . GLY A 1 130 ? -1.017  1.133   -16.172 1.00 25.46 ? 128 GLY A C   1 
ATOM   941  O  O   . GLY A 1 130 ? -1.936  1.697   -15.547 1.00 25.07 ? 128 GLY A O   1 
ATOM   942  N  N   . ASN A 1 131 ? -0.921  1.182   -17.516 1.00 24.61 ? 129 ASN A N   1 
ATOM   943  C  CA  A ASN A 1 131 ? -1.817  2.023   -18.331 0.50 25.26 ? 129 ASN A CA  1 
ATOM   944  C  CA  B ASN A 1 131 ? -1.895  1.960   -18.255 0.50 25.36 ? 129 ASN A CA  1 
ATOM   945  C  C   . ASN A 1 131 ? -2.036  3.410   -17.751 1.00 24.32 ? 129 ASN A C   1 
ATOM   946  O  O   . ASN A 1 131 ? -3.130  4.013   -17.850 1.00 25.31 ? 129 ASN A O   1 
ATOM   947  C  CB  A ASN A 1 131 ? -3.162  1.304   -18.650 0.50 26.93 ? 129 ASN A CB  1 
ATOM   948  C  CB  B ASN A 1 131 ? -3.256  1.194   -18.240 0.50 26.72 ? 129 ASN A CB  1 
ATOM   949  C  CG  A ASN A 1 131 ? -3.922  1.949   -19.814 0.50 27.49 ? 129 ASN A CG  1 
ATOM   950  C  CG  B ASN A 1 131 ? -3.187  -0.138  -18.999 0.50 27.89 ? 129 ASN A CG  1 
ATOM   951  O  OD1 A ASN A 1 131 ? -3.345  2.291   -20.852 0.50 29.59 ? 129 ASN A OD1 1 
ATOM   952  O  OD1 B ASN A 1 131 ? -3.592  -1.206  -18.501 0.50 34.22 ? 129 ASN A OD1 1 
ATOM   953  N  ND2 A ASN A 1 131 ? -5.224  2.115   -19.643 0.50 31.93 ? 129 ASN A ND2 1 
ATOM   954  N  ND2 B ASN A 1 131 ? -2.641  -0.083  -20.192 0.50 34.36 ? 129 ASN A ND2 1 
ATOM   955  N  N   . GLY A 1 132 ? -0.981  3.986   -17.196 1.00 21.55 ? 130 GLY A N   1 
ATOM   956  C  CA  . GLY A 1 132 ? -1.042  5.387   -16.745 1.00 20.13 ? 130 GLY A CA  1 
ATOM   957  C  C   . GLY A 1 132 ? -1.703  5.602   -15.384 1.00 20.74 ? 130 GLY A C   1 
ATOM   958  O  O   . GLY A 1 132 ? -1.972  6.742   -15.006 1.00 20.88 ? 130 GLY A O   1 
ATOM   959  N  N   . LEU A 1 133 ? -1.986  4.491   -14.704 1.00 22.20 ? 131 LEU A N   1 
ATOM   960  C  CA  . LEU A 1 133 ? -2.588  4.529   -13.367 1.00 22.82 ? 131 LEU A CA  1 
ATOM   961  C  C   . LEU A 1 133 ? -1.657  3.977   -12.273 1.00 21.23 ? 131 LEU A C   1 
ATOM   962  O  O   . LEU A 1 133 ? -0.766  3.179   -12.541 1.00 20.31 ? 131 LEU A O   1 
ATOM   963  C  CB  . LEU A 1 133 ? -3.937  3.766   -13.328 1.00 21.72 ? 131 LEU A CB  1 
ATOM   964  C  CG  . LEU A 1 133 ? -4.923  4.198   -14.417 1.00 24.70 ? 131 LEU A CG  1 
ATOM   965  C  CD1 . LEU A 1 133 ? -6.066  3.228   -14.493 1.00 32.46 ? 131 LEU A CD1 1 
ATOM   966  C  CD2 . LEU A 1 133 ? -5.396  5.579   -14.086 1.00 26.45 ? 131 LEU A CD2 1 
ATOM   967  N  N   . VAL A 1 134 ? -1.884  4.416   -11.029 1.00 21.32 ? 132 VAL A N   1 
ATOM   968  C  CA  . VAL A 1 134 ? -1.137  3.901   -9.879  1.00 20.92 ? 132 VAL A CA  1 
ATOM   969  C  C   . VAL A 1 134 ? -2.264  3.468   -8.964  1.00 21.33 ? 132 VAL A C   1 
ATOM   970  O  O   . VAL A 1 134 ? -3.259  4.247   -8.772  1.00 21.40 ? 132 VAL A O   1 
ATOM   971  C  CB  . VAL A 1 134 ? -0.268  4.977   -9.160  1.00 21.80 ? 132 VAL A CB  1 
ATOM   972  C  CG1 . VAL A 1 134 ? 0.467   4.402   -7.924  1.00 21.51 ? 132 VAL A CG1 1 
ATOM   973  C  CG2 . VAL A 1 134 ? 0.705   5.657   -10.070 1.00 25.47 ? 132 VAL A CG2 1 
ATOM   974  N  N   . GLY A 1 135 ? -2.205  2.215   -8.463  1.00 18.67 ? 133 GLY A N   1 
ATOM   975  C  CA  . GLY A 1 135 ? -3.254  1.741   -7.547  1.00 17.82 ? 133 GLY A CA  1 
ATOM   976  C  C   . GLY A 1 135 ? -2.634  1.636   -6.130  1.00 17.51 ? 133 GLY A C   1 
ATOM   977  O  O   . GLY A 1 135 ? -1.575  1.003   -5.907  1.00 18.24 ? 133 GLY A O   1 
ATOM   978  N  N   . PHE A 1 136 ? -3.340  2.271   -5.182  1.00 15.44 ? 134 PHE A N   1 
ATOM   979  C  CA  . PHE A 1 136 ? -2.899  2.261   -3.792  1.00 15.05 ? 134 PHE A CA  1 
ATOM   980  C  C   . PHE A 1 136 ? -3.822  1.396   -2.961  1.00 15.04 ? 134 PHE A C   1 
ATOM   981  O  O   . PHE A 1 136 ? -5.034  1.528   -3.064  1.00 17.32 ? 134 PHE A O   1 
ATOM   982  C  CB  . PHE A 1 136 ? -3.047  3.697   -3.221  1.00 15.45 ? 134 PHE A CB  1 
ATOM   983  C  CG  . PHE A 1 136 ? -2.154  4.730   -3.925  1.00 16.62 ? 134 PHE A CG  1 
ATOM   984  C  CD1 . PHE A 1 136 ? -0.875  4.870   -3.475  1.00 16.92 ? 134 PHE A CD1 1 
ATOM   985  C  CD2 . PHE A 1 136 ? -2.653  5.498   -4.990  1.00 21.14 ? 134 PHE A CD2 1 
ATOM   986  C  CE1 . PHE A 1 136 ? 0.037   5.886   -4.082  1.00 17.58 ? 134 PHE A CE1 1 
ATOM   987  C  CE2 . PHE A 1 136 ? -1.792  6.470   -5.663  1.00 20.88 ? 134 PHE A CE2 1 
ATOM   988  C  CZ  . PHE A 1 136 ? -0.436  6.628   -5.174  1.00 19.77 ? 134 PHE A CZ  1 
ATOM   989  N  N   . ALA A 1 137 ? -3.257  0.507   -2.137  1.00 14.92 ? 135 ALA A N   1 
ATOM   990  C  CA  . ALA A 1 137 ? -4.024  -0.299  -1.192  1.00 15.38 ? 135 ALA A CA  1 
ATOM   991  C  C   . ALA A 1 137 ? -4.342  0.586   0.013   1.00 14.77 ? 135 ALA A C   1 
ATOM   992  O  O   . ALA A 1 137 ? -3.438  1.014   0.741   1.00 15.00 ? 135 ALA A O   1 
ATOM   993  C  CB  . ALA A 1 137 ? -3.172  -1.513  -0.760  1.00 16.56 ? 135 ALA A CB  1 
ATOM   994  N  N   . ASP A 1 138 ? -5.621  0.855   0.211   1.00 14.19 ? 136 ASP A N   1 
ATOM   995  C  CA  . ASP A 1 138 ? -6.113  1.670   1.345   1.00 15.39 ? 136 ASP A CA  1 
ATOM   996  C  C   . ASP A 1 138 ? -5.850  0.856   2.659   1.00 16.31 ? 136 ASP A C   1 
ATOM   997  O  O   . ASP A 1 138 ? -6.053  -0.374  2.696   1.00 17.08 ? 136 ASP A O   1 
ATOM   998  C  CB  . ASP A 1 138 ? -7.589  1.924   1.178   1.00 15.50 ? 136 ASP A CB  1 
ATOM   999  C  CG  . ASP A 1 138 ? -8.168  2.932   2.132   1.00 16.10 ? 136 ASP A CG  1 
ATOM   1000 O  OD1 . ASP A 1 138 ? -9.396  3.086   2.157   1.00 18.80 ? 136 ASP A OD1 1 
ATOM   1001 O  OD2 . ASP A 1 138 ? -7.450  3.574   2.923   1.00 18.16 ? 136 ASP A OD2 1 
ATOM   1002 N  N   . VAL A 1 139 ? -5.365  1.563   3.692   1.00 15.19 ? 137 VAL A N   1 
ATOM   1003 C  CA  . VAL A 1 139 ? -5.268  0.965   5.043   1.00 15.06 ? 137 VAL A CA  1 
ATOM   1004 C  C   . VAL A 1 139 ? -6.124  1.585   6.127   1.00 14.91 ? 137 VAL A C   1 
ATOM   1005 O  O   . VAL A 1 139 ? -6.025  1.170   7.309   1.00 15.62 ? 137 VAL A O   1 
ATOM   1006 C  CB  . VAL A 1 139 ? -3.756  0.889   5.520   1.00 14.64 ? 137 VAL A CB  1 
ATOM   1007 C  CG1 . VAL A 1 139 ? -2.891  0.061   4.487   1.00 15.66 ? 137 VAL A CG1 1 
ATOM   1008 C  CG2 . VAL A 1 139 ? -3.109  2.349   5.641   1.00 16.05 ? 137 VAL A CG2 1 
ATOM   1009 N  N   . ARG A 1 140 ? -6.910  2.603   5.747   1.00 15.75 ? 138 ARG A N   1 
ATOM   1010 C  CA  . ARG A 1 140 ? -7.575  3.404   6.753   1.00 17.62 ? 138 ARG A CA  1 
ATOM   1011 C  C   . ARG A 1 140 ? -8.636  2.687   7.567   1.00 16.99 ? 138 ARG A C   1 
ATOM   1012 O  O   . ARG A 1 140 ? -8.996  3.132   8.643   1.00 20.00 ? 138 ARG A O   1 
ATOM   1013 C  CB  . ARG A 1 140 ? -8.106  4.706   6.152   1.00 18.01 ? 138 ARG A CB  1 
ATOM   1014 C  CG  . ARG A 1 140 ? -6.911  5.523   5.706   1.00 17.22 ? 138 ARG A CG  1 
ATOM   1015 C  CD  . ARG A 1 140 ? -7.570  6.730   4.980   1.00 15.03 ? 138 ARG A CD  1 
ATOM   1016 N  NE  . ARG A 1 140 ? -8.101  6.346   3.660   1.00 17.84 ? 138 ARG A NE  1 
ATOM   1017 C  CZ  . ARG A 1 140 ? -8.531  7.178   2.740   1.00 21.66 ? 138 ARG A CZ  1 
ATOM   1018 N  NH1 . ARG A 1 140 ? -8.605  8.486   2.987   1.00 23.04 ? 138 ARG A NH1 1 
ATOM   1019 N  NH2 . ARG A 1 140 ? -8.949  6.714   1.581   1.00 18.54 ? 138 ARG A NH2 1 
ATOM   1020 N  N   . ASP A 1 141 ? -9.152  1.568   7.057   1.00 14.91 ? 139 ASP A N   1 
ATOM   1021 C  CA  . ASP A 1 141 ? -10.093 0.808   7.865   1.00 15.29 ? 139 ASP A CA  1 
ATOM   1022 C  C   . ASP A 1 141 ? -9.435  -0.113  8.892   1.00 15.45 ? 139 ASP A C   1 
ATOM   1023 O  O   . ASP A 1 141 ? -10.152 -0.700  9.702   1.00 17.28 ? 139 ASP A O   1 
ATOM   1024 C  CB  . ASP A 1 141 ? -10.953 -0.059  6.908   1.00 14.38 ? 139 ASP A CB  1 
ATOM   1025 C  CG  . ASP A 1 141 ? -10.127 -1.014  6.074   1.00 16.68 ? 139 ASP A CG  1 
ATOM   1026 O  OD1 . ASP A 1 141 ? -9.389  -0.525  5.222   1.00 17.30 ? 139 ASP A OD1 1 
ATOM   1027 O  OD2 . ASP A 1 141 ? -10.190 -2.276  6.310   1.00 17.86 ? 139 ASP A OD2 1 
ATOM   1028 N  N   . LEU A 1 142 ? -8.116  -0.260  8.890   1.00 15.00 ? 140 LEU A N   1 
ATOM   1029 C  CA  . LEU A 1 142 ? -7.460  -1.173  9.813   1.00 16.62 ? 140 LEU A CA  1 
ATOM   1030 C  C   . LEU A 1 142 ? -7.210  -0.396  11.101  1.00 16.61 ? 140 LEU A C   1 
ATOM   1031 O  O   . LEU A 1 142 ? -6.052  -0.046  11.445  1.00 19.43 ? 140 LEU A O   1 
ATOM   1032 C  CB  . LEU A 1 142 ? -6.190  -1.690  9.222   1.00 16.44 ? 140 LEU A CB  1 
ATOM   1033 C  CG  . LEU A 1 142 ? -6.411  -2.415  7.854   1.00 20.09 ? 140 LEU A CG  1 
ATOM   1034 C  CD1 . LEU A 1 142 ? -5.000  -2.730  7.215   1.00 22.10 ? 140 LEU A CD1 1 
ATOM   1035 C  CD2 . LEU A 1 142 ? -7.386  -3.587  7.914   1.00 21.56 ? 140 LEU A CD2 1 
ATOM   1036 N  N   . LEU A 1 143 ? -8.296  -0.175  11.844  1.00 18.19 ? 141 LEU A N   1 
ATOM   1037 C  CA  . LEU A 1 143 ? -8.255  0.712   13.060  1.00 18.54 ? 141 LEU A CA  1 
ATOM   1038 C  C   . LEU A 1 143 ? -7.489  0.039   14.190  1.00 20.17 ? 141 LEU A C   1 
ATOM   1039 O  O   . LEU A 1 143 ? -6.954  0.728   15.065  1.00 21.50 ? 141 LEU A O   1 
ATOM   1040 C  CB  . LEU A 1 143 ? -9.665  1.071   13.570  1.00 17.50 ? 141 LEU A CB  1 
ATOM   1041 C  CG  . LEU A 1 143 ? -10.583 1.694   12.548  1.00 18.78 ? 141 LEU A CG  1 
ATOM   1042 C  CD1 . LEU A 1 143 ? -11.924 1.892   13.225  1.00 20.97 ? 141 LEU A CD1 1 
ATOM   1043 C  CD2 . LEU A 1 143 ? -10.060 3.024   12.070  1.00 22.90 ? 141 LEU A CD2 1 
ATOM   1044 N  N   . TRP A 1 144 ? -7.351  -1.291  14.143  1.00 20.26 ? 142 TRP A N   1 
ATOM   1045 C  CA  . TRP A 1 144 ? -6.613  -2.053  15.135  1.00 20.45 ? 142 TRP A CA  1 
ATOM   1046 C  C   . TRP A 1 144 ? -5.105  -1.776  14.991  1.00 22.42 ? 142 TRP A C   1 
ATOM   1047 O  O   . TRP A 1 144 ? -4.384  -2.059  15.926  1.00 26.10 ? 142 TRP A O   1 
ATOM   1048 C  CB  . TRP A 1 144 ? -6.935  -3.563  15.071  1.00 20.75 ? 142 TRP A CB  1 
ATOM   1049 C  CG  . TRP A 1 144 ? -6.704  -4.166  13.686  1.00 19.80 ? 142 TRP A CG  1 
ATOM   1050 C  CD1 . TRP A 1 144 ? -7.623  -4.289  12.708  1.00 17.57 ? 142 TRP A CD1 1 
ATOM   1051 C  CD2 . TRP A 1 144 ? -5.481  -4.676  13.170  1.00 18.00 ? 142 TRP A CD2 1 
ATOM   1052 N  NE1 . TRP A 1 144 ? -7.055  -4.877  11.571  1.00 21.26 ? 142 TRP A NE1 1 
ATOM   1053 C  CE2 . TRP A 1 144 ? -5.740  -5.152  11.828  1.00 19.77 ? 142 TRP A CE2 1 
ATOM   1054 C  CE3 . TRP A 1 144 ? -4.177  -4.795  13.694  1.00 22.00 ? 142 TRP A CE3 1 
ATOM   1055 C  CZ2 . TRP A 1 144 ? -4.748  -5.722  11.015  1.00 19.38 ? 142 TRP A CZ2 1 
ATOM   1056 C  CZ3 . TRP A 1 144 ? -3.164  -5.376  12.866  1.00 20.23 ? 142 TRP A CZ3 1 
ATOM   1057 C  CH2 . TRP A 1 144 ? -3.471  -5.832  11.536  1.00 22.48 ? 142 TRP A CH2 1 
ATOM   1058 N  N   . LEU A 1 145 ? -4.624  -1.158  13.898  1.00 20.61 ? 143 LEU A N   1 
ATOM   1059 C  CA  . LEU A 1 145 ? -3.150  -0.855  13.841  1.00 23.01 ? 143 LEU A CA  1 
ATOM   1060 C  C   . LEU A 1 145 ? -2.751  0.221   14.847  1.00 27.99 ? 143 LEU A C   1 
ATOM   1061 O  O   . LEU A 1 145 ? -1.680  0.142   15.453  1.00 27.72 ? 143 LEU A O   1 
ATOM   1062 C  CB  . LEU A 1 145 ? -2.717  -0.377  12.439  1.00 21.71 ? 143 LEU A CB  1 
ATOM   1063 C  CG  . LEU A 1 145 ? -2.761  -1.469  11.339  1.00 22.36 ? 143 LEU A CG  1 
ATOM   1064 C  CD1 . LEU A 1 145 ? -2.637  -0.824  9.952   1.00 22.02 ? 143 LEU A CD1 1 
ATOM   1065 C  CD2 . LEU A 1 145 ? -1.561  -2.427  11.661  1.00 24.34 ? 143 LEU A CD2 1 
ATOM   1066 N  N   . ASP A 1 146 ? -3.648  1.167   15.081  1.00 31.02 ? 144 ASP A N   1 
ATOM   1067 C  CA  . ASP A 1 146 ? -3.297  2.401   15.820  1.00 37.76 ? 144 ASP A CA  1 
ATOM   1068 C  C   . ASP A 1 146 ? -4.051  2.354   17.181  1.00 40.90 ? 144 ASP A C   1 
ATOM   1069 O  O   . ASP A 1 146 ? -3.474  2.495   18.280  1.00 44.51 ? 144 ASP A O   1 
ATOM   1070 C  CB  . ASP A 1 146 ? -3.532  3.661   14.914  1.00 35.97 ? 144 ASP A CB  1 
ATOM   1071 C  CG  . ASP A 1 146 ? -2.408  4.731   15.027  1.00 41.62 ? 144 ASP A CG  1 
ATOM   1072 O  OD1 . ASP A 1 146 ? -1.548  4.613   15.912  1.00 40.59 ? 144 ASP A OD1 1 
ATOM   1073 O  OD2 . ASP A 1 146 ? -2.371  5.723   14.268  1.00 39.50 ? 144 ASP A OD2 1 
ATOM   1074 N  N   . THR B 2 5   ? -0.865  -6.769  -9.634  1.00 46.26 ? -1  THR C N   1 
ATOM   1075 C  CA  . THR B 2 5   ? -0.198  -6.177  -8.421  1.00 45.77 ? -1  THR C CA  1 
ATOM   1076 C  C   . THR B 2 5   ? 1.332   -6.213  -8.551  1.00 49.38 ? -1  THR C C   1 
ATOM   1077 O  O   . THR B 2 5   ? 1.891   -7.330  -8.624  1.00 48.79 ? -1  THR C O   1 
ATOM   1078 C  CB  . THR B 2 5   ? -0.599  -6.809  -6.979  1.00 46.55 ? -1  THR C CB  1 
ATOM   1079 O  OG1 . THR B 2 5   ? -2.002  -6.608  -6.600  1.00 30.46 ? -1  THR C OG1 1 
ATOM   1080 C  CG2 . THR B 2 5   ? 0.322   -6.219  -5.929  1.00 37.79 ? -1  THR C CG2 1 
ATOM   1081 N  N   . LEU B 2 6   ? 1.924   -4.986  -8.428  1.00 50.70 ? 0   LEU C N   1 
ATOM   1082 C  CA  . LEU B 2 6   ? 3.274   -4.441  -8.855  1.00 52.14 ? 0   LEU C CA  1 
ATOM   1083 C  C   . LEU B 2 6   ? 4.641   -5.186  -8.462  1.00 53.46 ? 0   LEU C C   1 
ATOM   1084 O  O   . LEU B 2 6   ? 5.013   -6.165  -9.147  1.00 55.21 ? 0   LEU C O   1 
ATOM   1085 C  CB  . LEU B 2 6   ? 3.324   -2.870  -8.613  1.00 51.15 ? 0   LEU C CB  1 
ATOM   1086 C  CG  . LEU B 2 6   ? 3.743   -1.754  -9.655  1.00 47.27 ? 0   LEU C CG  1 
ATOM   1087 C  CD1 . LEU B 2 6   ? 3.605   -0.266  -9.150  1.00 39.86 ? 0   LEU C CD1 1 
ATOM   1088 C  CD2 . LEU B 2 6   ? 5.129   -1.969  -10.140 1.00 40.50 ? 0   LEU C CD2 1 
ATOM   1089 N  N   . GLY B 2 7   ? 5.392   -4.655  -7.457  1.00 54.54 ? 1   GLY C N   1 
ATOM   1090 C  CA  . GLY B 2 7   ? 6.620   -5.206  -6.820  1.00 52.28 ? 1   GLY C CA  1 
ATOM   1091 C  C   . GLY B 2 7   ? 7.848   -5.542  -7.672  1.00 55.21 ? 1   GLY C C   1 
ATOM   1092 O  O   . GLY B 2 7   ? 8.775   -6.280  -7.249  1.00 52.69 ? 1   GLY C O   1 
ATOM   1093 N  N   . LYS B 2 8   ? 7.860   -4.981  -8.887  1.00 56.64 ? 2   LYS C N   1 
ATOM   1094 C  CA  . LYS B 2 8   ? 8.945   -5.162  -9.836  1.00 57.31 ? 2   LYS C CA  1 
ATOM   1095 C  C   . LYS B 2 8   ? 10.198  -4.395  -9.371  1.00 57.82 ? 2   LYS C C   1 
ATOM   1096 O  O   . LYS B 2 8   ? 11.313  -4.532  -9.906  1.00 58.30 ? 2   LYS C O   1 
ATOM   1097 C  CB  . LYS B 2 8   ? 8.455   -4.741  -11.256 1.00 57.84 ? 2   LYS C CB  1 
HETATM 1098 ZN ZN  . ZN  C 3 .   ? -6.779  12.691  5.488   1.00 26.99 ? 201 ZN  A ZN  1 
HETATM 1099 O  O   . HOH D 4 .   ? 7.356   5.836   1.276   1.00 32.42 ? 301 HOH A O   1 
HETATM 1100 O  O   . HOH D 4 .   ? -5.682  -3.145  -1.755  1.00 14.56 ? 302 HOH A O   1 
HETATM 1101 O  O   . HOH D 4 .   ? -12.377 12.868  5.771   1.00 28.15 ? 303 HOH A O   1 
HETATM 1102 O  O   . HOH D 4 .   ? -6.002  -2.569  1.050   1.00 15.94 ? 304 HOH A O   1 
HETATM 1103 O  O   . HOH D 4 .   ? -9.035  -11.476 7.682   1.00 53.38 ? 305 HOH A O   1 
HETATM 1104 O  O   . HOH D 4 .   ? 2.232   9.125   9.920   1.00 31.15 ? 306 HOH A O   1 
HETATM 1105 O  O   . HOH D 4 .   ? -6.276  -12.720 -3.859  1.00 24.29 ? 307 HOH A O   1 
HETATM 1106 O  O   . HOH D 4 .   ? -11.271 4.748   2.692   1.00 23.90 ? 308 HOH A O   1 
HETATM 1107 O  O   . HOH D 4 .   ? -5.087  -14.636 -5.542  1.00 46.22 ? 309 HOH A O   1 
HETATM 1108 O  O   . HOH D 4 .   ? 13.237  -12.675 3.075   1.00 29.60 ? 310 HOH A O   1 
HETATM 1109 O  O   . HOH D 4 .   ? -4.570  -13.382 8.454   1.00 27.52 ? 311 HOH A O   1 
HETATM 1110 O  O   . HOH D 4 .   ? -15.105 3.694   -1.228  0.50 19.51 ? 312 HOH A O   1 
HETATM 1111 O  O   . HOH D 4 .   ? -4.710  -14.137 2.149   1.00 23.55 ? 313 HOH A O   1 
HETATM 1112 O  O   . HOH D 4 .   ? -4.133  -10.040 -9.937  1.00 21.97 ? 314 HOH A O   1 
HETATM 1113 O  O   . HOH D 4 .   ? -10.889 -8.156  0.419   1.00 24.07 ? 315 HOH A O   1 
HETATM 1114 O  O   . HOH D 4 .   ? 7.629   6.787   5.068   1.00 47.28 ? 316 HOH A O   1 
HETATM 1115 O  O   . HOH D 4 .   ? 5.926   -3.030  0.896   1.00 21.23 ? 317 HOH A O   1 
HETATM 1116 O  O   . HOH D 4 .   ? -4.437  -15.677 -14.129 1.00 32.96 ? 318 HOH A O   1 
HETATM 1117 O  O   . HOH D 4 .   ? 3.106   4.457   16.340  1.00 43.22 ? 319 HOH A O   1 
HETATM 1118 O  O   . HOH D 4 .   ? -10.738 1.352   3.762   1.00 20.20 ? 320 HOH A O   1 
HETATM 1119 O  O   . HOH D 4 .   ? -5.825  10.618  11.779  1.00 28.50 ? 321 HOH A O   1 
HETATM 1120 O  O   . HOH D 4 .   ? 2.834   9.991   12.680  1.00 41.90 ? 322 HOH A O   1 
HETATM 1121 O  O   . HOH D 4 .   ? -12.433 7.082   1.419   1.00 30.89 ? 323 HOH A O   1 
HETATM 1122 O  O   . HOH D 4 .   ? -7.513  -15.845 -6.509  1.00 43.56 ? 324 HOH A O   1 
HETATM 1123 O  O   . HOH D 4 .   ? -10.947 14.773  4.401   1.00 33.99 ? 325 HOH A O   1 
HETATM 1124 O  O   . HOH D 4 .   ? 9.524   -6.223  2.247   1.00 31.12 ? 326 HOH A O   1 
HETATM 1125 O  O   . HOH D 4 .   ? 11.665  -7.792  7.343   1.00 40.27 ? 327 HOH A O   1 
HETATM 1126 O  O   . HOH D 4 .   ? 8.575   8.732   6.963   1.00 45.71 ? 328 HOH A O   1 
HETATM 1127 O  O   . HOH D 4 .   ? -5.438  11.171  -10.387 1.00 31.61 ? 329 HOH A O   1 
HETATM 1128 O  O   . HOH D 4 .   ? -8.126  5.247   10.153  1.00 21.54 ? 330 HOH A O   1 
HETATM 1129 O  O   . HOH D 4 .   ? 14.486  4.745   -4.814  1.00 45.10 ? 331 HOH A O   1 
HETATM 1130 O  O   . HOH D 4 .   ? 9.956   -8.266  9.310   1.00 37.34 ? 332 HOH A O   1 
HETATM 1131 O  O   . HOH D 4 .   ? 6.803   4.253   -5.123  1.00 25.31 ? 333 HOH A O   1 
HETATM 1132 O  O   . HOH D 4 .   ? -1.990  16.608  -2.869  1.00 41.21 ? 334 HOH A O   1 
HETATM 1133 O  O   . HOH D 4 .   ? 0.885   -1.882  18.594  1.00 36.10 ? 335 HOH A O   1 
HETATM 1134 O  O   . HOH D 4 .   ? 6.256   -0.444  14.074  1.00 30.22 ? 336 HOH A O   1 
HETATM 1135 O  O   . HOH D 4 .   ? -14.153 7.535   -6.356  1.00 32.12 ? 337 HOH A O   1 
HETATM 1136 O  O   . HOH D 4 .   ? 10.100  -2.741  3.389   1.00 34.82 ? 338 HOH A O   1 
HETATM 1137 O  O   . HOH D 4 .   ? -13.972 11.340  0.682   1.00 38.58 ? 339 HOH A O   1 
HETATM 1138 O  O   . HOH D 4 .   ? 7.306   10.659  7.735   1.00 47.32 ? 340 HOH A O   1 
HETATM 1139 O  O   . HOH D 4 .   ? 2.524   -6.551  17.829  1.00 40.29 ? 341 HOH A O   1 
HETATM 1140 O  O   . HOH D 4 .   ? 1.059   12.457  7.037   1.00 39.04 ? 342 HOH A O   1 
HETATM 1141 O  O   . HOH D 4 .   ? -4.158  16.408  3.348   1.00 38.64 ? 343 HOH A O   1 
HETATM 1142 O  O   . HOH D 4 .   ? -10.358 14.679  -0.234  1.00 31.20 ? 344 HOH A O   1 
HETATM 1143 O  O   . HOH D 4 .   ? -8.722  -15.253 -8.952  1.00 46.20 ? 345 HOH A O   1 
HETATM 1144 O  O   . HOH D 4 .   ? -10.899 -12.955 -7.245  1.00 34.88 ? 346 HOH A O   1 
HETATM 1145 O  O   . HOH D 4 .   ? 11.897  0.671   -12.451 1.00 48.48 ? 347 HOH A O   1 
HETATM 1146 O  O   . HOH D 4 .   ? -3.032  -16.111 7.731   1.00 39.96 ? 348 HOH A O   1 
HETATM 1147 O  O   . HOH D 4 .   ? 0.147   -15.283 -12.585 1.00 41.82 ? 349 HOH A O   1 
HETATM 1148 O  O   . HOH D 4 .   ? -13.205 10.876  -3.519  1.00 53.19 ? 350 HOH A O   1 
HETATM 1149 O  O   . HOH D 4 .   ? -5.148  -12.717 11.395  1.00 43.40 ? 351 HOH A O   1 
HETATM 1150 O  O   . HOH D 4 .   ? -13.267 7.964   -8.854  1.00 45.11 ? 352 HOH A O   1 
HETATM 1151 O  O   . HOH D 4 .   ? 0.625   -4.689  19.256  1.00 40.19 ? 353 HOH A O   1 
HETATM 1152 O  O   . HOH D 4 .   ? 6.895   4.463   7.342   1.00 42.35 ? 354 HOH A O   1 
HETATM 1153 O  O   . HOH D 4 .   ? 9.490   14.392  -11.283 1.00 38.22 ? 355 HOH A O   1 
HETATM 1154 O  O   . HOH D 4 .   ? -4.387  -14.366 -17.071 1.00 39.07 ? 356 HOH A O   1 
HETATM 1155 O  O   . HOH D 4 .   ? -10.540 17.127  5.928   1.00 43.54 ? 357 HOH A O   1 
HETATM 1156 O  O   . HOH D 4 .   ? -3.647  12.710  -9.511  1.00 46.96 ? 358 HOH A O   1 
HETATM 1157 O  O   . HOH D 4 .   ? -5.898  15.622  1.944   1.00 41.34 ? 359 HOH A O   1 
HETATM 1158 O  O   . HOH D 4 .   ? 12.321  -5.578  3.363   1.00 42.85 ? 360 HOH A O   1 
HETATM 1159 O  O   . HOH D 4 .   ? -1.070  -0.040  17.931  1.00 40.01 ? 361 HOH A O   1 
HETATM 1160 O  O   . HOH D 4 .   ? -4.574  -11.675 -16.778 1.00 32.42 ? 362 HOH A O   1 
HETATM 1161 O  O   . HOH D 4 .   ? 8.585   4.218   12.613  1.00 43.65 ? 363 HOH A O   1 
HETATM 1162 O  O   . HOH D 4 .   ? -11.037 2.718   -6.878  1.00 26.11 ? 364 HOH A O   1 
HETATM 1163 O  O   . HOH D 4 .   ? -14.371 2.427   5.138   1.00 20.85 ? 365 HOH A O   1 
HETATM 1164 O  O   . HOH D 4 .   ? 13.249  1.409   -7.541  1.00 47.93 ? 366 HOH A O   1 
HETATM 1165 O  O   . HOH D 4 .   ? 12.101  13.616  -11.683 1.00 47.08 ? 367 HOH A O   1 
HETATM 1166 O  O   . HOH D 4 .   ? 1.328   -12.081 -1.853  1.00 19.04 ? 368 HOH A O   1 
HETATM 1167 O  O   . HOH D 4 .   ? 8.451   -11.808 -1.371  1.00 25.00 ? 369 HOH A O   1 
HETATM 1168 O  O   . HOH D 4 .   ? 6.169   8.460   1.990   1.00 35.00 ? 370 HOH A O   1 
HETATM 1169 O  O   . HOH D 4 .   ? -10.324 -2.180  12.833  1.00 23.67 ? 371 HOH A O   1 
HETATM 1170 O  O   . HOH D 4 .   ? -11.738 3.220   5.964   1.00 21.66 ? 372 HOH A O   1 
HETATM 1171 O  O   . HOH D 4 .   ? 8.590   -3.713  1.258   1.00 31.46 ? 373 HOH A O   1 
HETATM 1172 O  O   . HOH D 4 .   ? -14.954 12.502  5.288   1.00 37.61 ? 374 HOH A O   1 
HETATM 1173 O  O   . HOH D 4 .   ? 5.860   -12.785 -3.070  1.00 30.00 ? 375 HOH A O   1 
HETATM 1174 O  O   . HOH D 4 .   ? -4.847  6.806   13.740  1.00 32.10 ? 376 HOH A O   1 
HETATM 1175 O  O   . HOH D 4 .   ? 13.736  -11.804 6.468   1.00 33.24 ? 377 HOH A O   1 
HETATM 1176 O  O   . HOH D 4 .   ? 13.870  11.652  -10.439 1.00 46.17 ? 378 HOH A O   1 
HETATM 1177 O  O   . HOH D 4 .   ? 11.909  -0.369  -4.622  1.00 43.93 ? 379 HOH A O   1 
HETATM 1178 O  O   . HOH D 4 .   ? 11.064  1.696   -8.802  1.00 30.69 ? 380 HOH A O   1 
HETATM 1179 O  O   . HOH D 4 .   ? 8.772   -13.829 -3.268  1.00 30.66 ? 381 HOH A O   1 
HETATM 1180 O  O   . HOH D 4 .   ? 2.513   8.567   -9.265  1.00 34.72 ? 382 HOH A O   1 
HETATM 1181 O  O   . HOH D 4 .   ? -16.013 10.035  0.988   1.00 37.39 ? 383 HOH A O   1 
HETATM 1182 O  O   . HOH D 4 .   ? 8.012   -7.602  11.716  1.00 43.20 ? 384 HOH A O   1 
HETATM 1183 O  O   . HOH D 4 .   ? -3.460  16.498  -5.804  1.00 51.35 ? 385 HOH A O   1 
HETATM 1184 O  O   . HOH D 4 .   ? 2.638   -4.762  21.546  1.00 56.00 ? 386 HOH A O   1 
HETATM 1185 O  O   . HOH D 4 .   ? 11.690  -3.964  10.054  1.00 53.02 ? 387 HOH A O   1 
HETATM 1186 O  O   . HOH D 4 .   ? 6.474   -11.807 -15.202 1.00 45.52 ? 388 HOH A O   1 
HETATM 1187 O  O   . HOH D 4 .   ? -9.033  -11.888 -4.883  1.00 29.15 ? 389 HOH A O   1 
HETATM 1188 O  O   . HOH D 4 .   ? 10.941  8.645   -16.587 1.00 33.20 ? 390 HOH A O   1 
HETATM 1189 O  O   . HOH D 4 .   ? -5.197  2.418   12.755  1.00 30.75 ? 391 HOH A O   1 
HETATM 1190 O  O   . HOH D 4 .   ? -14.835 -0.493  -1.761  1.00 32.87 ? 392 HOH A O   1 
HETATM 1191 O  O   . HOH D 4 .   ? -18.780 10.001  3.417   1.00 53.72 ? 393 HOH A O   1 
HETATM 1192 O  O   . HOH D 4 .   ? -7.334  1.172   18.213  1.00 57.92 ? 394 HOH A O   1 
HETATM 1193 O  O   . HOH D 4 .   ? 10.618  1.065   5.956   1.00 47.82 ? 395 HOH A O   1 
HETATM 1194 O  O   . HOH D 4 .   ? 9.423   3.161   -0.680  1.00 40.28 ? 396 HOH A O   1 
HETATM 1195 O  O   . HOH D 4 .   ? -12.454 -5.864  8.113   1.00 20.99 ? 397 HOH A O   1 
HETATM 1196 O  O   . HOH D 4 .   ? -11.216 -3.595  8.247   1.00 22.22 ? 398 HOH A O   1 
HETATM 1197 O  O   . HOH D 4 .   ? 2.605   -12.683 -4.181  1.00 23.52 ? 399 HOH A O   1 
HETATM 1198 O  O   . HOH D 4 .   ? -11.594 6.034   5.048   1.00 21.46 ? 400 HOH A O   1 
HETATM 1199 O  O   . HOH D 4 .   ? -13.281 0.645   2.561   1.00 23.66 ? 401 HOH A O   1 
HETATM 1200 O  O   . HOH D 4 .   ? -5.513  9.654   14.130  1.00 38.88 ? 402 HOH A O   1 
HETATM 1201 O  O   . HOH D 4 .   ? -1.867  -16.732 -13.582 1.00 43.15 ? 403 HOH A O   1 
HETATM 1202 O  O   . HOH D 4 .   ? 5.742   3.519   -17.063 1.00 33.75 ? 404 HOH A O   1 
HETATM 1203 O  O   . HOH D 4 .   ? 6.924   -13.569 1.059   1.00 36.29 ? 405 HOH A O   1 
HETATM 1204 O  O   . HOH D 4 .   ? 9.760   -16.677 2.088   1.00 47.63 ? 406 HOH A O   1 
HETATM 1205 O  O   . HOH D 4 .   ? 10.269  14.970  -3.336  1.00 46.49 ? 407 HOH A O   1 
HETATM 1206 O  O   . HOH D 4 .   ? -11.340 -14.759 -12.180 1.00 53.92 ? 408 HOH A O   1 
HETATM 1207 O  O   . HOH D 4 .   ? -10.536 -10.373 2.962   1.00 38.37 ? 409 HOH A O   1 
HETATM 1208 O  O   . HOH D 4 .   ? -9.133  -5.640  9.944   1.00 31.82 ? 410 HOH A O   1 
HETATM 1209 O  O   . HOH D 4 .   ? -7.508  -13.200 0.609   1.00 32.65 ? 411 HOH A O   1 
HETATM 1210 O  O   . HOH D 4 .   ? 1.825   -15.558 -9.382  1.00 50.05 ? 412 HOH A O   1 
HETATM 1211 O  O   . HOH D 4 .   ? -8.453  -13.392 3.021   1.00 40.57 ? 413 HOH A O   1 
HETATM 1212 O  O   . HOH D 4 .   ? 8.579   -2.693  -5.027  1.00 37.33 ? 414 HOH A O   1 
HETATM 1213 O  O   . HOH D 4 .   ? -10.007 14.097  -5.100  1.00 55.85 ? 415 HOH A O   1 
HETATM 1214 O  O   . HOH D 4 .   ? 16.778  7.991   -9.271  1.00 57.15 ? 416 HOH A O   1 
HETATM 1215 O  O   . HOH D 4 .   ? 4.706   5.331   -8.804  1.00 37.10 ? 417 HOH A O   1 
HETATM 1216 O  O   . HOH D 4 .   ? 3.412   10.008  -10.498 1.00 44.18 ? 418 HOH A O   1 
HETATM 1217 O  O   . HOH D 4 .   ? -3.174  -5.531  -14.151 1.00 43.69 ? 419 HOH A O   1 
HETATM 1218 O  O   . HOH D 4 .   ? 8.929   -0.220  14.254  1.00 43.56 ? 420 HOH A O   1 
HETATM 1219 O  O   . HOH D 4 .   ? -3.227  -17.356 3.418   1.00 46.79 ? 421 HOH A O   1 
HETATM 1220 O  O   . HOH D 4 .   ? -2.318  -12.556 14.727  1.00 43.10 ? 422 HOH A O   1 
HETATM 1221 O  O   . HOH D 4 .   ? -6.460  -13.637 5.153   1.00 56.38 ? 423 HOH A O   1 
HETATM 1222 O  O   . HOH D 4 .   ? -4.661  6.536   -18.524 1.00 48.33 ? 424 HOH A O   1 
HETATM 1223 O  O   . HOH D 4 .   ? -8.693  -10.566 5.612   1.00 45.69 ? 425 HOH A O   1 
HETATM 1224 O  O   . HOH D 4 .   ? -8.839  -12.886 -16.110 1.00 56.61 ? 426 HOH A O   1 
HETATM 1225 O  O   . HOH D 4 .   ? 9.681   6.874   1.993   1.00 48.40 ? 427 HOH A O   1 
HETATM 1226 O  O   . HOH D 4 .   ? 5.191   17.295  -8.218  1.00 45.98 ? 428 HOH A O   1 
HETATM 1227 O  O   . HOH D 4 .   ? -12.263 -3.557  -12.673 1.00 34.60 ? 429 HOH A O   1 
HETATM 1228 O  O   . HOH D 4 .   ? -4.196  -1.214  -13.896 1.00 52.20 ? 430 HOH A O   1 
HETATM 1229 O  O   . HOH D 4 .   ? -4.189  -0.889  -11.798 1.00 43.93 ? 431 HOH A O   1 
HETATM 1230 O  O   . HOH E 4 .   ? -1.376  -9.309  -10.174 1.00 28.02 ? 101 HOH C O   1 
HETATM 1231 O  O   . HOH E 4 .   ? 6.722   -2.474  -7.980  1.00 24.90 ? 102 HOH C O   1 
# 
